data_6HXW
#
_entry.id   6HXW
#
_cell.length_a   195.347
_cell.length_b   209.429
_cell.length_c   65.065
_cell.angle_alpha   90.000
_cell.angle_beta   90.000
_cell.angle_gamma   90.000
#
_symmetry.space_group_name_H-M   'P 21 21 2'
#
loop_
_entity.id
_entity.type
_entity.pdbx_description
1 polymer "5'-nucleotidase"
2 polymer 'IPH53 heavy chain'
3 polymer 'IPH53 light chain'
4 non-polymer 2-acetamido-2-deoxy-beta-D-glucopyranose
5 non-polymer 'ZINC ION'
6 water water
#
loop_
_entity_poly.entity_id
_entity_poly.type
_entity_poly.pdbx_seq_one_letter_code
_entity_poly.pdbx_strand_id
1 'polypeptide(L)'
;WELTILHTNDVHSRLEQTSEDSSKCVNASRCMGGVARLFTKVQQIRRAEPNVLLLDAGDQYQGTIWFTVYKGAEVAHFMN
ALRYDAMALGNHEFDNGVEGLIEPLLKEAKFPILSANIKAKGPLASQISGLYLPYKVLPVGDEVVGIVGYTSKETPFLSN
PGTNLVFEDEITALQPEVDKLKTLNVNKIIALGHSGFEMDKLIAQKVRGVDVVVGGHSNTFLYTGNPPSKEVPAGKYPFI
VTSDDGRKVPVVQAYAFGKYLGYLKIEFDERGNVISSHGNPILLNSSIPEDPSIKADINKWRIKLDNYSTQELGKTIVYL
DGSSQSCRFRECNMGNLICDAMINNNLRHTDEMFWNHVSMCILNGGGIRSPIDERNNGTITWENLAAVLPFGGTFDLVQL
KGSTLKKAFEHSVHRYGQSTGEFLQVGGIHVVYDLSRKPGDRVVKLDVLCTKCRVPSYDPLKMDEVYKVILPNFLANGGD
GFQMIKDELLRHDSGDQDINVVSTYISKMKVIYPAVEGRIKHHHHHH
;
A,B
2 'polypeptide(L)'
;QIQLVQSGAEVKKPGASVKVSCKASGYTFASYNMYWVRQAPGQRLEWIGYIDPYNGGSSYNQKFKGRVTLTRDKSASTAY
MELSSLRSEDTAVYYCARGYNNYKAWFAYWGQGTLVTVSSASTKGPSVFPLAPSSKSTSGGTAALGCLVKDYFPEPVTVS
WNSGALTSGVHTFPAVLQSSGLYSLSSVVTVPSSSLGTQTYICNVNHKPSNTKVDKRVEPKSCDKHHHHHH
;
C,H
3 'polypeptide(L)'
;IQMTQSPSSLSASVGDRVTITCKASQSVTNDVAWYQQKPGKAPKLLIYYASNRYTGVPSRFSGSGYGTDFTFTISSLQPE
DIATYYCQQDYSSLTFGQGTKLEIKRTVAAPSVFIFPPSDEQLKSGTASVVCLLNNFYPREAKVQWKVDNALQSGNSQES
VTEQDSKDSTYSLSSTLTLSKADYEKHKVYACEVTHQGLSSPVTKSFNR
;
D,L
#
loop_
_chem_comp.id
_chem_comp.type
_chem_comp.name
_chem_comp.formula
NAG D-saccharide, beta linking 2-acetamido-2-deoxy-beta-D-glucopyranose 'C8 H15 N O6'
ZN non-polymer 'ZINC ION' 'Zn 2'
#
# COMPACT_ATOMS: atom_id res chain seq x y z
N TRP A 1 46.35 13.29 43.66
CA TRP A 1 46.46 12.28 42.62
C TRP A 1 45.27 12.39 41.72
N GLU A 2 45.50 12.67 40.41
CA GLU A 2 44.44 12.84 39.41
C GLU A 2 44.32 11.66 38.42
N LEU A 3 43.11 11.11 38.28
CA LEU A 3 42.76 10.02 37.37
C LEU A 3 41.83 10.54 36.28
N THR A 4 42.07 10.13 35.03
CA THR A 4 41.22 10.49 33.91
C THR A 4 40.39 9.26 33.53
N ILE A 5 39.05 9.33 33.75
CA ILE A 5 38.15 8.25 33.38
C ILE A 5 37.54 8.51 31.98
N LEU A 6 38.05 7.74 31.02
CA LEU A 6 37.56 7.66 29.67
C LEU A 6 36.55 6.51 29.67
N HIS A 7 35.32 6.78 29.20
CA HIS A 7 34.28 5.76 29.22
C HIS A 7 33.27 5.81 28.09
N THR A 8 32.84 4.59 27.67
CA THR A 8 31.83 4.33 26.65
C THR A 8 30.79 3.40 27.26
N ASN A 9 29.62 3.34 26.66
CA ASN A 9 28.51 2.49 27.09
C ASN A 9 27.54 2.46 25.94
N ASP A 10 26.83 1.33 25.79
CA ASP A 10 25.80 1.12 24.76
C ASP A 10 26.30 1.42 23.33
N VAL A 11 27.53 0.93 23.01
CA VAL A 11 28.13 1.12 21.70
C VAL A 11 27.28 0.42 20.64
N HIS A 12 26.71 -0.76 20.99
CA HIS A 12 25.83 -1.52 20.12
C HIS A 12 26.28 -1.61 18.68
N SER A 13 27.37 -2.33 18.42
CA SER A 13 27.93 -2.63 17.10
C SER A 13 28.21 -1.42 16.23
N ARG A 14 28.32 -0.23 16.82
CA ARG A 14 28.67 0.98 16.05
C ARG A 14 30.20 1.08 15.86
N LEU A 15 30.80 0.01 15.25
CA LEU A 15 32.22 -0.14 14.94
C LEU A 15 32.68 0.93 13.96
N GLU A 16 31.88 1.19 12.91
CA GLU A 16 32.17 2.19 11.89
C GLU A 16 31.54 3.50 12.28
N GLN A 17 32.03 4.61 11.71
CA GLN A 17 31.43 5.91 11.95
C GLN A 17 30.01 5.92 11.37
N THR A 18 29.13 6.64 12.04
CA THR A 18 27.70 6.66 11.73
C THR A 18 27.25 8.08 11.43
N SER A 19 25.95 8.27 11.09
CA SER A 19 25.32 9.57 10.92
C SER A 19 25.05 10.08 12.34
N GLU A 20 24.76 11.37 12.48
CA GLU A 20 24.42 12.03 13.74
C GLU A 20 23.39 11.23 14.57
N ASP A 21 22.45 10.52 13.89
CA ASP A 21 21.37 9.72 14.49
C ASP A 21 21.75 8.26 14.74
N SER A 22 23.04 7.89 14.50
CA SER A 22 23.67 6.55 14.65
C SER A 22 23.38 5.58 13.52
N SER A 23 22.61 6.00 12.53
CA SER A 23 22.34 5.15 11.36
C SER A 23 23.55 5.14 10.40
N LYS A 24 23.53 4.27 9.38
CA LYS A 24 24.63 4.13 8.43
C LYS A 24 25.14 5.45 7.90
N CYS A 25 26.46 5.62 7.95
CA CYS A 25 27.16 6.79 7.48
C CYS A 25 26.99 6.94 5.98
N VAL A 26 26.50 8.11 5.55
CA VAL A 26 26.35 8.40 4.13
C VAL A 26 27.34 9.51 3.75
N ASN A 27 27.11 10.74 4.27
CA ASN A 27 27.99 11.88 4.03
C ASN A 27 29.08 11.86 5.09
N ALA A 28 30.19 11.14 4.78
CA ALA A 28 31.35 10.94 5.66
C ALA A 28 31.82 12.18 6.40
N SER A 29 31.81 13.35 5.73
CA SER A 29 32.21 14.64 6.31
C SER A 29 31.33 15.09 7.50
N ARG A 30 30.09 14.59 7.58
CA ARG A 30 29.20 14.92 8.70
C ARG A 30 29.05 13.71 9.63
N CYS A 31 29.93 12.69 9.45
CA CYS A 31 29.83 11.45 10.22
C CYS A 31 30.58 11.50 11.56
N MET A 32 30.09 10.70 12.51
CA MET A 32 30.58 10.65 13.88
C MET A 32 30.90 9.27 14.43
N GLY A 33 31.71 9.24 15.49
CA GLY A 33 32.07 8.03 16.20
C GLY A 33 32.93 7.04 15.46
N GLY A 34 32.75 5.76 15.79
CA GLY A 34 33.50 4.64 15.24
C GLY A 34 34.76 4.40 16.05
N VAL A 35 35.24 3.13 16.08
CA VAL A 35 36.43 2.75 16.84
C VAL A 35 37.71 3.44 16.33
N ALA A 36 37.86 3.64 15.00
CA ALA A 36 39.05 4.32 14.45
C ALA A 36 39.19 5.78 14.93
N ARG A 37 38.08 6.51 15.06
CA ARG A 37 38.10 7.88 15.58
C ARG A 37 38.27 7.85 17.11
N LEU A 38 37.59 6.92 17.81
CA LEU A 38 37.71 6.78 19.26
C LEU A 38 39.17 6.52 19.63
N PHE A 39 39.86 5.67 18.85
CA PHE A 39 41.27 5.33 19.06
C PHE A 39 42.10 6.60 19.11
N THR A 40 41.99 7.45 18.07
CA THR A 40 42.69 8.74 17.96
C THR A 40 42.52 9.60 19.22
N LYS A 41 41.26 9.79 19.68
CA LYS A 41 41.04 10.61 20.86
C LYS A 41 41.66 9.99 22.08
N VAL A 42 41.43 8.67 22.30
CA VAL A 42 41.98 7.91 23.43
C VAL A 42 43.51 8.04 23.44
N GLN A 43 44.19 7.82 22.29
CA GLN A 43 45.65 7.96 22.20
C GLN A 43 46.17 9.34 22.53
N GLN A 44 45.49 10.38 22.05
CA GLN A 44 45.81 11.78 22.33
C GLN A 44 45.76 12.02 23.84
N ILE A 45 44.67 11.60 24.51
CA ILE A 45 44.49 11.73 25.97
C ILE A 45 45.59 11.01 26.75
N ARG A 46 45.90 9.73 26.38
CA ARG A 46 46.97 8.93 27.01
C ARG A 46 48.33 9.63 27.00
N ARG A 47 48.63 10.36 25.93
CA ARG A 47 49.87 11.11 25.76
C ARG A 47 49.95 12.36 26.63
N ALA A 48 48.80 13.03 26.87
CA ALA A 48 48.74 14.26 27.66
C ALA A 48 48.51 14.05 29.15
N GLU A 49 47.77 13.00 29.52
CA GLU A 49 47.42 12.73 30.91
C GLU A 49 48.19 11.56 31.46
N PRO A 50 48.72 11.68 32.71
CA PRO A 50 49.52 10.58 33.25
C PRO A 50 48.73 9.34 33.69
N ASN A 51 47.57 9.52 34.34
CA ASN A 51 46.78 8.40 34.88
C ASN A 51 45.45 8.30 34.16
N VAL A 52 45.35 7.33 33.24
CA VAL A 52 44.17 7.14 32.41
C VAL A 52 43.62 5.73 32.56
N LEU A 53 42.29 5.61 32.52
CA LEU A 53 41.56 4.36 32.52
C LEU A 53 40.44 4.47 31.46
N LEU A 54 40.40 3.50 30.51
CA LEU A 54 39.37 3.42 29.48
C LEU A 54 38.40 2.30 29.86
N LEU A 55 37.13 2.66 30.17
CA LEU A 55 36.09 1.74 30.64
C LEU A 55 34.86 1.67 29.77
N ASP A 56 34.25 0.46 29.73
CA ASP A 56 33.01 0.26 29.02
C ASP A 56 31.97 -0.26 29.99
N ALA A 57 30.80 0.40 30.00
CA ALA A 57 29.68 0.06 30.87
C ALA A 57 28.63 -0.88 30.22
N GLY A 58 29.09 -1.78 29.35
CA GLY A 58 28.27 -2.81 28.71
C GLY A 58 27.55 -2.41 27.45
N ASP A 59 26.83 -3.38 26.87
CA ASP A 59 26.02 -3.25 25.67
C ASP A 59 26.83 -2.90 24.40
N GLN A 60 27.99 -3.57 24.24
CA GLN A 60 28.79 -3.48 23.01
C GLN A 60 28.08 -4.37 22.00
N TYR A 61 27.57 -5.53 22.45
CA TYR A 61 26.88 -6.53 21.63
C TYR A 61 25.58 -6.00 21.01
N GLN A 62 25.19 -6.56 19.83
CA GLN A 62 23.92 -6.30 19.12
C GLN A 62 23.71 -4.88 18.67
N GLY A 63 23.41 -4.70 17.37
CA GLY A 63 23.14 -3.37 16.83
C GLY A 63 23.17 -3.19 15.35
N THR A 64 24.09 -3.86 14.63
CA THR A 64 24.32 -3.77 13.18
C THR A 64 24.75 -5.11 12.63
N ILE A 65 24.96 -5.21 11.31
CA ILE A 65 25.37 -6.45 10.62
C ILE A 65 26.79 -6.89 11.00
N TRP A 66 27.53 -6.03 11.73
CA TRP A 66 28.86 -6.34 12.28
C TRP A 66 28.67 -7.46 13.29
N PHE A 67 27.63 -7.36 14.17
CA PHE A 67 27.30 -8.36 15.17
C PHE A 67 26.60 -9.58 14.58
N THR A 68 25.73 -9.36 13.57
CA THR A 68 24.98 -10.43 12.92
C THR A 68 25.97 -11.48 12.37
N VAL A 69 27.04 -10.99 11.72
CA VAL A 69 28.06 -11.79 11.08
C VAL A 69 29.21 -12.21 12.03
N TYR A 70 29.83 -11.25 12.75
CA TYR A 70 31.00 -11.53 13.59
C TYR A 70 30.67 -12.00 15.03
N LYS A 71 29.39 -11.88 15.43
CA LYS A 71 28.84 -12.40 16.67
C LYS A 71 29.71 -12.19 17.93
N GLY A 72 30.30 -11.00 18.06
CA GLY A 72 31.13 -10.67 19.22
C GLY A 72 32.63 -10.69 19.02
N ALA A 73 33.12 -11.33 17.95
CA ALA A 73 34.54 -11.41 17.61
C ALA A 73 35.11 -10.02 17.22
N GLU A 74 34.26 -9.14 16.68
CA GLU A 74 34.63 -7.77 16.32
C GLU A 74 34.72 -6.91 17.56
N VAL A 75 33.96 -7.28 18.62
CA VAL A 75 33.94 -6.56 19.89
C VAL A 75 35.28 -6.81 20.57
N ALA A 76 35.57 -8.09 20.84
CA ALA A 76 36.82 -8.54 21.42
C ALA A 76 37.99 -7.88 20.69
N HIS A 77 38.14 -8.13 19.37
CA HIS A 77 39.21 -7.61 18.54
C HIS A 77 39.39 -6.09 18.58
N PHE A 78 38.34 -5.31 18.33
CA PHE A 78 38.49 -3.86 18.30
C PHE A 78 38.57 -3.20 19.72
N MET A 79 37.99 -3.82 20.75
CA MET A 79 38.13 -3.33 22.11
C MET A 79 39.57 -3.61 22.60
N ASN A 80 40.19 -4.72 22.12
CA ASN A 80 41.57 -5.10 22.47
C ASN A 80 42.54 -4.12 21.80
N ALA A 81 42.23 -3.73 20.55
CA ALA A 81 43.00 -2.78 19.75
C ALA A 81 42.95 -1.36 20.30
N LEU A 82 41.90 -1.01 21.06
CA LEU A 82 41.78 0.31 21.68
C LEU A 82 42.36 0.28 23.08
N ARG A 83 42.68 -0.93 23.56
CA ARG A 83 43.27 -1.22 24.86
C ARG A 83 42.40 -0.76 26.03
N TYR A 84 41.17 -1.28 26.08
CA TYR A 84 40.25 -1.00 27.18
C TYR A 84 40.87 -1.59 28.42
N ASP A 85 40.68 -0.94 29.56
CA ASP A 85 41.26 -1.39 30.83
C ASP A 85 40.31 -2.33 31.58
N ALA A 86 39.01 -2.14 31.39
CA ALA A 86 37.97 -3.00 31.96
C ALA A 86 36.64 -2.79 31.24
N MET A 87 35.75 -3.78 31.35
CA MET A 87 34.39 -3.77 30.82
C MET A 87 33.44 -4.47 31.81
N ALA A 88 32.27 -3.87 32.05
CA ALA A 88 31.22 -4.44 32.86
C ALA A 88 30.23 -5.08 31.89
N LEU A 89 29.62 -6.20 32.26
CA LEU A 89 28.66 -6.88 31.39
C LEU A 89 27.32 -6.17 31.34
N GLY A 90 26.84 -5.91 30.12
CA GLY A 90 25.52 -5.33 29.87
C GLY A 90 24.51 -6.42 29.58
N ASN A 91 23.23 -6.06 29.38
CA ASN A 91 22.20 -7.07 29.08
C ASN A 91 22.37 -7.74 27.71
N HIS A 92 22.78 -6.98 26.70
CA HIS A 92 22.90 -7.50 25.35
C HIS A 92 24.06 -8.46 25.16
N GLU A 93 24.95 -8.56 26.18
CA GLU A 93 26.07 -9.53 26.16
C GLU A 93 25.56 -11.00 26.33
N PHE A 94 24.26 -11.17 26.62
CA PHE A 94 23.65 -12.48 26.77
C PHE A 94 22.66 -12.77 25.64
N ASP A 95 22.63 -11.89 24.59
CA ASP A 95 21.70 -12.05 23.45
C ASP A 95 21.90 -13.37 22.71
N ASN A 96 23.14 -13.90 22.72
CA ASN A 96 23.45 -15.17 22.06
C ASN A 96 23.73 -16.26 23.11
N GLY A 97 23.12 -16.10 24.29
CA GLY A 97 23.24 -17.01 25.42
C GLY A 97 24.59 -16.96 26.12
N VAL A 98 24.77 -17.74 27.19
CA VAL A 98 26.09 -17.77 27.89
C VAL A 98 27.21 -18.19 26.94
N GLU A 99 26.97 -19.23 26.12
CA GLU A 99 27.92 -19.76 25.15
C GLU A 99 28.37 -18.67 24.15
N GLY A 100 27.47 -17.81 23.73
CA GLY A 100 27.76 -16.69 22.83
C GLY A 100 28.56 -15.56 23.46
N LEU A 101 28.64 -15.54 24.83
CA LEU A 101 29.42 -14.57 25.62
C LEU A 101 30.82 -15.13 25.89
N ILE A 102 30.88 -16.36 26.43
CA ILE A 102 32.13 -17.09 26.71
C ILE A 102 32.97 -17.09 25.42
N GLU A 103 32.37 -17.50 24.30
CA GLU A 103 33.05 -17.47 23.01
C GLU A 103 32.30 -16.56 22.06
N PRO A 104 32.93 -15.47 21.62
CA PRO A 104 34.35 -15.16 21.76
C PRO A 104 34.76 -14.12 22.78
N LEU A 105 33.86 -13.19 23.19
CA LEU A 105 34.23 -12.06 24.04
C LEU A 105 34.98 -12.44 25.28
N LEU A 106 34.45 -13.31 26.15
CA LEU A 106 35.14 -13.59 27.40
C LEU A 106 36.53 -14.21 27.21
N LYS A 107 36.66 -15.22 26.35
CA LYS A 107 37.95 -15.84 26.17
C LYS A 107 38.95 -14.98 25.34
N GLU A 108 38.46 -14.14 24.41
CA GLU A 108 39.39 -13.35 23.58
C GLU A 108 39.80 -11.97 24.16
N ALA A 109 39.07 -11.45 25.18
CA ALA A 109 39.40 -10.13 25.73
C ALA A 109 40.78 -10.05 26.39
N LYS A 110 41.41 -8.87 26.27
CA LYS A 110 42.72 -8.62 26.86
C LYS A 110 42.58 -7.72 28.10
N PHE A 111 41.35 -7.60 28.63
CA PHE A 111 41.02 -6.78 29.79
C PHE A 111 40.00 -7.55 30.67
N PRO A 112 39.84 -7.22 31.98
CA PRO A 112 38.85 -7.93 32.78
C PRO A 112 37.43 -7.54 32.38
N ILE A 113 36.50 -8.51 32.50
CA ILE A 113 35.07 -8.36 32.21
C ILE A 113 34.35 -8.67 33.55
N LEU A 114 33.57 -7.70 34.05
CA LEU A 114 33.04 -7.67 35.40
C LEU A 114 31.52 -7.62 35.61
N SER A 115 31.07 -8.20 36.74
CA SER A 115 29.70 -8.08 37.16
C SER A 115 29.53 -8.16 38.66
N ALA A 116 29.84 -9.23 39.36
CA ALA A 116 29.56 -9.23 40.86
C ALA A 116 28.16 -9.60 41.28
N ASN A 117 27.12 -9.17 40.53
CA ASN A 117 25.76 -9.51 40.92
C ASN A 117 25.20 -10.65 40.06
N ILE A 118 26.09 -11.33 39.31
CA ILE A 118 25.77 -12.48 38.46
C ILE A 118 26.42 -13.68 39.10
N LYS A 119 25.63 -14.66 39.48
CA LYS A 119 26.18 -15.88 40.07
C LYS A 119 25.84 -17.07 39.17
N ALA A 120 26.85 -17.84 38.71
CA ALA A 120 26.62 -19.03 37.90
C ALA A 120 26.23 -20.21 38.79
N LYS A 121 25.44 -21.15 38.26
CA LYS A 121 24.95 -22.33 38.98
C LYS A 121 25.12 -23.57 38.11
N GLY A 122 24.90 -24.74 38.70
CA GLY A 122 24.95 -26.04 38.04
C GLY A 122 26.20 -26.31 37.24
N PRO A 123 26.05 -26.89 36.02
CA PRO A 123 27.23 -27.19 35.18
C PRO A 123 28.02 -25.94 34.73
N LEU A 124 27.31 -24.80 34.55
CA LEU A 124 27.88 -23.52 34.14
C LEU A 124 28.94 -22.97 35.10
N ALA A 125 28.77 -23.17 36.41
CA ALA A 125 29.70 -22.71 37.45
C ALA A 125 31.17 -22.91 37.07
N SER A 126 31.56 -24.17 36.78
CA SER A 126 32.93 -24.53 36.39
C SER A 126 33.28 -24.07 34.97
N GLN A 127 32.31 -24.11 34.06
CA GLN A 127 32.50 -23.69 32.67
C GLN A 127 32.86 -22.17 32.54
N ILE A 128 32.26 -21.28 33.36
CA ILE A 128 32.46 -19.81 33.32
C ILE A 128 33.48 -19.29 34.38
N SER A 129 33.84 -20.14 35.34
CA SER A 129 34.79 -19.85 36.43
C SER A 129 36.06 -19.10 35.98
N GLY A 130 36.25 -17.90 36.53
CA GLY A 130 37.38 -17.03 36.22
C GLY A 130 37.33 -16.26 34.91
N LEU A 131 36.25 -16.45 34.09
CA LEU A 131 36.12 -15.76 32.81
C LEU A 131 35.49 -14.35 32.97
N TYR A 132 34.70 -14.17 34.04
CA TYR A 132 34.17 -12.87 34.41
C TYR A 132 34.42 -12.76 35.90
N LEU A 133 34.66 -11.53 36.40
CA LEU A 133 35.02 -11.33 37.80
C LEU A 133 34.12 -10.37 38.50
N PRO A 134 33.97 -10.42 39.83
CA PRO A 134 33.15 -9.39 40.50
C PRO A 134 33.81 -7.99 40.48
N TYR A 135 35.15 -7.99 40.55
CA TYR A 135 35.96 -6.78 40.53
C TYR A 135 37.40 -7.07 40.05
N LYS A 136 38.18 -5.99 39.80
CA LYS A 136 39.61 -6.09 39.52
C LYS A 136 40.35 -4.86 39.98
N VAL A 137 41.40 -5.09 40.76
CA VAL A 137 42.31 -4.07 41.26
C VAL A 137 43.37 -3.88 40.17
N LEU A 138 43.40 -2.67 39.59
CA LEU A 138 44.31 -2.35 38.49
C LEU A 138 45.38 -1.36 38.88
N PRO A 139 46.65 -1.63 38.49
CA PRO A 139 47.72 -0.65 38.76
C PRO A 139 47.59 0.54 37.82
N VAL A 140 47.54 1.77 38.37
CA VAL A 140 47.48 3.02 37.60
C VAL A 140 48.60 3.87 38.19
N GLY A 141 49.74 3.88 37.51
CA GLY A 141 50.94 4.56 37.98
C GLY A 141 51.49 3.87 39.22
N ASP A 142 51.63 4.65 40.30
CA ASP A 142 52.12 4.22 41.62
C ASP A 142 50.96 3.79 42.52
N GLU A 143 49.74 3.99 42.01
CA GLU A 143 48.50 3.72 42.71
C GLU A 143 47.71 2.52 42.19
N VAL A 144 46.74 2.09 42.97
CA VAL A 144 45.84 1.04 42.54
C VAL A 144 44.39 1.54 42.64
N VAL A 145 43.58 1.15 41.65
CA VAL A 145 42.18 1.52 41.55
C VAL A 145 41.35 0.23 41.41
N GLY A 146 40.42 0.06 42.34
CA GLY A 146 39.49 -1.05 42.32
C GLY A 146 38.31 -0.72 41.43
N ILE A 147 37.97 -1.63 40.52
CA ILE A 147 36.81 -1.46 39.67
C ILE A 147 35.90 -2.66 39.97
N VAL A 148 34.62 -2.39 40.28
CA VAL A 148 33.62 -3.40 40.61
C VAL A 148 32.42 -3.22 39.67
N GLY A 149 32.10 -4.31 38.98
CA GLY A 149 31.06 -4.38 37.96
C GLY A 149 29.71 -4.61 38.54
N TYR A 150 28.69 -4.50 37.69
CA TYR A 150 27.27 -4.77 37.95
C TYR A 150 26.46 -4.77 36.65
N THR A 151 25.45 -5.66 36.58
CA THR A 151 24.57 -5.85 35.41
C THR A 151 23.12 -5.83 35.89
N SER A 152 22.24 -5.16 35.12
CA SER A 152 20.80 -5.06 35.39
C SER A 152 20.19 -6.36 35.89
N LYS A 153 19.50 -6.27 37.03
CA LYS A 153 18.74 -7.32 37.71
C LYS A 153 17.66 -7.89 36.75
N GLU A 154 17.19 -7.04 35.79
CA GLU A 154 16.16 -7.28 34.75
C GLU A 154 16.64 -8.10 33.54
N THR A 155 17.96 -8.39 33.43
CA THR A 155 18.56 -9.12 32.30
C THR A 155 17.83 -10.44 31.94
N PRO A 156 17.32 -11.28 32.89
CA PRO A 156 16.63 -12.50 32.44
C PRO A 156 15.42 -12.24 31.54
N PHE A 157 14.76 -11.05 31.66
CA PHE A 157 13.59 -10.60 30.85
C PHE A 157 13.98 -9.82 29.63
N LEU A 158 15.21 -9.29 29.59
CA LEU A 158 15.64 -8.48 28.45
C LEU A 158 16.49 -9.26 27.48
N SER A 159 17.20 -10.28 27.96
CA SER A 159 18.07 -11.05 27.07
C SER A 159 17.92 -12.58 27.24
N ASN A 160 18.94 -13.35 26.86
CA ASN A 160 18.93 -14.81 26.97
C ASN A 160 20.07 -15.35 27.85
N PRO A 161 20.18 -14.97 29.15
CA PRO A 161 21.27 -15.51 29.96
C PRO A 161 21.11 -17.00 30.29
N GLY A 162 19.88 -17.53 30.21
CA GLY A 162 19.58 -18.91 30.52
C GLY A 162 19.22 -19.09 31.98
N THR A 163 19.03 -20.34 32.40
CA THR A 163 18.58 -20.68 33.77
C THR A 163 19.68 -20.84 34.82
N ASN A 164 20.95 -21.05 34.40
CA ASN A 164 22.04 -21.24 35.35
C ASN A 164 22.77 -19.94 35.74
N LEU A 165 22.19 -18.78 35.41
CA LEU A 165 22.76 -17.51 35.85
C LEU A 165 21.76 -16.79 36.71
N VAL A 166 22.14 -16.46 37.94
CA VAL A 166 21.27 -15.76 38.87
C VAL A 166 21.73 -14.29 38.96
N PHE A 167 20.77 -13.38 38.77
CA PHE A 167 20.97 -11.93 38.82
C PHE A 167 20.49 -11.34 40.14
N GLU A 168 21.41 -11.21 41.08
CA GLU A 168 21.18 -10.64 42.41
C GLU A 168 20.93 -9.10 42.32
N ASP A 169 20.28 -8.52 43.34
CA ASP A 169 20.08 -7.07 43.42
C ASP A 169 21.49 -6.42 43.43
N GLU A 170 21.65 -5.34 42.69
CA GLU A 170 22.95 -4.70 42.53
C GLU A 170 23.53 -4.19 43.87
N ILE A 171 22.74 -3.39 44.62
CA ILE A 171 23.20 -2.81 45.89
C ILE A 171 23.63 -3.90 46.90
N THR A 172 22.81 -4.94 47.09
CA THR A 172 23.09 -6.10 47.97
C THR A 172 24.40 -6.85 47.54
N ALA A 173 24.60 -7.06 46.23
CA ALA A 173 25.78 -7.76 45.76
C ALA A 173 27.06 -6.89 45.84
N LEU A 174 26.93 -5.57 45.59
CA LEU A 174 28.08 -4.66 45.59
C LEU A 174 28.69 -4.39 46.94
N GLN A 175 27.84 -4.22 47.99
CA GLN A 175 28.35 -3.88 49.33
C GLN A 175 29.47 -4.82 49.84
N PRO A 176 29.34 -6.19 49.81
CA PRO A 176 30.45 -7.03 50.31
C PRO A 176 31.74 -6.89 49.55
N GLU A 177 31.67 -6.72 48.23
CA GLU A 177 32.85 -6.61 47.36
C GLU A 177 33.61 -5.33 47.63
N VAL A 178 32.89 -4.21 47.74
CA VAL A 178 33.50 -2.90 48.03
C VAL A 178 34.11 -2.96 49.43
N ASP A 179 33.36 -3.54 50.40
CA ASP A 179 33.83 -3.72 51.78
C ASP A 179 35.12 -4.55 51.80
N LYS A 180 35.18 -5.62 50.97
CA LYS A 180 36.36 -6.49 50.85
C LYS A 180 37.55 -5.72 50.29
N LEU A 181 37.33 -4.93 49.21
CA LEU A 181 38.36 -4.11 48.57
C LEU A 181 39.01 -3.15 49.58
N LYS A 182 38.21 -2.51 50.45
CA LYS A 182 38.73 -1.61 51.48
C LYS A 182 39.61 -2.33 52.50
N THR A 183 39.34 -3.63 52.76
CA THR A 183 40.18 -4.40 53.68
C THR A 183 41.51 -4.79 53.04
N LEU A 184 41.55 -4.88 51.69
CA LEU A 184 42.75 -5.21 50.91
C LEU A 184 43.53 -3.91 50.61
N ASN A 185 43.20 -2.81 51.35
CA ASN A 185 43.81 -1.49 51.28
C ASN A 185 43.67 -0.83 49.89
N VAL A 186 42.47 -0.92 49.30
CA VAL A 186 42.10 -0.27 48.03
C VAL A 186 41.16 0.86 48.43
N ASN A 187 41.64 2.13 48.31
CA ASN A 187 40.91 3.34 48.71
C ASN A 187 40.22 4.12 47.58
N LYS A 188 40.48 3.77 46.31
CA LYS A 188 39.85 4.40 45.13
C LYS A 188 39.06 3.30 44.39
N ILE A 189 37.72 3.39 44.47
CA ILE A 189 36.81 2.37 43.93
C ILE A 189 35.82 2.98 42.98
N ILE A 190 35.79 2.45 41.72
CA ILE A 190 34.88 2.82 40.63
C ILE A 190 33.85 1.69 40.50
N ALA A 191 32.56 2.07 40.45
CA ALA A 191 31.45 1.18 40.20
C ALA A 191 31.13 1.36 38.71
N LEU A 192 31.47 0.33 37.89
CA LEU A 192 31.25 0.32 36.43
C LEU A 192 30.16 -0.70 36.20
N GLY A 193 29.08 -0.29 35.54
CA GLY A 193 27.96 -1.20 35.34
C GLY A 193 26.84 -0.75 34.44
N HIS A 194 25.94 -1.71 34.13
CA HIS A 194 24.84 -1.60 33.19
C HIS A 194 23.47 -1.87 33.81
N SER A 195 22.90 -0.85 34.45
CA SER A 195 21.62 -0.94 35.15
C SER A 195 20.68 0.23 34.92
N GLY A 196 21.21 1.36 34.47
CA GLY A 196 20.41 2.55 34.19
C GLY A 196 20.64 3.67 35.19
N PHE A 197 20.55 4.92 34.70
CA PHE A 197 20.80 6.15 35.47
C PHE A 197 20.15 6.14 36.88
N GLU A 198 18.92 5.63 37.01
CA GLU A 198 18.22 5.56 38.29
C GLU A 198 18.90 4.63 39.27
N MET A 199 19.29 3.44 38.81
CA MET A 199 20.05 2.47 39.62
C MET A 199 21.43 3.02 39.96
N ASP A 200 22.13 3.63 38.99
CA ASP A 200 23.45 4.25 39.22
C ASP A 200 23.37 5.27 40.34
N LYS A 201 22.28 6.07 40.35
CA LYS A 201 22.10 7.05 41.40
C LYS A 201 21.92 6.39 42.76
N LEU A 202 21.16 5.27 42.81
CA LEU A 202 20.94 4.48 44.02
C LEU A 202 22.25 3.83 44.51
N ILE A 203 23.11 3.31 43.58
CA ILE A 203 24.40 2.72 43.94
C ILE A 203 25.27 3.76 44.64
N ALA A 204 25.34 4.97 44.06
CA ALA A 204 26.10 6.11 44.57
C ALA A 204 25.68 6.47 45.98
N GLN A 205 24.39 6.47 46.21
CA GLN A 205 23.81 6.83 47.48
C GLN A 205 23.91 5.73 48.54
N LYS A 206 23.71 4.46 48.15
CA LYS A 206 23.57 3.37 49.11
C LYS A 206 24.80 2.49 49.30
N VAL A 207 25.66 2.32 48.28
CA VAL A 207 26.83 1.44 48.46
C VAL A 207 28.03 2.24 49.02
N ARG A 208 28.27 2.05 50.35
CA ARG A 208 29.34 2.68 51.13
C ARG A 208 30.67 2.24 50.57
N GLY A 209 31.51 3.22 50.20
CA GLY A 209 32.85 2.97 49.66
C GLY A 209 33.06 3.30 48.20
N VAL A 210 31.96 3.38 47.43
CA VAL A 210 31.99 3.68 46.00
C VAL A 210 32.34 5.16 45.76
N ASP A 211 33.51 5.41 45.17
CA ASP A 211 34.05 6.75 44.91
C ASP A 211 33.36 7.44 43.71
N VAL A 212 33.12 6.70 42.60
CA VAL A 212 32.52 7.19 41.34
C VAL A 212 31.75 6.04 40.67
N VAL A 213 30.55 6.37 40.12
CA VAL A 213 29.68 5.46 39.38
C VAL A 213 29.75 5.82 37.88
N VAL A 214 30.12 4.81 37.04
CA VAL A 214 30.16 4.88 35.58
C VAL A 214 29.09 3.90 35.12
N GLY A 215 28.05 4.43 34.47
CA GLY A 215 26.91 3.64 34.05
C GLY A 215 26.60 3.57 32.57
N GLY A 216 25.48 2.89 32.27
CA GLY A 216 24.95 2.66 30.93
C GLY A 216 23.49 2.26 30.96
N HIS A 217 23.00 1.56 29.92
CA HIS A 217 21.63 1.03 29.78
C HIS A 217 20.58 2.06 29.34
N SER A 218 20.42 3.15 30.12
CA SER A 218 19.48 4.24 29.87
C SER A 218 19.88 5.22 28.77
N ASN A 219 21.05 5.01 28.11
CA ASN A 219 21.57 5.90 27.05
C ASN A 219 21.54 7.37 27.53
N THR A 220 21.87 7.59 28.81
CA THR A 220 21.81 8.89 29.45
C THR A 220 22.88 9.83 28.98
N PHE A 221 22.45 11.01 28.59
CA PHE A 221 23.36 12.05 28.19
C PHE A 221 23.34 13.13 29.27
N LEU A 222 24.51 13.40 29.86
CA LEU A 222 24.71 14.45 30.86
C LEU A 222 25.73 15.42 30.28
N TYR A 223 25.60 16.71 30.58
CA TYR A 223 26.51 17.75 30.10
C TYR A 223 26.51 18.96 30.99
N THR A 224 27.67 19.58 31.14
CA THR A 224 27.84 20.84 31.87
C THR A 224 28.15 21.91 30.81
N GLY A 225 27.18 22.78 30.57
CA GLY A 225 27.31 23.82 29.55
C GLY A 225 26.42 23.56 28.37
N ASN A 226 26.66 24.29 27.29
CA ASN A 226 25.85 24.17 26.07
C ASN A 226 26.28 22.95 25.26
N PRO A 227 25.37 21.96 25.09
CA PRO A 227 25.75 20.70 24.40
C PRO A 227 26.19 20.88 22.95
N PRO A 228 27.04 19.96 22.42
CA PRO A 228 27.58 20.16 21.06
C PRO A 228 26.77 19.60 19.89
N SER A 229 25.77 18.72 20.13
CA SER A 229 24.97 18.06 19.09
C SER A 229 23.46 18.13 19.43
N LYS A 230 22.64 17.22 18.86
CA LYS A 230 21.18 17.21 19.03
C LYS A 230 20.70 16.62 20.37
N GLU A 231 21.58 15.98 21.15
CA GLU A 231 21.14 15.36 22.40
C GLU A 231 20.87 16.38 23.49
N VAL A 232 19.77 16.19 24.23
CA VAL A 232 19.41 17.10 25.30
C VAL A 232 19.79 16.50 26.65
N PRO A 233 20.67 17.18 27.42
CA PRO A 233 21.13 16.62 28.68
C PRO A 233 20.05 16.42 29.74
N ALA A 234 20.09 15.26 30.41
CA ALA A 234 19.21 14.87 31.51
C ALA A 234 19.71 15.53 32.80
N GLY A 235 20.95 16.00 32.77
CA GLY A 235 21.59 16.62 33.91
C GLY A 235 23.01 17.03 33.61
N LYS A 236 23.69 17.53 34.63
CA LYS A 236 25.06 18.01 34.53
C LYS A 236 26.05 16.84 34.53
N TYR A 237 27.23 17.09 33.96
CA TYR A 237 28.31 16.12 33.87
C TYR A 237 29.52 16.62 34.70
N PRO A 238 29.81 15.95 35.86
CA PRO A 238 29.13 14.76 36.41
C PRO A 238 27.85 15.07 37.17
N PHE A 239 26.98 14.06 37.40
CA PHE A 239 25.77 14.22 38.20
C PHE A 239 26.17 13.86 39.64
N ILE A 240 26.10 14.86 40.55
CA ILE A 240 26.50 14.70 41.93
C ILE A 240 25.36 14.23 42.83
N VAL A 241 25.58 13.07 43.46
CA VAL A 241 24.66 12.38 44.38
C VAL A 241 25.25 12.51 45.76
N THR A 242 24.40 12.72 46.77
CA THR A 242 24.86 12.78 48.14
C THR A 242 24.52 11.41 48.77
N SER A 243 25.56 10.70 49.22
CA SER A 243 25.42 9.37 49.81
C SER A 243 24.78 9.43 51.16
N ASP A 244 24.21 8.30 51.62
CA ASP A 244 23.57 8.19 52.94
C ASP A 244 24.58 8.41 54.07
N ASP A 245 25.89 8.17 53.78
CA ASP A 245 27.03 8.41 54.68
C ASP A 245 27.64 9.83 54.49
N GLY A 246 26.83 10.72 53.89
CA GLY A 246 27.15 12.12 53.62
C GLY A 246 28.34 12.44 52.72
N ARG A 247 28.54 11.68 51.62
CA ARG A 247 29.66 11.90 50.67
C ARG A 247 29.15 12.32 49.31
N LYS A 248 29.90 13.19 48.59
CA LYS A 248 29.52 13.58 47.23
C LYS A 248 30.10 12.55 46.27
N VAL A 249 29.22 11.81 45.60
CA VAL A 249 29.64 10.75 44.67
C VAL A 249 29.28 11.15 43.22
N PRO A 250 30.28 11.36 42.31
CA PRO A 250 29.92 11.68 40.92
C PRO A 250 29.40 10.46 40.16
N VAL A 251 28.33 10.67 39.37
CA VAL A 251 27.65 9.67 38.54
C VAL A 251 27.76 10.12 37.08
N VAL A 252 28.26 9.20 36.21
CA VAL A 252 28.51 9.49 34.80
C VAL A 252 28.01 8.41 33.86
N GLN A 253 27.54 8.86 32.69
CA GLN A 253 27.10 8.07 31.55
C GLN A 253 27.48 8.87 30.31
N ALA A 254 27.74 8.19 29.20
CA ALA A 254 28.21 8.83 27.97
C ALA A 254 27.30 8.60 26.77
N TYR A 255 25.99 8.77 26.96
CA TYR A 255 24.95 8.61 25.93
C TYR A 255 24.98 7.17 25.31
N ALA A 256 25.27 7.01 23.99
CA ALA A 256 25.28 5.71 23.30
C ALA A 256 25.87 5.79 21.90
N PHE A 257 26.07 4.58 21.30
CA PHE A 257 26.51 4.34 19.92
C PHE A 257 27.85 4.95 19.58
N GLY A 258 28.73 5.08 20.59
CA GLY A 258 30.07 5.62 20.44
C GLY A 258 30.16 7.00 19.85
N LYS A 259 29.10 7.81 19.96
CA LYS A 259 29.06 9.18 19.44
C LYS A 259 29.94 10.09 20.31
N TYR A 260 29.86 9.87 21.63
CA TYR A 260 30.61 10.63 22.61
C TYR A 260 31.60 9.74 23.35
N LEU A 261 32.69 10.35 23.85
CA LEU A 261 33.64 9.67 24.71
C LEU A 261 33.56 10.35 26.07
N GLY A 262 33.14 9.59 27.08
CA GLY A 262 33.07 10.08 28.45
C GLY A 262 34.43 10.48 28.95
N TYR A 263 34.51 11.67 29.53
CA TYR A 263 35.76 12.24 30.00
C TYR A 263 35.54 12.87 31.38
N LEU A 264 36.16 12.29 32.40
CA LEU A 264 36.02 12.79 33.77
C LEU A 264 37.37 12.77 34.52
N LYS A 265 37.82 13.96 34.94
CA LYS A 265 39.05 14.11 35.67
C LYS A 265 38.69 14.20 37.12
N ILE A 266 39.16 13.24 37.92
CA ILE A 266 38.94 13.16 39.36
C ILE A 266 40.25 13.50 40.09
N GLU A 267 40.17 14.34 41.15
CA GLU A 267 41.33 14.66 42.00
C GLU A 267 41.04 13.97 43.32
N PHE A 268 41.94 13.08 43.73
CA PHE A 268 41.83 12.28 44.94
C PHE A 268 42.85 12.72 46.00
N ASP A 269 42.44 12.71 47.29
CA ASP A 269 43.38 12.96 48.36
C ASP A 269 44.12 11.66 48.66
N GLU A 270 45.15 11.71 49.50
CA GLU A 270 46.01 10.58 49.84
C GLU A 270 45.23 9.33 50.33
N ARG A 271 44.06 9.56 50.96
CA ARG A 271 43.20 8.53 51.55
C ARG A 271 42.16 7.93 50.57
N GLY A 272 42.17 8.36 49.32
CA GLY A 272 41.27 7.86 48.30
C GLY A 272 39.92 8.56 48.25
N ASN A 273 39.85 9.80 48.79
CA ASN A 273 38.59 10.58 48.83
C ASN A 273 38.57 11.56 47.69
N VAL A 274 37.43 11.63 46.99
CA VAL A 274 37.25 12.54 45.85
C VAL A 274 37.21 13.99 46.38
N ILE A 275 38.19 14.81 45.96
CA ILE A 275 38.33 16.22 46.31
C ILE A 275 37.54 17.03 45.30
N SER A 276 37.67 16.72 44.01
CA SER A 276 37.00 17.43 42.94
C SER A 276 36.75 16.52 41.75
N SER A 277 35.78 16.92 40.92
CA SER A 277 35.40 16.23 39.71
C SER A 277 34.90 17.22 38.69
N HIS A 278 35.42 17.12 37.49
CA HIS A 278 35.03 17.95 36.35
C HIS A 278 35.22 17.13 35.08
N GLY A 279 34.62 17.60 34.00
CA GLY A 279 34.73 16.94 32.71
C GLY A 279 33.46 17.09 31.91
N ASN A 280 33.41 16.38 30.76
CA ASN A 280 32.30 16.38 29.81
C ASN A 280 32.48 15.28 28.77
N PRO A 281 31.39 14.74 28.17
CA PRO A 281 31.59 13.82 27.06
C PRO A 281 32.20 14.58 25.87
N ILE A 282 33.10 13.92 25.12
CA ILE A 282 33.77 14.49 23.94
C ILE A 282 33.02 14.06 22.68
N LEU A 283 32.48 15.03 21.91
CA LEU A 283 31.78 14.66 20.69
C LEU A 283 32.77 14.17 19.64
N LEU A 284 32.61 12.91 19.22
CA LEU A 284 33.55 12.32 18.26
C LEU A 284 33.13 12.65 16.83
N ASN A 285 33.37 13.91 16.41
CA ASN A 285 33.00 14.40 15.09
C ASN A 285 34.21 14.42 14.14
N SER A 286 33.95 14.62 12.84
CA SER A 286 34.95 14.63 11.74
C SER A 286 36.22 15.45 12.02
N SER A 287 36.19 16.39 12.98
CA SER A 287 37.38 17.17 13.40
C SER A 287 38.46 16.20 13.92
N ILE A 288 38.05 15.19 14.69
CA ILE A 288 38.95 14.14 15.16
C ILE A 288 39.16 13.18 13.99
N PRO A 289 40.38 13.05 13.42
CA PRO A 289 40.54 12.12 12.30
C PRO A 289 40.46 10.65 12.74
N GLU A 290 40.09 9.75 11.82
CA GLU A 290 40.05 8.33 12.11
C GLU A 290 41.48 7.81 12.03
N ASP A 291 41.85 6.90 12.94
CA ASP A 291 43.18 6.29 12.91
C ASP A 291 43.35 5.46 11.63
N PRO A 292 44.38 5.76 10.82
CA PRO A 292 44.56 5.03 9.55
C PRO A 292 44.75 3.52 9.70
N SER A 293 45.50 3.05 10.72
CA SER A 293 45.71 1.62 11.00
C SER A 293 44.40 0.91 11.39
N ILE A 294 43.61 1.51 12.34
CA ILE A 294 42.32 0.94 12.75
C ILE A 294 41.32 1.01 11.56
N LYS A 295 41.40 2.06 10.71
CA LYS A 295 40.50 2.20 9.57
C LYS A 295 40.80 1.11 8.53
N ALA A 296 42.08 0.84 8.29
CA ALA A 296 42.50 -0.20 7.36
C ALA A 296 41.99 -1.56 7.87
N ASP A 297 42.01 -1.76 9.22
CA ASP A 297 41.58 -2.98 9.86
C ASP A 297 40.06 -3.16 9.74
N ILE A 298 39.27 -2.11 10.07
CA ILE A 298 37.82 -2.07 9.94
C ILE A 298 37.43 -2.40 8.49
N ASN A 299 38.15 -1.80 7.51
CA ASN A 299 37.93 -2.05 6.10
C ASN A 299 38.18 -3.49 5.69
N LYS A 300 39.22 -4.14 6.25
CA LYS A 300 39.55 -5.56 6.00
C LYS A 300 38.37 -6.44 6.45
N TRP A 301 37.85 -6.16 7.64
CA TRP A 301 36.71 -6.82 8.25
C TRP A 301 35.37 -6.48 7.59
N ARG A 302 35.26 -5.31 6.94
CA ARG A 302 34.00 -4.85 6.29
C ARG A 302 33.63 -5.65 5.01
N ILE A 303 34.63 -6.31 4.34
CA ILE A 303 34.41 -7.10 3.11
C ILE A 303 33.29 -8.18 3.29
N LYS A 304 33.36 -8.99 4.34
CA LYS A 304 32.41 -10.05 4.65
C LYS A 304 30.95 -9.50 4.90
N LEU A 305 30.80 -8.16 5.08
CA LEU A 305 29.53 -7.48 5.34
C LEU A 305 28.82 -6.92 4.11
N ASP A 306 29.56 -6.68 3.04
CA ASP A 306 29.09 -6.01 1.84
C ASP A 306 27.98 -6.69 1.01
N ASN A 307 27.90 -8.04 1.03
CA ASN A 307 26.86 -8.76 0.28
C ASN A 307 25.39 -8.51 0.82
N TYR A 308 25.25 -7.71 1.91
CA TYR A 308 23.97 -7.33 2.55
C TYR A 308 23.68 -5.80 2.41
N SER A 309 24.74 -5.02 2.14
CA SER A 309 24.70 -3.57 1.88
C SER A 309 24.02 -3.27 0.52
N THR A 310 23.96 -4.28 -0.40
CA THR A 310 23.33 -4.13 -1.72
C THR A 310 21.88 -4.70 -1.74
N GLN A 311 21.18 -4.43 -2.84
CA GLN A 311 19.75 -4.69 -3.11
C GLN A 311 18.86 -3.82 -2.23
N GLU A 312 18.07 -3.00 -2.93
CA GLU A 312 17.10 -2.07 -2.41
C GLU A 312 15.77 -2.83 -2.19
N LEU A 313 15.25 -2.77 -0.97
CA LEU A 313 13.97 -3.41 -0.60
C LEU A 313 12.78 -2.58 -1.12
N GLY A 314 12.91 -1.27 -0.98
CA GLY A 314 11.94 -0.27 -1.39
C GLY A 314 12.49 1.09 -1.06
N LYS A 315 11.62 2.10 -1.13
CA LYS A 315 11.97 3.48 -0.83
C LYS A 315 11.06 4.07 0.21
N THR A 316 11.54 5.10 0.88
CA THR A 316 10.81 5.88 1.86
C THR A 316 10.98 7.33 1.50
N ILE A 317 9.94 8.11 1.59
CA ILE A 317 10.06 9.53 1.27
C ILE A 317 10.11 10.35 2.56
N VAL A 318 9.90 9.66 3.69
CA VAL A 318 9.92 10.19 5.05
C VAL A 318 11.05 9.60 5.87
N TYR A 319 11.51 10.34 6.88
CA TYR A 319 12.54 9.84 7.78
C TYR A 319 11.89 8.79 8.65
N LEU A 320 12.50 7.60 8.69
CA LEU A 320 11.93 6.54 9.50
C LEU A 320 12.52 6.65 10.89
N ASP A 321 11.72 7.16 11.83
CA ASP A 321 12.14 7.46 13.20
C ASP A 321 12.03 6.28 14.12
N GLY A 322 13.14 5.56 14.20
CA GLY A 322 13.38 4.42 15.08
C GLY A 322 14.29 4.76 16.26
N SER A 323 14.50 6.09 16.51
CA SER A 323 15.27 6.60 17.64
C SER A 323 14.53 6.30 18.95
N SER A 324 15.28 5.92 20.01
CA SER A 324 14.71 5.55 21.31
C SER A 324 14.08 6.73 22.00
N GLN A 325 14.58 7.95 21.75
CA GLN A 325 14.04 9.18 22.33
C GLN A 325 12.61 9.35 21.89
N SER A 326 12.27 8.76 20.74
CA SER A 326 10.93 8.75 20.19
C SER A 326 10.17 7.48 20.58
N CYS A 327 10.59 6.32 20.08
CA CYS A 327 9.92 5.02 20.23
C CYS A 327 9.74 4.51 21.67
N ARG A 328 10.56 4.98 22.61
CA ARG A 328 10.43 4.57 24.00
C ARG A 328 9.62 5.63 24.78
N PHE A 329 9.23 6.71 24.12
CA PHE A 329 8.49 7.77 24.81
C PHE A 329 7.10 8.02 24.27
N ARG A 330 6.94 7.87 22.96
CA ARG A 330 5.68 8.18 22.32
C ARG A 330 5.57 7.45 21.00
N GLU A 331 4.43 7.62 20.31
CA GLU A 331 4.18 7.05 18.99
C GLU A 331 5.31 7.46 18.01
N CYS A 332 5.91 6.47 17.32
CA CYS A 332 6.95 6.73 16.33
C CYS A 332 6.57 6.11 15.00
N ASN A 333 6.86 6.80 13.89
CA ASN A 333 6.43 6.35 12.57
C ASN A 333 7.07 5.02 12.12
N MET A 334 8.23 4.65 12.69
CA MET A 334 8.86 3.36 12.45
C MET A 334 7.98 2.30 13.15
N GLY A 335 7.46 2.65 14.33
CA GLY A 335 6.61 1.79 15.13
C GLY A 335 5.35 1.43 14.38
N ASN A 336 4.68 2.46 13.85
CA ASN A 336 3.50 2.31 13.03
C ASN A 336 3.83 1.48 11.78
N LEU A 337 5.02 1.71 11.15
CA LEU A 337 5.40 0.94 9.97
C LEU A 337 5.50 -0.59 10.24
N ILE A 338 6.27 -0.96 11.27
CA ILE A 338 6.46 -2.34 11.68
C ILE A 338 5.11 -3.01 12.07
N CYS A 339 4.19 -2.25 12.71
CA CYS A 339 2.90 -2.81 13.08
C CYS A 339 1.98 -2.99 11.89
N ASP A 340 2.09 -2.08 10.92
CA ASP A 340 1.33 -2.16 9.68
C ASP A 340 1.78 -3.35 8.88
N ALA A 341 3.07 -3.67 8.91
CA ALA A 341 3.67 -4.81 8.21
C ALA A 341 3.19 -6.11 8.87
N MET A 342 3.15 -6.10 10.22
CA MET A 342 2.71 -7.18 11.09
C MET A 342 1.26 -7.57 10.79
N ILE A 343 0.36 -6.58 10.66
CA ILE A 343 -1.06 -6.85 10.36
C ILE A 343 -1.19 -7.39 8.94
N ASN A 344 -0.45 -6.77 8.02
CA ASN A 344 -0.47 -7.12 6.61
C ASN A 344 -0.03 -8.55 6.34
N ASN A 345 0.88 -9.08 7.17
CA ASN A 345 1.40 -10.44 7.04
C ASN A 345 0.32 -11.47 7.37
N ASN A 346 -0.55 -11.13 8.33
CA ASN A 346 -1.59 -12.02 8.83
C ASN A 346 -2.95 -11.82 8.18
N LEU A 347 -2.97 -11.50 6.88
CA LEU A 347 -4.24 -11.36 6.15
C LEU A 347 -4.68 -12.73 5.67
N ARG A 348 -5.66 -13.30 6.37
CA ARG A 348 -6.20 -14.63 6.13
C ARG A 348 -7.65 -14.52 5.79
N HIS A 349 -8.04 -15.04 4.61
CA HIS A 349 -9.39 -15.05 4.05
C HIS A 349 -10.23 -16.23 4.53
N THR A 350 -11.20 -15.94 5.41
CA THR A 350 -12.15 -16.87 6.02
C THR A 350 -13.26 -16.10 6.74
N ASP A 351 -14.48 -16.67 6.69
CA ASP A 351 -15.74 -16.18 7.30
C ASP A 351 -16.20 -14.82 6.76
N GLU A 352 -17.44 -14.77 6.25
CA GLU A 352 -18.08 -13.54 5.75
C GLU A 352 -18.11 -12.45 6.86
N MET A 353 -18.47 -12.88 8.10
CA MET A 353 -18.65 -12.03 9.29
C MET A 353 -17.36 -11.39 9.81
N PHE A 354 -16.19 -11.80 9.28
CA PHE A 354 -14.91 -11.22 9.67
C PHE A 354 -14.18 -10.65 8.45
N TRP A 355 -13.84 -9.34 8.48
CA TRP A 355 -13.06 -8.73 7.38
C TRP A 355 -11.66 -9.35 7.38
N ASN A 356 -11.10 -9.58 8.60
CA ASN A 356 -9.86 -10.30 8.89
C ASN A 356 -9.88 -10.86 10.32
N HIS A 357 -9.20 -12.01 10.61
CA HIS A 357 -9.21 -12.62 11.95
C HIS A 357 -8.52 -11.79 13.01
N VAL A 358 -7.56 -10.96 12.59
CA VAL A 358 -6.80 -10.12 13.50
C VAL A 358 -6.66 -8.66 13.00
N SER A 359 -6.87 -7.69 13.89
CA SER A 359 -6.77 -6.27 13.54
C SER A 359 -5.77 -5.51 14.43
N MET A 360 -5.33 -6.11 15.57
CA MET A 360 -4.45 -5.48 16.55
C MET A 360 -3.02 -5.94 16.55
N CYS A 361 -2.17 -4.96 16.85
CA CYS A 361 -0.72 -5.06 16.89
C CYS A 361 -0.15 -4.34 18.08
N ILE A 362 0.86 -4.93 18.77
CA ILE A 362 1.60 -4.28 19.86
C ILE A 362 3.08 -4.63 19.70
N LEU A 363 3.94 -3.60 19.82
CA LEU A 363 5.37 -3.78 19.63
C LEU A 363 6.13 -2.91 20.64
N ASN A 364 7.00 -3.51 21.47
CA ASN A 364 7.79 -2.70 22.41
C ASN A 364 8.82 -1.85 21.68
N GLY A 365 9.00 -0.60 22.12
CA GLY A 365 9.98 0.35 21.59
C GLY A 365 11.44 -0.10 21.77
N GLY A 366 11.67 -0.95 22.76
CA GLY A 366 12.98 -1.54 22.97
C GLY A 366 13.38 -2.53 21.88
N GLY A 367 12.41 -2.88 21.02
CA GLY A 367 12.62 -3.81 19.91
C GLY A 367 13.06 -3.12 18.64
N ILE A 368 12.80 -1.81 18.57
CA ILE A 368 13.14 -0.89 17.49
C ILE A 368 14.44 -0.29 17.92
N ARG A 369 15.50 -0.63 17.22
CA ARG A 369 16.89 -0.32 17.54
C ARG A 369 17.55 0.79 16.75
N SER A 370 16.96 1.21 15.64
CA SER A 370 17.60 2.23 14.80
C SER A 370 16.64 3.00 13.88
N PRO A 371 16.95 4.28 13.54
CA PRO A 371 16.14 4.96 12.52
C PRO A 371 16.68 4.60 11.11
N ILE A 372 15.95 4.94 10.04
CA ILE A 372 16.43 4.77 8.67
C ILE A 372 16.27 6.15 8.02
N ASP A 373 17.36 6.69 7.46
CA ASP A 373 17.39 7.98 6.78
C ASP A 373 16.87 7.87 5.35
N GLU A 374 16.08 8.84 4.91
CA GLU A 374 15.47 8.83 3.57
C GLU A 374 16.31 9.56 2.48
N ARG A 375 17.41 10.22 2.88
CA ARG A 375 18.16 11.11 2.01
C ARG A 375 19.15 10.46 1.03
N ASN A 376 19.30 9.10 1.00
CA ASN A 376 20.18 8.53 -0.04
C ASN A 376 19.27 7.90 -1.13
N ASN A 377 18.53 8.81 -1.82
CA ASN A 377 17.51 8.49 -2.85
C ASN A 377 16.38 7.56 -2.26
N GLY A 378 16.14 7.70 -0.95
CA GLY A 378 15.12 6.98 -0.19
C GLY A 378 15.30 5.48 -0.08
N THR A 379 16.48 4.94 -0.43
CA THR A 379 16.75 3.51 -0.45
C THR A 379 16.75 2.87 0.93
N ILE A 380 16.05 1.74 1.05
CA ILE A 380 16.06 0.92 2.26
C ILE A 380 16.74 -0.39 1.85
N THR A 381 17.88 -0.71 2.48
CA THR A 381 18.63 -1.94 2.20
C THR A 381 18.46 -2.90 3.38
N TRP A 382 18.72 -4.21 3.17
CA TRP A 382 18.69 -5.24 4.21
C TRP A 382 19.49 -4.81 5.45
N GLU A 383 20.68 -4.18 5.25
CA GLU A 383 21.57 -3.67 6.28
C GLU A 383 20.88 -2.64 7.10
N ASN A 384 20.31 -1.63 6.44
CA ASN A 384 19.54 -0.55 7.06
C ASN A 384 18.49 -1.13 7.99
N LEU A 385 17.80 -2.19 7.52
CA LEU A 385 16.72 -2.88 8.22
C LEU A 385 17.21 -3.75 9.37
N ALA A 386 18.37 -4.40 9.21
CA ALA A 386 19.02 -5.26 10.21
C ALA A 386 19.48 -4.51 11.45
N ALA A 387 19.62 -3.18 11.35
CA ALA A 387 19.97 -2.33 12.50
C ALA A 387 18.69 -1.99 13.28
N VAL A 388 17.52 -2.03 12.62
CA VAL A 388 16.23 -1.74 13.24
C VAL A 388 15.72 -3.00 13.96
N LEU A 389 15.79 -4.18 13.27
CA LEU A 389 15.36 -5.47 13.80
C LEU A 389 16.52 -6.49 13.77
N PRO A 390 17.41 -6.46 14.80
CA PRO A 390 18.60 -7.33 14.76
C PRO A 390 18.47 -8.70 15.47
N PHE A 391 17.45 -8.86 16.30
CA PHE A 391 17.30 -10.02 17.18
C PHE A 391 16.90 -11.35 16.55
N GLY A 392 16.56 -11.37 15.27
CA GLY A 392 16.15 -12.60 14.62
C GLY A 392 14.96 -13.30 15.25
N GLY A 393 13.98 -12.52 15.70
CA GLY A 393 12.76 -13.03 16.32
C GLY A 393 11.62 -13.22 15.34
N THR A 394 10.45 -13.56 15.87
CA THR A 394 9.25 -13.81 15.08
C THR A 394 8.12 -12.91 15.54
N PHE A 395 7.14 -12.64 14.64
CA PHE A 395 5.93 -11.88 14.92
C PHE A 395 4.80 -12.89 15.04
N ASP A 396 4.38 -13.14 16.28
CA ASP A 396 3.42 -14.17 16.68
C ASP A 396 1.97 -13.70 16.85
N LEU A 397 1.03 -14.65 16.76
CA LEU A 397 -0.39 -14.42 16.96
C LEU A 397 -0.83 -14.98 18.32
N VAL A 398 -1.39 -14.08 19.16
CA VAL A 398 -1.88 -14.42 20.51
C VAL A 398 -3.33 -14.04 20.73
N GLN A 399 -4.00 -14.79 21.60
CA GLN A 399 -5.36 -14.54 22.06
C GLN A 399 -5.22 -13.99 23.48
N LEU A 400 -5.63 -12.73 23.67
CA LEU A 400 -5.56 -12.01 24.94
C LEU A 400 -6.95 -11.48 25.34
N LYS A 401 -7.32 -11.59 26.63
CA LYS A 401 -8.56 -10.98 27.15
C LYS A 401 -8.29 -9.46 27.19
N GLY A 402 -9.33 -8.64 27.16
CA GLY A 402 -9.21 -7.19 27.24
C GLY A 402 -8.45 -6.72 28.48
N SER A 403 -8.69 -7.40 29.62
CA SER A 403 -8.03 -7.12 30.89
C SER A 403 -6.50 -7.30 30.79
N THR A 404 -6.05 -8.41 30.17
CA THR A 404 -4.63 -8.75 29.97
C THR A 404 -3.95 -7.63 29.19
N LEU A 405 -4.62 -7.16 28.12
CA LEU A 405 -4.13 -6.11 27.24
C LEU A 405 -4.17 -4.74 27.93
N LYS A 406 -5.14 -4.51 28.82
CA LYS A 406 -5.23 -3.26 29.59
C LYS A 406 -4.04 -3.22 30.57
N LYS A 407 -3.74 -4.36 31.24
CA LYS A 407 -2.59 -4.54 32.16
C LYS A 407 -1.28 -4.30 31.38
N ALA A 408 -1.23 -4.81 30.12
CA ALA A 408 -0.09 -4.65 29.23
C ALA A 408 0.17 -3.16 28.95
N PHE A 409 -0.89 -2.37 28.72
CA PHE A 409 -0.72 -0.94 28.46
C PHE A 409 -0.34 -0.16 29.74
N GLU A 410 -0.72 -0.70 30.92
CA GLU A 410 -0.35 -0.11 32.20
C GLU A 410 1.10 -0.34 32.48
N HIS A 411 1.57 -1.56 32.18
CA HIS A 411 3.00 -1.91 32.32
C HIS A 411 3.84 -1.04 31.38
N SER A 412 3.38 -0.92 30.12
CA SER A 412 3.94 -0.09 29.06
C SER A 412 4.46 1.27 29.59
N VAL A 413 3.72 1.91 30.52
CA VAL A 413 4.11 3.22 31.04
C VAL A 413 4.24 3.34 32.58
N HIS A 414 4.18 2.21 33.33
CA HIS A 414 4.26 2.15 34.82
C HIS A 414 5.45 2.91 35.45
N ARG A 415 6.53 3.14 34.67
CA ARG A 415 7.71 3.86 35.15
C ARG A 415 8.25 4.77 34.06
N TYR A 416 7.32 5.36 33.29
CA TYR A 416 7.58 6.26 32.18
C TYR A 416 8.59 7.37 32.55
N GLY A 417 9.55 7.64 31.65
CA GLY A 417 10.53 8.70 31.81
C GLY A 417 11.98 8.26 31.91
N GLN A 418 12.19 6.95 32.13
CA GLN A 418 13.53 6.36 32.29
C GLN A 418 14.13 5.81 30.99
N SER A 419 13.45 6.02 29.85
CA SER A 419 13.86 5.53 28.51
C SER A 419 13.92 3.98 28.46
N THR A 420 13.06 3.29 29.25
CA THR A 420 12.96 1.83 29.32
C THR A 420 12.23 1.26 28.12
N GLY A 421 12.63 0.05 27.73
CA GLY A 421 12.14 -0.63 26.53
C GLY A 421 10.70 -1.10 26.48
N GLU A 422 10.00 -1.19 27.63
CA GLU A 422 8.63 -1.73 27.66
C GLU A 422 7.55 -0.84 27.00
N PHE A 423 7.84 0.45 26.62
CA PHE A 423 6.86 1.35 25.97
C PHE A 423 6.37 0.73 24.67
N LEU A 424 5.06 0.56 24.58
CA LEU A 424 4.40 -0.08 23.45
C LEU A 424 4.04 0.81 22.28
N GLN A 425 4.32 0.31 21.05
CA GLN A 425 3.94 0.86 19.73
C GLN A 425 2.73 0.06 19.29
N VAL A 426 1.83 0.67 18.51
CA VAL A 426 0.59 -0.03 18.20
C VAL A 426 0.14 0.02 16.76
N GLY A 427 -0.76 -0.92 16.47
CA GLY A 427 -1.50 -1.08 15.23
C GLY A 427 -2.91 -1.52 15.57
N GLY A 428 -3.88 -0.94 14.90
CA GLY A 428 -5.29 -1.24 15.12
C GLY A 428 -5.74 -0.99 16.55
N ILE A 429 -5.08 -0.04 17.28
CA ILE A 429 -5.36 0.34 18.67
C ILE A 429 -5.15 1.85 18.81
N HIS A 430 -6.05 2.52 19.55
CA HIS A 430 -5.98 3.95 19.86
C HIS A 430 -6.02 4.08 21.38
N VAL A 431 -4.85 4.32 21.98
CA VAL A 431 -4.67 4.46 23.42
C VAL A 431 -4.41 5.93 23.83
N VAL A 432 -4.94 6.30 25.01
CA VAL A 432 -4.77 7.62 25.64
C VAL A 432 -4.32 7.41 27.08
N TYR A 433 -3.20 8.05 27.44
CA TYR A 433 -2.62 7.99 28.79
C TYR A 433 -2.69 9.34 29.48
N ASP A 434 -2.78 9.29 30.81
CA ASP A 434 -2.68 10.45 31.69
C ASP A 434 -1.57 10.03 32.63
N LEU A 435 -0.34 10.41 32.28
CA LEU A 435 0.88 10.05 33.03
C LEU A 435 0.97 10.74 34.40
N SER A 436 0.14 11.77 34.65
CA SER A 436 0.12 12.44 35.96
C SER A 436 -0.53 11.51 36.99
N ARG A 437 -1.23 10.46 36.51
CA ARG A 437 -1.92 9.46 37.34
C ARG A 437 -0.96 8.47 37.96
N LYS A 438 -1.42 7.73 38.96
CA LYS A 438 -0.63 6.71 39.64
C LYS A 438 -0.38 5.50 38.72
N PRO A 439 0.85 4.92 38.76
CA PRO A 439 1.14 3.73 37.95
C PRO A 439 0.13 2.62 38.21
N GLY A 440 -0.29 1.98 37.12
CA GLY A 440 -1.31 0.93 37.15
C GLY A 440 -2.68 1.49 36.80
N ASP A 441 -2.78 2.84 36.77
CA ASP A 441 -4.02 3.57 36.47
C ASP A 441 -3.80 4.78 35.54
N ARG A 442 -2.93 4.64 34.53
CA ARG A 442 -2.61 5.71 33.58
C ARG A 442 -3.35 5.61 32.25
N VAL A 443 -3.96 4.47 31.95
CA VAL A 443 -4.72 4.28 30.72
C VAL A 443 -6.11 4.91 30.95
N VAL A 444 -6.41 5.99 30.19
CA VAL A 444 -7.69 6.69 30.34
C VAL A 444 -8.67 6.33 29.22
N LYS A 445 -8.14 5.88 28.06
CA LYS A 445 -8.94 5.49 26.89
C LYS A 445 -8.20 4.39 26.15
N LEU A 446 -8.94 3.35 25.77
CA LEU A 446 -8.40 2.22 25.04
C LEU A 446 -9.46 1.68 24.08
N ASP A 447 -9.39 2.14 22.80
CA ASP A 447 -10.28 1.71 21.73
C ASP A 447 -9.53 0.81 20.80
N VAL A 448 -10.20 -0.24 20.33
CA VAL A 448 -9.62 -1.24 19.42
C VAL A 448 -10.40 -1.37 18.09
N LEU A 449 -9.66 -1.68 17.01
CA LEU A 449 -10.22 -1.92 15.68
C LEU A 449 -10.98 -3.25 15.67
N CYS A 450 -12.25 -3.26 15.18
CA CYS A 450 -13.05 -4.49 15.15
C CYS A 450 -12.58 -5.54 14.13
N THR A 451 -12.92 -6.82 14.37
CA THR A 451 -12.64 -7.95 13.47
C THR A 451 -13.99 -8.50 12.97
N LYS A 452 -14.95 -8.83 13.89
CA LYS A 452 -16.30 -9.32 13.53
C LYS A 452 -17.15 -8.14 13.05
N CYS A 453 -16.77 -7.62 11.85
CA CYS A 453 -17.35 -6.46 11.16
C CYS A 453 -16.92 -6.47 9.69
N ARG A 454 -17.74 -5.91 8.82
CA ARG A 454 -17.39 -5.81 7.40
C ARG A 454 -16.68 -4.49 7.15
N VAL A 455 -17.00 -3.43 7.91
CA VAL A 455 -16.28 -2.15 7.81
C VAL A 455 -15.48 -2.04 9.10
N PRO A 456 -14.11 -2.03 9.09
CA PRO A 456 -13.37 -1.90 10.35
C PRO A 456 -13.50 -0.48 10.92
N SER A 457 -13.77 -0.41 12.23
CA SER A 457 -13.95 0.82 12.99
C SER A 457 -13.59 0.59 14.44
N TYR A 458 -13.28 1.66 15.16
CA TYR A 458 -12.84 1.59 16.54
C TYR A 458 -13.97 1.62 17.57
N ASP A 459 -13.91 0.67 18.49
CA ASP A 459 -14.87 0.50 19.58
C ASP A 459 -14.10 0.33 20.89
N PRO A 460 -14.65 0.70 22.07
CA PRO A 460 -13.87 0.56 23.31
C PRO A 460 -13.55 -0.87 23.67
N LEU A 461 -12.37 -1.11 24.26
CA LEU A 461 -11.93 -2.43 24.69
C LEU A 461 -12.82 -2.95 25.83
N LYS A 462 -13.24 -4.21 25.72
CA LYS A 462 -14.07 -4.90 26.68
C LYS A 462 -13.16 -5.86 27.41
N MET A 463 -13.16 -5.79 28.75
CA MET A 463 -12.32 -6.57 29.69
C MET A 463 -12.44 -8.08 29.56
N ASP A 464 -13.65 -8.59 29.35
CA ASP A 464 -13.90 -10.03 29.26
C ASP A 464 -13.89 -10.59 27.82
N GLU A 465 -13.71 -9.70 26.84
CA GLU A 465 -13.64 -10.10 25.44
C GLU A 465 -12.22 -10.55 25.10
N VAL A 466 -12.11 -11.63 24.31
CA VAL A 466 -10.85 -12.20 23.83
C VAL A 466 -10.56 -11.56 22.48
N TYR A 467 -9.37 -11.00 22.35
CA TYR A 467 -8.85 -10.33 21.15
C TYR A 467 -7.62 -11.04 20.64
N LYS A 468 -7.47 -11.09 19.30
CA LYS A 468 -6.29 -11.62 18.61
C LYS A 468 -5.32 -10.43 18.42
N VAL A 469 -4.04 -10.62 18.82
CA VAL A 469 -2.99 -9.60 18.75
C VAL A 469 -1.72 -10.16 18.09
N ILE A 470 -1.14 -9.38 17.13
CA ILE A 470 0.15 -9.71 16.50
C ILE A 470 1.17 -9.02 17.39
N LEU A 471 2.24 -9.73 17.74
CA LEU A 471 3.18 -9.31 18.76
C LEU A 471 4.50 -10.06 18.61
N PRO A 472 5.68 -9.46 18.92
CA PRO A 472 6.92 -10.28 18.87
C PRO A 472 6.93 -11.44 19.88
N ASN A 473 7.56 -12.58 19.54
CA ASN A 473 7.73 -13.74 20.45
C ASN A 473 8.35 -13.33 21.78
N PHE A 474 9.23 -12.31 21.76
CA PHE A 474 9.87 -11.77 22.96
C PHE A 474 8.81 -11.37 23.98
N LEU A 475 7.74 -10.66 23.55
CA LEU A 475 6.67 -10.23 24.45
C LEU A 475 5.77 -11.39 24.86
N ALA A 476 5.49 -12.32 23.90
CA ALA A 476 4.69 -13.53 24.11
C ALA A 476 5.34 -14.40 25.19
N ASN A 477 6.69 -14.32 25.31
CA ASN A 477 7.49 -15.08 26.27
C ASN A 477 7.67 -14.37 27.61
N GLY A 478 7.10 -13.18 27.71
CA GLY A 478 7.10 -12.39 28.93
C GLY A 478 8.26 -11.44 29.04
N GLY A 479 8.90 -11.13 27.91
CA GLY A 479 10.01 -10.19 27.84
C GLY A 479 9.63 -8.79 28.29
N ASP A 480 10.61 -7.93 28.56
CA ASP A 480 10.42 -6.53 29.01
C ASP A 480 9.41 -6.38 30.21
N GLY A 481 9.21 -7.49 30.96
CA GLY A 481 8.33 -7.52 32.11
C GLY A 481 6.86 -7.72 31.83
N PHE A 482 6.56 -8.14 30.62
CA PHE A 482 5.18 -8.39 30.23
C PHE A 482 4.76 -9.81 30.67
N GLN A 483 4.87 -10.08 32.00
CA GLN A 483 4.53 -11.36 32.62
C GLN A 483 3.08 -11.75 32.44
N MET A 484 2.17 -10.74 32.47
CA MET A 484 0.73 -10.94 32.29
C MET A 484 0.41 -11.53 30.92
N ILE A 485 1.25 -11.26 29.88
CA ILE A 485 1.03 -11.81 28.55
C ILE A 485 1.31 -13.32 28.58
N LYS A 486 2.54 -13.73 28.98
CA LYS A 486 2.95 -15.13 29.11
C LYS A 486 1.93 -15.94 29.93
N ASP A 487 1.57 -15.43 31.13
CA ASP A 487 0.69 -16.05 32.10
C ASP A 487 -0.78 -16.09 31.73
N GLU A 488 -1.33 -15.01 31.15
CA GLU A 488 -2.75 -14.94 30.85
C GLU A 488 -3.12 -15.22 29.40
N LEU A 489 -2.18 -15.28 28.43
CA LEU A 489 -2.55 -15.57 27.01
C LEU A 489 -3.33 -16.89 26.89
N LEU A 490 -4.34 -16.89 26.02
CA LEU A 490 -5.23 -18.03 25.80
C LEU A 490 -4.77 -18.99 24.70
N ARG A 491 -3.97 -18.46 23.75
CA ARG A 491 -3.40 -19.19 22.61
C ARG A 491 -2.16 -18.47 22.08
N HIS A 492 -1.19 -19.25 21.58
CA HIS A 492 0.04 -18.73 21.04
C HIS A 492 0.51 -19.56 19.85
N ASP A 493 0.55 -18.91 18.67
CA ASP A 493 1.01 -19.49 17.41
C ASP A 493 2.20 -18.68 16.89
N SER A 494 3.32 -19.34 16.62
CA SER A 494 4.49 -18.63 16.13
C SER A 494 4.29 -18.22 14.66
N GLY A 495 4.86 -17.07 14.29
CA GLY A 495 4.75 -16.53 12.95
C GLY A 495 6.06 -16.41 12.24
N ASP A 496 6.07 -15.56 11.23
CA ASP A 496 7.24 -15.33 10.37
C ASP A 496 8.31 -14.53 11.06
N GLN A 497 9.53 -14.54 10.48
CA GLN A 497 10.68 -13.84 11.00
C GLN A 497 10.51 -12.36 10.84
N ASP A 498 10.75 -11.63 11.95
CA ASP A 498 10.54 -10.19 12.08
C ASP A 498 11.03 -9.36 10.92
N ILE A 499 12.35 -9.38 10.62
CA ILE A 499 12.94 -8.65 9.50
C ILE A 499 12.25 -9.00 8.13
N ASN A 500 11.91 -10.28 7.88
CA ASN A 500 11.29 -10.71 6.62
C ASN A 500 9.91 -10.11 6.41
N VAL A 501 9.13 -10.04 7.49
CA VAL A 501 7.80 -9.46 7.50
C VAL A 501 7.88 -7.98 7.10
N VAL A 502 8.83 -7.19 7.67
CA VAL A 502 8.98 -5.78 7.35
C VAL A 502 9.57 -5.60 5.95
N SER A 503 10.59 -6.43 5.55
CA SER A 503 11.13 -6.31 4.19
C SER A 503 10.06 -6.57 3.11
N THR A 504 9.24 -7.64 3.30
CA THR A 504 8.15 -8.03 2.40
C THR A 504 7.19 -6.89 2.25
N TYR A 505 6.80 -6.26 3.35
CA TYR A 505 5.88 -5.14 3.30
C TYR A 505 6.52 -3.93 2.62
N ILE A 506 7.81 -3.66 2.89
CA ILE A 506 8.45 -2.53 2.21
C ILE A 506 8.44 -2.77 0.69
N SER A 507 8.73 -4.01 0.24
CA SER A 507 8.76 -4.44 -1.16
C SER A 507 7.38 -4.39 -1.83
N LYS A 508 6.32 -4.84 -1.12
CA LYS A 508 4.93 -4.77 -1.60
C LYS A 508 4.53 -3.30 -1.84
N MET A 509 4.82 -2.42 -0.86
CA MET A 509 4.46 -1.00 -0.88
C MET A 509 5.24 -0.16 -1.87
N LYS A 510 6.52 -0.56 -2.18
CA LYS A 510 7.42 0.12 -3.12
C LYS A 510 7.89 1.47 -2.58
N VAL A 511 6.95 2.40 -2.26
CA VAL A 511 7.25 3.71 -1.66
C VAL A 511 6.40 3.91 -0.41
N ILE A 512 7.07 4.01 0.76
CA ILE A 512 6.42 4.19 2.06
C ILE A 512 6.59 5.61 2.60
N TYR A 513 5.61 6.05 3.41
CA TYR A 513 5.55 7.36 4.03
C TYR A 513 4.73 7.32 5.31
N PRO A 514 5.10 6.45 6.31
CA PRO A 514 4.33 6.38 7.55
C PRO A 514 4.36 7.69 8.33
N ALA A 515 3.24 8.03 8.96
CA ALA A 515 3.13 9.25 9.74
C ALA A 515 2.88 8.91 11.21
N VAL A 516 2.99 9.95 12.07
CA VAL A 516 2.62 9.88 13.49
C VAL A 516 1.23 10.47 13.42
N GLU A 517 0.21 9.62 13.55
CA GLU A 517 -1.20 9.96 13.32
C GLU A 517 -2.12 9.96 14.54
N GLY A 518 -1.60 9.77 15.74
CA GLY A 518 -2.46 9.81 16.91
C GLY A 518 -2.95 8.49 17.46
N ARG A 519 -2.25 7.38 17.14
CA ARG A 519 -2.55 6.05 17.68
C ARG A 519 -2.33 6.05 19.22
N ILE A 520 -1.26 6.75 19.68
CA ILE A 520 -0.91 6.96 21.09
C ILE A 520 -0.97 8.46 21.36
N LYS A 521 -1.76 8.84 22.36
CA LYS A 521 -1.91 10.23 22.79
C LYS A 521 -1.75 10.32 24.32
N HIS A 522 -1.13 11.41 24.82
CA HIS A 522 -0.97 11.67 26.26
C HIS A 522 -1.97 12.78 26.71
N HIS A 523 -1.46 13.87 27.28
CA HIS A 523 -2.29 14.99 27.75
C HIS A 523 -1.50 16.31 27.68
N TRP B 1 -63.64 10.84 -6.11
CA TRP B 1 -62.83 10.31 -7.19
C TRP B 1 -61.48 9.86 -6.63
N GLU B 2 -61.15 8.59 -6.95
CA GLU B 2 -59.93 7.94 -6.49
C GLU B 2 -58.79 7.98 -7.51
N LEU B 3 -57.57 8.20 -7.01
CA LEU B 3 -56.32 8.29 -7.77
C LEU B 3 -55.20 7.54 -7.04
N THR B 4 -54.48 6.72 -7.79
CA THR B 4 -53.36 5.96 -7.25
C THR B 4 -52.13 6.57 -7.87
N ILE B 5 -51.30 7.21 -7.06
CA ILE B 5 -50.05 7.76 -7.60
C ILE B 5 -48.92 6.73 -7.43
N LEU B 6 -48.26 6.35 -8.54
CA LEU B 6 -47.08 5.47 -8.52
C LEU B 6 -45.86 6.35 -8.83
N HIS B 7 -44.81 6.30 -7.97
CA HIS B 7 -43.71 7.23 -8.18
C HIS B 7 -42.36 6.70 -7.82
N THR B 8 -41.36 7.18 -8.56
CA THR B 8 -39.94 6.88 -8.43
C THR B 8 -39.21 8.26 -8.41
N ASN B 9 -37.98 8.25 -7.94
CA ASN B 9 -37.12 9.43 -7.87
C ASN B 9 -35.72 8.90 -7.59
N ASP B 10 -34.69 9.60 -8.10
CA ASP B 10 -33.27 9.26 -7.92
C ASP B 10 -32.96 7.80 -8.26
N VAL B 11 -33.41 7.37 -9.44
CA VAL B 11 -33.19 6.01 -9.96
C VAL B 11 -31.68 5.80 -10.28
N HIS B 12 -30.99 6.92 -10.62
CA HIS B 12 -29.57 7.02 -10.87
C HIS B 12 -29.04 5.85 -11.57
N SER B 13 -29.50 5.67 -12.79
CA SER B 13 -29.08 4.68 -13.75
C SER B 13 -29.22 3.24 -13.30
N ARG B 14 -30.01 2.96 -12.24
CA ARG B 14 -30.13 1.56 -11.84
C ARG B 14 -31.21 0.84 -12.70
N LEU B 15 -30.89 0.65 -13.98
CA LEU B 15 -31.70 -0.02 -15.00
C LEU B 15 -31.85 -1.50 -14.68
N GLU B 16 -30.75 -2.15 -14.25
CA GLU B 16 -30.76 -3.56 -13.92
C GLU B 16 -31.01 -3.70 -12.44
N GLN B 17 -31.46 -4.92 -12.00
CA GLN B 17 -31.66 -5.21 -10.59
C GLN B 17 -30.31 -5.10 -9.91
N THR B 18 -30.31 -4.66 -8.65
CA THR B 18 -29.11 -4.39 -7.87
C THR B 18 -29.13 -5.20 -6.59
N SER B 19 -28.06 -5.09 -5.82
CA SER B 19 -27.87 -5.66 -4.51
C SER B 19 -28.67 -4.73 -3.51
N GLU B 20 -29.07 -5.21 -2.32
CA GLU B 20 -29.82 -4.42 -1.32
C GLU B 20 -29.29 -2.96 -1.14
N ASP B 21 -27.98 -2.77 -1.34
CA ASP B 21 -27.28 -1.49 -1.15
C ASP B 21 -27.15 -0.65 -2.40
N SER B 22 -27.79 -1.04 -3.52
CA SER B 22 -27.79 -0.35 -4.81
C SER B 22 -26.68 -0.80 -5.74
N SER B 23 -25.65 -1.50 -5.20
CA SER B 23 -24.48 -1.93 -5.98
C SER B 23 -24.77 -3.15 -6.90
N LYS B 24 -23.84 -3.50 -7.79
CA LYS B 24 -24.02 -4.58 -8.77
C LYS B 24 -24.59 -5.85 -8.17
N CYS B 25 -25.62 -6.36 -8.83
CA CYS B 25 -26.31 -7.57 -8.48
C CYS B 25 -25.38 -8.77 -8.63
N VAL B 26 -25.23 -9.54 -7.55
CA VAL B 26 -24.39 -10.73 -7.61
C VAL B 26 -25.29 -11.97 -7.46
N ASN B 27 -25.88 -12.16 -6.27
CA ASN B 27 -26.79 -13.26 -5.97
C ASN B 27 -28.19 -12.79 -6.34
N ALA B 28 -28.57 -13.03 -7.61
CA ALA B 28 -29.86 -12.65 -8.22
C ALA B 28 -31.06 -12.89 -7.34
N SER B 29 -31.08 -14.01 -6.59
CA SER B 29 -32.18 -14.35 -5.66
C SER B 29 -32.35 -13.33 -4.50
N ARG B 30 -31.31 -12.57 -4.16
CA ARG B 30 -31.41 -11.56 -3.10
C ARG B 30 -31.40 -10.16 -3.73
N CYS B 31 -31.57 -10.09 -5.08
CA CYS B 31 -31.52 -8.82 -5.79
C CYS B 31 -32.84 -8.07 -5.85
N MET B 32 -32.76 -6.73 -5.93
CA MET B 32 -33.90 -5.83 -5.92
C MET B 32 -33.94 -4.80 -7.06
N GLY B 33 -35.13 -4.26 -7.30
CA GLY B 33 -35.36 -3.20 -8.28
C GLY B 33 -35.18 -3.59 -9.73
N GLY B 34 -34.77 -2.60 -10.53
CA GLY B 34 -34.57 -2.74 -11.97
C GLY B 34 -35.85 -2.41 -12.70
N VAL B 35 -35.76 -1.88 -13.93
CA VAL B 35 -36.93 -1.53 -14.75
C VAL B 35 -37.81 -2.76 -15.09
N ALA B 36 -37.21 -3.94 -15.36
CA ALA B 36 -37.93 -5.19 -15.65
C ALA B 36 -38.89 -5.61 -14.51
N ARG B 37 -38.45 -5.48 -13.26
CA ARG B 37 -39.28 -5.78 -12.09
C ARG B 37 -40.29 -4.65 -11.84
N LEU B 38 -39.86 -3.39 -11.98
CA LEU B 38 -40.74 -2.23 -11.79
C LEU B 38 -41.93 -2.35 -12.76
N PHE B 39 -41.65 -2.76 -14.02
CA PHE B 39 -42.68 -2.91 -15.04
C PHE B 39 -43.78 -3.84 -14.53
N THR B 40 -43.41 -5.04 -14.06
CA THR B 40 -44.32 -6.04 -13.52
C THR B 40 -45.24 -5.46 -12.43
N LYS B 41 -44.66 -4.77 -11.43
CA LYS B 41 -45.48 -4.18 -10.38
C LYS B 41 -46.42 -3.13 -10.93
N VAL B 42 -45.90 -2.20 -11.76
CA VAL B 42 -46.68 -1.12 -12.41
C VAL B 42 -47.86 -1.71 -13.18
N GLN B 43 -47.60 -2.72 -14.06
CA GLN B 43 -48.59 -3.44 -14.87
C GLN B 43 -49.70 -4.10 -14.03
N GLN B 44 -49.33 -4.70 -12.88
CA GLN B 44 -50.23 -5.35 -11.91
C GLN B 44 -51.18 -4.30 -11.33
N ILE B 45 -50.61 -3.15 -10.84
CA ILE B 45 -51.39 -2.02 -10.28
C ILE B 45 -52.38 -1.45 -11.31
N ARG B 46 -51.91 -1.18 -12.56
CA ARG B 46 -52.77 -0.66 -13.66
C ARG B 46 -54.00 -1.55 -13.93
N ARG B 47 -53.85 -2.88 -13.80
CA ARG B 47 -54.93 -3.85 -13.97
C ARG B 47 -55.96 -3.84 -12.83
N ALA B 48 -55.54 -3.57 -11.61
CA ALA B 48 -56.39 -3.58 -10.43
C ALA B 48 -57.02 -2.23 -10.10
N GLU B 49 -56.31 -1.13 -10.40
CA GLU B 49 -56.79 0.22 -10.08
C GLU B 49 -57.24 0.94 -11.33
N PRO B 50 -58.39 1.64 -11.28
CA PRO B 50 -58.87 2.34 -12.49
C PRO B 50 -58.09 3.59 -12.90
N ASN B 51 -57.70 4.45 -11.94
CA ASN B 51 -57.02 5.71 -12.25
C ASN B 51 -55.63 5.70 -11.69
N VAL B 52 -54.65 5.41 -12.54
CA VAL B 52 -53.22 5.31 -12.17
C VAL B 52 -52.43 6.38 -12.91
N LEU B 53 -51.43 6.95 -12.21
CA LEU B 53 -50.45 7.90 -12.75
C LEU B 53 -49.06 7.43 -12.28
N LEU B 54 -48.11 7.22 -13.21
CA LEU B 54 -46.74 6.84 -12.90
C LEU B 54 -45.84 8.08 -13.12
N LEU B 55 -45.23 8.58 -12.01
CA LEU B 55 -44.42 9.79 -12.01
C LEU B 55 -42.98 9.62 -11.55
N ASP B 56 -42.07 10.40 -12.14
CA ASP B 56 -40.67 10.38 -11.76
C ASP B 56 -40.21 11.80 -11.36
N ALA B 57 -39.69 11.91 -10.12
CA ALA B 57 -39.27 13.18 -9.52
C ALA B 57 -37.79 13.57 -9.79
N GLY B 58 -37.28 13.18 -10.96
CA GLY B 58 -35.93 13.52 -11.43
C GLY B 58 -34.81 12.60 -11.00
N ASP B 59 -33.59 12.93 -11.48
CA ASP B 59 -32.35 12.20 -11.24
C ASP B 59 -32.41 10.75 -11.74
N GLN B 60 -32.74 10.61 -13.04
CA GLN B 60 -32.74 9.37 -13.78
C GLN B 60 -31.32 9.24 -14.40
N TYR B 61 -30.73 10.42 -14.71
CA TYR B 61 -29.37 10.63 -15.25
C TYR B 61 -28.26 10.40 -14.21
N GLN B 62 -27.19 9.69 -14.64
CA GLN B 62 -25.94 9.41 -13.89
C GLN B 62 -26.07 8.41 -12.81
N GLY B 63 -25.15 7.46 -12.76
CA GLY B 63 -25.14 6.45 -11.70
C GLY B 63 -24.37 5.17 -11.94
N THR B 64 -24.39 4.66 -13.18
CA THR B 64 -23.73 3.40 -13.59
C THR B 64 -23.20 3.53 -15.01
N ILE B 65 -22.47 2.48 -15.52
CA ILE B 65 -21.91 2.45 -16.90
C ILE B 65 -23.02 2.60 -17.97
N TRP B 66 -24.29 2.28 -17.60
CA TRP B 66 -25.48 2.42 -18.44
C TRP B 66 -25.55 3.84 -18.95
N PHE B 67 -25.35 4.85 -18.06
CA PHE B 67 -25.34 6.26 -18.41
C PHE B 67 -24.03 6.70 -19.08
N THR B 68 -22.89 6.15 -18.63
CA THR B 68 -21.57 6.46 -19.19
C THR B 68 -21.59 6.22 -20.71
N VAL B 69 -22.15 5.05 -21.11
CA VAL B 69 -22.21 4.61 -22.50
C VAL B 69 -23.46 5.12 -23.25
N TYR B 70 -24.68 4.93 -22.68
CA TYR B 70 -25.91 5.29 -23.39
C TYR B 70 -26.35 6.77 -23.23
N LYS B 71 -25.71 7.50 -22.31
CA LYS B 71 -25.85 8.95 -22.10
C LYS B 71 -27.28 9.47 -22.14
N GLY B 72 -28.23 8.74 -21.52
CA GLY B 72 -29.62 9.17 -21.47
C GLY B 72 -30.58 8.48 -22.40
N ALA B 73 -30.07 7.78 -23.43
CA ALA B 73 -30.87 7.03 -24.40
C ALA B 73 -31.55 5.82 -23.76
N GLU B 74 -30.94 5.25 -22.72
CA GLU B 74 -31.49 4.12 -21.97
C GLU B 74 -32.60 4.61 -21.04
N VAL B 75 -32.55 5.89 -20.63
CA VAL B 75 -33.53 6.51 -19.73
C VAL B 75 -34.81 6.67 -20.55
N ALA B 76 -34.71 7.44 -21.65
CA ALA B 76 -35.78 7.68 -22.59
C ALA B 76 -36.44 6.34 -22.96
N HIS B 77 -35.68 5.40 -23.55
CA HIS B 77 -36.17 4.08 -23.97
C HIS B 77 -36.89 3.26 -22.90
N PHE B 78 -36.26 3.06 -21.74
CA PHE B 78 -36.89 2.22 -20.71
C PHE B 78 -38.01 2.94 -19.91
N MET B 79 -37.96 4.29 -19.77
CA MET B 79 -39.04 5.04 -19.15
C MET B 79 -40.26 5.06 -20.11
N ASN B 80 -40.01 5.02 -21.45
CA ASN B 80 -41.07 5.00 -22.47
C ASN B 80 -41.75 3.63 -22.44
N ALA B 81 -40.95 2.56 -22.26
CA ALA B 81 -41.40 1.17 -22.19
C ALA B 81 -42.22 0.89 -20.93
N LEU B 82 -42.02 1.67 -19.86
CA LEU B 82 -42.77 1.51 -18.62
C LEU B 82 -44.00 2.42 -18.66
N ARG B 83 -44.07 3.29 -19.66
CA ARG B 83 -45.15 4.25 -19.90
C ARG B 83 -45.36 5.23 -18.75
N TYR B 84 -44.31 5.97 -18.41
CA TYR B 84 -44.37 7.01 -17.39
C TYR B 84 -45.32 8.07 -17.91
N ASP B 85 -46.10 8.68 -17.03
CA ASP B 85 -47.08 9.67 -17.42
C ASP B 85 -46.48 11.08 -17.43
N ALA B 86 -45.51 11.32 -16.56
CA ALA B 86 -44.77 12.57 -16.48
C ALA B 86 -43.47 12.39 -15.70
N MET B 87 -42.53 13.32 -15.94
CA MET B 87 -41.24 13.40 -15.26
C MET B 87 -40.87 14.88 -14.99
N ALA B 88 -40.41 15.17 -13.79
CA ALA B 88 -39.90 16.50 -13.42
C ALA B 88 -38.38 16.42 -13.59
N LEU B 89 -37.75 17.55 -13.93
CA LEU B 89 -36.31 17.57 -14.12
C LEU B 89 -35.58 17.60 -12.79
N GLY B 90 -34.59 16.73 -12.66
CA GLY B 90 -33.68 16.68 -11.52
C GLY B 90 -32.40 17.44 -11.86
N ASN B 91 -31.56 17.68 -10.87
CA ASN B 91 -30.28 18.39 -11.08
C ASN B 91 -29.30 17.59 -11.95
N HIS B 92 -29.34 16.24 -11.90
CA HIS B 92 -28.42 15.38 -12.64
C HIS B 92 -28.76 15.28 -14.12
N GLU B 93 -29.92 15.76 -14.53
CA GLU B 93 -30.32 15.81 -15.93
C GLU B 93 -29.53 16.88 -16.72
N PHE B 94 -28.69 17.67 -16.04
CA PHE B 94 -27.86 18.71 -16.64
C PHE B 94 -26.38 18.35 -16.57
N ASP B 95 -26.05 17.10 -16.14
CA ASP B 95 -24.67 16.63 -16.01
C ASP B 95 -23.88 16.69 -17.34
N ASN B 96 -24.60 16.52 -18.46
CA ASN B 96 -24.01 16.55 -19.79
C ASN B 96 -24.45 17.80 -20.52
N GLY B 97 -24.72 18.86 -19.76
CA GLY B 97 -25.18 20.16 -20.27
C GLY B 97 -26.59 20.16 -20.84
N VAL B 98 -27.08 21.34 -21.29
CA VAL B 98 -28.41 21.42 -21.92
C VAL B 98 -28.54 20.48 -23.11
N GLU B 99 -27.52 20.45 -23.99
CA GLU B 99 -27.46 19.61 -25.17
C GLU B 99 -27.59 18.11 -24.84
N GLY B 100 -27.01 17.68 -23.72
CA GLY B 100 -27.09 16.31 -23.25
C GLY B 100 -28.44 15.91 -22.71
N LEU B 101 -29.32 16.91 -22.40
CA LEU B 101 -30.69 16.76 -21.92
C LEU B 101 -31.64 16.80 -23.10
N ILE B 102 -31.45 17.78 -24.03
CA ILE B 102 -32.27 17.95 -25.23
C ILE B 102 -32.19 16.67 -26.08
N GLU B 103 -31.00 16.08 -26.19
CA GLU B 103 -30.75 14.83 -26.91
C GLU B 103 -29.90 13.92 -26.01
N PRO B 104 -30.37 12.71 -25.67
CA PRO B 104 -31.58 12.01 -26.16
C PRO B 104 -32.92 12.28 -25.47
N LEU B 105 -32.94 12.42 -24.12
CA LEU B 105 -34.14 12.46 -23.27
C LEU B 105 -35.30 13.36 -23.74
N LEU B 106 -35.14 14.71 -23.78
CA LEU B 106 -36.25 15.58 -24.14
C LEU B 106 -36.89 15.25 -25.48
N LYS B 107 -36.08 15.03 -26.53
CA LYS B 107 -36.65 14.73 -27.83
C LYS B 107 -37.20 13.29 -27.95
N GLU B 108 -36.63 12.31 -27.21
CA GLU B 108 -37.11 10.92 -27.32
C GLU B 108 -38.23 10.51 -26.36
N ALA B 109 -38.51 11.29 -25.31
CA ALA B 109 -39.54 10.91 -24.34
C ALA B 109 -40.95 10.88 -24.92
N LYS B 110 -41.77 9.95 -24.41
CA LYS B 110 -43.16 9.80 -24.84
C LYS B 110 -44.11 10.34 -23.77
N PHE B 111 -43.57 11.12 -22.83
CA PHE B 111 -44.32 11.72 -21.71
C PHE B 111 -43.81 13.18 -21.51
N PRO B 112 -44.58 14.07 -20.85
CA PRO B 112 -44.05 15.43 -20.64
C PRO B 112 -42.94 15.43 -19.60
N ILE B 113 -41.97 16.30 -19.84
CA ILE B 113 -40.86 16.55 -18.95
C ILE B 113 -41.10 17.99 -18.48
N LEU B 114 -41.11 18.18 -17.14
CA LEU B 114 -41.57 19.44 -16.53
C LEU B 114 -40.63 20.14 -15.57
N SER B 115 -40.75 21.50 -15.49
CA SER B 115 -40.01 22.24 -14.50
C SER B 115 -40.68 23.50 -13.98
N ALA B 116 -40.92 24.56 -14.72
CA ALA B 116 -41.63 25.70 -14.04
C ALA B 116 -40.76 26.69 -13.29
N ASN B 117 -39.62 26.29 -12.71
CA ASN B 117 -38.74 27.28 -12.11
C ASN B 117 -37.44 27.44 -12.95
N ILE B 118 -37.36 26.75 -14.10
CA ILE B 118 -36.25 26.89 -15.05
C ILE B 118 -36.70 27.78 -16.21
N LYS B 119 -36.00 28.91 -16.41
CA LYS B 119 -36.30 29.81 -17.53
C LYS B 119 -35.09 29.87 -18.47
N ALA B 120 -35.27 29.56 -19.77
CA ALA B 120 -34.19 29.64 -20.76
C ALA B 120 -34.03 31.07 -21.23
N LYS B 121 -32.80 31.45 -21.61
CA LYS B 121 -32.44 32.81 -22.04
C LYS B 121 -31.60 32.74 -23.32
N GLY B 122 -31.40 33.89 -23.96
CA GLY B 122 -30.56 34.06 -25.14
C GLY B 122 -30.87 33.12 -26.28
N PRO B 123 -29.83 32.53 -26.92
CA PRO B 123 -30.06 31.61 -28.05
C PRO B 123 -30.80 30.31 -27.68
N LEU B 124 -30.60 29.83 -26.44
CA LEU B 124 -31.24 28.64 -25.89
C LEU B 124 -32.77 28.69 -25.87
N ALA B 125 -33.34 29.88 -25.60
CA ALA B 125 -34.79 30.08 -25.53
C ALA B 125 -35.53 29.37 -26.65
N SER B 126 -35.19 29.67 -27.93
CA SER B 126 -35.82 29.06 -29.11
C SER B 126 -35.41 27.59 -29.31
N GLN B 127 -34.15 27.26 -28.98
CA GLN B 127 -33.64 25.91 -29.12
C GLN B 127 -34.38 24.88 -28.20
N ILE B 128 -34.75 25.27 -26.94
CA ILE B 128 -35.41 24.38 -25.95
C ILE B 128 -36.94 24.57 -25.88
N SER B 129 -37.47 25.63 -26.52
CA SER B 129 -38.90 25.98 -26.58
C SER B 129 -39.83 24.78 -26.84
N GLY B 130 -40.72 24.52 -25.90
CA GLY B 130 -41.68 23.43 -25.99
C GLY B 130 -41.17 22.03 -25.69
N LEU B 131 -39.85 21.88 -25.42
CA LEU B 131 -39.25 20.58 -25.11
C LEU B 131 -39.42 20.21 -23.62
N TYR B 132 -39.51 21.22 -22.75
CA TYR B 132 -39.83 21.02 -21.35
C TYR B 132 -40.93 22.02 -21.04
N LEU B 133 -41.84 21.66 -20.12
CA LEU B 133 -43.01 22.47 -19.82
C LEU B 133 -43.12 22.80 -18.36
N PRO B 134 -43.74 23.93 -17.97
CA PRO B 134 -43.91 24.19 -16.54
C PRO B 134 -44.89 23.22 -15.86
N TYR B 135 -45.90 22.78 -16.62
CA TYR B 135 -46.95 21.86 -16.19
C TYR B 135 -47.60 21.14 -17.40
N LYS B 136 -48.46 20.13 -17.12
CA LYS B 136 -49.19 19.36 -18.13
C LYS B 136 -50.46 18.76 -17.59
N VAL B 137 -51.61 19.25 -18.08
CA VAL B 137 -52.92 18.74 -17.68
C VAL B 137 -53.14 17.42 -18.42
N LEU B 138 -53.25 16.33 -17.64
CA LEU B 138 -53.37 14.98 -18.17
C LEU B 138 -54.73 14.38 -17.96
N PRO B 139 -55.31 13.78 -19.01
CA PRO B 139 -56.62 13.13 -18.84
C PRO B 139 -56.44 11.81 -18.08
N VAL B 140 -57.19 11.62 -16.98
CA VAL B 140 -57.20 10.39 -16.19
C VAL B 140 -58.68 10.05 -16.07
N GLY B 141 -59.13 9.13 -16.91
CA GLY B 141 -60.54 8.75 -16.96
C GLY B 141 -61.38 9.88 -17.51
N ASP B 142 -62.41 10.28 -16.77
CA ASP B 142 -63.32 11.39 -17.12
C ASP B 142 -62.84 12.69 -16.46
N GLU B 143 -61.76 12.60 -15.67
CA GLU B 143 -61.20 13.73 -14.96
C GLU B 143 -59.90 14.18 -15.58
N VAL B 144 -59.42 15.32 -15.11
CA VAL B 144 -58.11 15.83 -15.50
C VAL B 144 -57.31 16.14 -14.23
N VAL B 145 -56.00 15.86 -14.29
CA VAL B 145 -55.06 16.11 -13.20
C VAL B 145 -53.90 16.95 -13.74
N GLY B 146 -53.69 18.09 -13.11
CA GLY B 146 -52.58 18.96 -13.44
C GLY B 146 -51.33 18.52 -12.70
N ILE B 147 -50.20 18.31 -13.43
CA ILE B 147 -48.90 17.95 -12.83
C ILE B 147 -47.98 19.12 -13.08
N VAL B 148 -47.53 19.80 -12.02
CA VAL B 148 -46.65 20.96 -12.16
C VAL B 148 -45.23 20.64 -11.63
N GLY B 149 -44.21 20.78 -12.50
CA GLY B 149 -42.82 20.50 -12.17
C GLY B 149 -42.07 21.56 -11.37
N TYR B 150 -40.88 21.19 -10.81
CA TYR B 150 -39.90 22.06 -10.12
C TYR B 150 -38.53 21.33 -9.96
N THR B 151 -37.43 22.09 -10.07
CA THR B 151 -36.05 21.60 -9.97
C THR B 151 -35.29 22.48 -9.00
N SER B 152 -34.44 21.87 -8.15
CA SER B 152 -33.59 22.55 -7.17
C SER B 152 -32.97 23.82 -7.69
N LYS B 153 -33.18 24.90 -6.94
CA LYS B 153 -32.64 26.26 -7.15
C LYS B 153 -31.09 26.19 -7.18
N GLU B 154 -30.50 25.19 -6.47
CA GLU B 154 -29.06 24.89 -6.31
C GLU B 154 -28.39 24.20 -7.51
N THR B 155 -29.17 23.81 -8.56
CA THR B 155 -28.68 23.07 -9.74
C THR B 155 -27.45 23.74 -10.41
N PRO B 156 -27.33 25.09 -10.52
CA PRO B 156 -26.11 25.64 -11.15
C PRO B 156 -24.79 25.25 -10.45
N PHE B 157 -24.83 24.95 -9.12
CA PHE B 157 -23.69 24.53 -8.29
C PHE B 157 -23.55 23.03 -8.21
N LEU B 158 -24.61 22.27 -8.52
CA LEU B 158 -24.56 20.81 -8.44
C LEU B 158 -24.31 20.16 -9.79
N SER B 159 -24.71 20.81 -10.89
CA SER B 159 -24.53 20.22 -12.21
C SER B 159 -23.97 21.21 -13.25
N ASN B 160 -24.21 20.95 -14.55
CA ASN B 160 -23.72 21.82 -15.64
C ASN B 160 -24.86 22.35 -16.53
N PRO B 161 -25.84 23.11 -15.96
CA PRO B 161 -26.92 23.61 -16.82
C PRO B 161 -26.48 24.70 -17.80
N GLY B 162 -25.37 25.36 -17.51
CA GLY B 162 -24.88 26.43 -18.37
C GLY B 162 -25.37 27.78 -17.91
N THR B 163 -25.03 28.83 -18.67
CA THR B 163 -25.34 30.21 -18.33
C THR B 163 -26.69 30.73 -18.83
N ASN B 164 -27.31 30.06 -19.83
CA ASN B 164 -28.59 30.52 -20.37
C ASN B 164 -29.82 29.87 -19.71
N LEU B 165 -29.63 29.21 -18.57
CA LEU B 165 -30.74 28.66 -17.82
C LEU B 165 -30.78 29.33 -16.46
N VAL B 166 -31.91 29.95 -16.13
CA VAL B 166 -32.09 30.63 -14.84
C VAL B 166 -32.98 29.77 -13.97
N PHE B 167 -32.51 29.49 -12.74
CA PHE B 167 -33.21 28.69 -11.74
C PHE B 167 -33.86 29.59 -10.68
N GLU B 168 -35.13 29.90 -10.89
CA GLU B 168 -35.95 30.73 -10.00
C GLU B 168 -36.27 29.96 -8.70
N ASP B 169 -36.62 30.69 -7.62
CA ASP B 169 -37.05 30.09 -6.35
C ASP B 169 -38.31 29.25 -6.66
N GLU B 170 -38.38 28.04 -6.12
CA GLU B 170 -39.47 27.11 -6.40
C GLU B 170 -40.85 27.68 -6.03
N ILE B 171 -41.01 28.14 -4.77
CA ILE B 171 -42.30 28.67 -4.28
C ILE B 171 -42.81 29.84 -5.14
N THR B 172 -41.96 30.83 -5.43
CA THR B 172 -42.26 32.00 -6.27
C THR B 172 -42.67 31.58 -7.71
N ALA B 173 -41.97 30.61 -8.30
CA ALA B 173 -42.30 30.17 -9.66
C ALA B 173 -43.57 29.33 -9.72
N LEU B 174 -43.82 28.48 -8.70
CA LEU B 174 -44.96 27.58 -8.67
C LEU B 174 -46.30 28.26 -8.49
N GLN B 175 -46.37 29.28 -7.60
CA GLN B 175 -47.64 29.93 -7.31
C GLN B 175 -48.43 30.41 -8.58
N PRO B 176 -47.82 31.14 -9.55
CA PRO B 176 -48.61 31.57 -10.73
C PRO B 176 -49.15 30.42 -11.58
N GLU B 177 -48.37 29.34 -11.73
CA GLU B 177 -48.74 28.20 -12.55
C GLU B 177 -49.89 27.43 -11.94
N VAL B 178 -49.86 27.22 -10.61
CA VAL B 178 -50.94 26.52 -9.88
C VAL B 178 -52.20 27.41 -9.97
N ASP B 179 -52.02 28.73 -9.74
CA ASP B 179 -53.12 29.70 -9.82
C ASP B 179 -53.74 29.68 -11.22
N LYS B 180 -52.89 29.57 -12.29
CA LYS B 180 -53.35 29.50 -13.68
C LYS B 180 -54.14 28.21 -13.95
N LEU B 181 -53.64 27.06 -13.46
CA LEU B 181 -54.31 25.76 -13.58
C LEU B 181 -55.73 25.80 -12.99
N LYS B 182 -55.90 26.44 -11.81
CA LYS B 182 -57.21 26.57 -11.17
C LYS B 182 -58.16 27.41 -12.01
N THR B 183 -57.64 28.37 -12.80
CA THR B 183 -58.49 29.19 -13.67
C THR B 183 -58.94 28.41 -14.91
N LEU B 184 -58.15 27.40 -15.32
CA LEU B 184 -58.44 26.54 -16.46
C LEU B 184 -59.33 25.34 -16.00
N ASN B 185 -59.93 25.48 -14.78
CA ASN B 185 -60.82 24.53 -14.14
C ASN B 185 -60.16 23.17 -13.87
N VAL B 186 -58.90 23.20 -13.37
CA VAL B 186 -58.15 22.01 -12.93
C VAL B 186 -58.13 22.10 -11.41
N ASN B 187 -58.87 21.20 -10.73
CA ASN B 187 -59.04 21.22 -9.26
C ASN B 187 -58.18 20.20 -8.48
N LYS B 188 -57.54 19.27 -9.22
CA LYS B 188 -56.66 18.24 -8.69
C LYS B 188 -55.25 18.51 -9.26
N ILE B 189 -54.33 18.98 -8.41
CA ILE B 189 -52.98 19.38 -8.82
C ILE B 189 -51.92 18.66 -8.02
N ILE B 190 -50.91 18.11 -8.70
CA ILE B 190 -49.77 17.42 -8.11
C ILE B 190 -48.53 18.28 -8.38
N ALA B 191 -47.72 18.52 -7.35
CA ALA B 191 -46.44 19.22 -7.51
C ALA B 191 -45.36 18.12 -7.50
N LEU B 192 -44.78 17.83 -8.68
CA LEU B 192 -43.75 16.81 -8.90
C LEU B 192 -42.44 17.54 -9.10
N GLY B 193 -41.43 17.22 -8.30
CA GLY B 193 -40.17 17.93 -8.42
C GLY B 193 -38.99 17.40 -7.62
N HIS B 194 -37.81 17.97 -7.89
CA HIS B 194 -36.50 17.58 -7.38
C HIS B 194 -35.76 18.70 -6.64
N SER B 195 -36.10 18.89 -5.36
CA SER B 195 -35.54 19.95 -4.50
C SER B 195 -35.16 19.50 -3.09
N GLY B 196 -35.64 18.32 -2.66
CA GLY B 196 -35.37 17.78 -1.32
C GLY B 196 -36.57 17.86 -0.41
N PHE B 197 -36.66 16.95 0.58
CA PHE B 197 -37.76 16.84 1.56
C PHE B 197 -38.09 18.19 2.29
N GLU B 198 -37.07 18.98 2.66
CA GLU B 198 -37.27 20.27 3.34
C GLU B 198 -38.01 21.24 2.46
N MET B 199 -37.60 21.36 1.15
CA MET B 199 -38.25 22.23 0.17
C MET B 199 -39.65 21.71 -0.11
N ASP B 200 -39.80 20.37 -0.36
CA ASP B 200 -41.09 19.69 -0.58
C ASP B 200 -42.07 20.09 0.53
N LYS B 201 -41.65 20.06 1.79
CA LYS B 201 -42.54 20.48 2.86
C LYS B 201 -42.91 21.97 2.75
N LEU B 202 -41.95 22.84 2.42
CA LEU B 202 -42.20 24.27 2.23
C LEU B 202 -43.18 24.53 1.09
N ILE B 203 -43.08 23.74 -0.03
CA ILE B 203 -44.01 23.86 -1.16
C ILE B 203 -45.44 23.55 -0.68
N ALA B 204 -45.61 22.41 0.03
CA ALA B 204 -46.87 21.98 0.61
C ALA B 204 -47.41 23.00 1.63
N GLN B 205 -46.50 23.72 2.30
CA GLN B 205 -46.88 24.70 3.31
C GLN B 205 -47.29 26.05 2.73
N LYS B 206 -46.58 26.49 1.69
CA LYS B 206 -46.69 27.84 1.16
C LYS B 206 -47.41 27.98 -0.20
N VAL B 207 -47.39 26.95 -1.07
CA VAL B 207 -48.00 27.05 -2.39
C VAL B 207 -49.48 26.69 -2.32
N ARG B 208 -50.34 27.73 -2.41
CA ARG B 208 -51.80 27.60 -2.38
C ARG B 208 -52.27 26.89 -3.63
N GLY B 209 -53.03 25.82 -3.44
CA GLY B 209 -53.60 25.04 -4.54
C GLY B 209 -53.01 23.66 -4.75
N VAL B 210 -51.80 23.42 -4.24
CA VAL B 210 -51.13 22.11 -4.37
C VAL B 210 -51.91 21.06 -3.57
N ASP B 211 -52.38 20.02 -4.24
CA ASP B 211 -53.12 18.96 -3.57
C ASP B 211 -52.18 17.90 -3.03
N VAL B 212 -51.08 17.58 -3.75
CA VAL B 212 -50.10 16.56 -3.31
C VAL B 212 -48.71 16.97 -3.74
N VAL B 213 -47.67 16.71 -2.92
CA VAL B 213 -46.26 16.95 -3.31
C VAL B 213 -45.53 15.59 -3.48
N VAL B 214 -44.95 15.35 -4.67
CA VAL B 214 -44.14 14.17 -4.97
C VAL B 214 -42.72 14.68 -5.21
N GLY B 215 -41.79 14.29 -4.34
CA GLY B 215 -40.43 14.80 -4.39
C GLY B 215 -39.32 13.81 -4.59
N GLY B 216 -38.09 14.34 -4.51
CA GLY B 216 -36.84 13.60 -4.67
C GLY B 216 -35.66 14.37 -4.11
N HIS B 217 -34.43 14.10 -4.62
CA HIS B 217 -33.16 14.76 -4.25
C HIS B 217 -32.52 14.27 -2.93
N SER B 218 -33.27 14.36 -1.82
CA SER B 218 -32.85 13.95 -0.48
C SER B 218 -32.86 12.46 -0.22
N ASN B 219 -33.24 11.64 -1.23
CA ASN B 219 -33.33 10.15 -1.12
C ASN B 219 -34.14 9.78 0.13
N THR B 220 -35.19 10.54 0.41
CA THR B 220 -36.02 10.39 1.62
C THR B 220 -36.85 9.14 1.59
N PHE B 221 -36.75 8.38 2.66
CA PHE B 221 -37.53 7.19 2.83
C PHE B 221 -38.54 7.48 3.93
N LEU B 222 -39.83 7.49 3.53
CA LEU B 222 -40.96 7.62 4.41
C LEU B 222 -41.66 6.23 4.41
N TYR B 223 -42.10 5.78 5.61
CA TYR B 223 -42.81 4.51 5.78
C TYR B 223 -43.72 4.53 6.97
N THR B 224 -44.87 3.85 6.84
CA THR B 224 -45.86 3.72 7.91
C THR B 224 -45.83 2.27 8.37
N GLY B 225 -45.35 2.05 9.58
CA GLY B 225 -45.25 0.73 10.17
C GLY B 225 -43.83 0.23 10.20
N ASN B 226 -43.66 -1.09 10.30
CA ASN B 226 -42.35 -1.70 10.33
C ASN B 226 -41.80 -1.83 8.92
N PRO B 227 -40.67 -1.11 8.61
CA PRO B 227 -40.14 -1.12 7.23
C PRO B 227 -39.69 -2.50 6.74
N PRO B 228 -39.66 -2.73 5.41
CA PRO B 228 -39.33 -4.08 4.90
C PRO B 228 -37.87 -4.42 4.65
N SER B 229 -36.97 -3.41 4.62
CA SER B 229 -35.53 -3.55 4.33
C SER B 229 -34.67 -2.78 5.36
N LYS B 230 -33.41 -2.44 5.03
CA LYS B 230 -32.46 -1.75 5.90
C LYS B 230 -32.67 -0.23 6.03
N GLU B 231 -33.52 0.36 5.20
CA GLU B 231 -33.70 1.81 5.27
C GLU B 231 -34.51 2.24 6.48
N VAL B 232 -34.07 3.31 7.13
CA VAL B 232 -34.75 3.82 8.32
C VAL B 232 -35.61 5.01 7.95
N PRO B 233 -36.95 4.90 8.17
CA PRO B 233 -37.84 6.01 7.78
C PRO B 233 -37.62 7.32 8.53
N ALA B 234 -37.65 8.43 7.76
CA ALA B 234 -37.53 9.82 8.24
C ALA B 234 -38.86 10.28 8.79
N GLY B 235 -39.90 9.51 8.50
CA GLY B 235 -41.26 9.83 8.90
C GLY B 235 -42.25 8.86 8.29
N LYS B 236 -43.53 9.11 8.54
CA LYS B 236 -44.59 8.27 8.03
C LYS B 236 -44.85 8.54 6.57
N TYR B 237 -45.40 7.53 5.87
CA TYR B 237 -45.78 7.67 4.48
C TYR B 237 -47.32 7.70 4.40
N PRO B 238 -47.92 8.77 3.88
CA PRO B 238 -47.31 10.05 3.46
C PRO B 238 -47.03 10.96 4.65
N PHE B 239 -46.11 11.89 4.49
CA PHE B 239 -45.84 12.86 5.56
C PHE B 239 -46.86 14.00 5.40
N ILE B 240 -47.62 14.29 6.44
CA ILE B 240 -48.68 15.31 6.31
C ILE B 240 -48.26 16.72 6.76
N VAL B 241 -48.39 17.69 5.84
CA VAL B 241 -48.10 19.08 6.14
C VAL B 241 -49.39 19.86 6.34
N THR B 242 -49.43 20.75 7.33
CA THR B 242 -50.58 21.65 7.47
C THR B 242 -50.18 22.97 6.80
N SER B 243 -50.87 23.31 5.69
CA SER B 243 -50.58 24.49 4.89
C SER B 243 -50.94 25.77 5.66
N ASP B 244 -50.35 26.90 5.25
CA ASP B 244 -50.60 28.20 5.85
C ASP B 244 -52.06 28.63 5.66
N ASP B 245 -52.75 28.05 4.64
CA ASP B 245 -54.18 28.24 4.33
C ASP B 245 -55.04 27.13 5.04
N GLY B 246 -54.41 26.39 5.97
CA GLY B 246 -55.01 25.39 6.84
C GLY B 246 -55.41 24.04 6.27
N ARG B 247 -54.78 23.62 5.18
CA ARG B 247 -55.13 22.37 4.50
C ARG B 247 -54.12 21.28 4.79
N LYS B 248 -54.58 20.01 4.82
CA LYS B 248 -53.67 18.88 5.03
C LYS B 248 -53.12 18.47 3.67
N VAL B 249 -51.80 18.56 3.48
CA VAL B 249 -51.15 18.27 2.20
C VAL B 249 -50.21 17.07 2.36
N PRO B 250 -50.52 15.90 1.74
CA PRO B 250 -49.58 14.76 1.83
C PRO B 250 -48.34 15.02 1.00
N VAL B 251 -47.16 14.79 1.58
CA VAL B 251 -45.86 14.97 0.90
C VAL B 251 -45.25 13.59 0.80
N VAL B 252 -44.79 13.17 -0.39
CA VAL B 252 -44.18 11.84 -0.55
C VAL B 252 -42.81 11.86 -1.28
N GLN B 253 -42.03 10.80 -1.03
CA GLN B 253 -40.74 10.51 -1.63
C GLN B 253 -40.58 8.99 -1.54
N ALA B 254 -39.88 8.38 -2.50
CA ALA B 254 -39.74 6.92 -2.55
C ALA B 254 -38.30 6.45 -2.50
N TYR B 255 -37.52 6.98 -1.55
CA TYR B 255 -36.11 6.65 -1.32
C TYR B 255 -35.24 6.91 -2.60
N ALA B 256 -34.65 5.87 -3.22
CA ALA B 256 -33.77 6.00 -4.39
C ALA B 256 -33.41 4.65 -5.02
N PHE B 257 -32.78 4.73 -6.21
CA PHE B 257 -32.19 3.65 -7.00
C PHE B 257 -33.17 2.57 -7.41
N GLY B 258 -34.43 2.95 -7.55
CA GLY B 258 -35.52 2.06 -7.96
C GLY B 258 -35.73 0.84 -7.09
N LYS B 259 -35.29 0.89 -5.81
CA LYS B 259 -35.46 -0.20 -4.85
C LYS B 259 -36.96 -0.30 -4.46
N TYR B 260 -37.59 0.86 -4.27
CA TYR B 260 -38.99 0.95 -3.87
C TYR B 260 -39.81 1.63 -4.94
N LEU B 261 -41.11 1.30 -4.99
CA LEU B 261 -42.07 1.96 -5.85
C LEU B 261 -43.05 2.71 -4.94
N GLY B 262 -42.99 4.04 -4.92
CA GLY B 262 -43.88 4.87 -4.12
C GLY B 262 -45.31 4.64 -4.55
N TYR B 263 -46.19 4.35 -3.59
CA TYR B 263 -47.58 3.99 -3.79
C TYR B 263 -48.41 4.83 -2.86
N LEU B 264 -49.21 5.74 -3.39
CA LEU B 264 -50.07 6.62 -2.61
C LEU B 264 -51.51 6.69 -3.11
N LYS B 265 -52.47 6.28 -2.29
CA LYS B 265 -53.90 6.37 -2.60
C LYS B 265 -54.52 7.70 -2.10
N ILE B 266 -55.14 8.42 -3.03
CA ILE B 266 -55.81 9.68 -2.70
C ILE B 266 -57.28 9.63 -3.14
N GLU B 267 -58.15 10.10 -2.26
CA GLU B 267 -59.54 10.28 -2.58
C GLU B 267 -59.81 11.80 -2.53
N PHE B 268 -60.45 12.33 -3.57
CA PHE B 268 -60.79 13.74 -3.67
C PHE B 268 -62.32 13.89 -3.61
N ASP B 269 -62.83 15.09 -3.20
CA ASP B 269 -64.25 15.37 -3.23
C ASP B 269 -64.58 15.93 -4.65
N GLU B 270 -65.85 16.25 -4.96
CA GLU B 270 -66.20 16.77 -6.27
C GLU B 270 -65.39 18.05 -6.64
N ARG B 271 -64.96 18.82 -5.62
CA ARG B 271 -64.23 20.07 -5.79
C ARG B 271 -62.71 19.89 -5.91
N GLY B 272 -62.26 18.64 -5.84
CA GLY B 272 -60.85 18.27 -5.95
C GLY B 272 -60.07 18.39 -4.67
N ASN B 273 -60.75 18.27 -3.53
CA ASN B 273 -60.12 18.35 -2.22
C ASN B 273 -59.77 16.97 -1.73
N VAL B 274 -58.56 16.81 -1.18
CA VAL B 274 -58.09 15.55 -0.62
C VAL B 274 -58.92 15.22 0.62
N ILE B 275 -59.69 14.13 0.54
CA ILE B 275 -60.53 13.66 1.63
C ILE B 275 -59.95 12.40 2.27
N SER B 276 -58.94 11.77 1.62
CA SER B 276 -58.32 10.54 2.14
C SER B 276 -56.92 10.31 1.59
N SER B 277 -55.96 9.93 2.45
CA SER B 277 -54.60 9.63 1.95
C SER B 277 -53.93 8.53 2.74
N HIS B 278 -53.51 7.49 2.03
CA HIS B 278 -52.80 6.38 2.64
C HIS B 278 -51.85 5.81 1.59
N GLY B 279 -51.02 4.87 2.00
CA GLY B 279 -50.08 4.22 1.09
C GLY B 279 -48.77 3.88 1.77
N ASN B 280 -47.79 3.41 0.99
CA ASN B 280 -46.43 3.06 1.45
C ASN B 280 -45.61 2.70 0.24
N PRO B 281 -44.29 2.90 0.25
CA PRO B 281 -43.47 2.42 -0.88
C PRO B 281 -43.43 0.88 -0.90
N ILE B 282 -43.46 0.29 -2.11
CA ILE B 282 -43.45 -1.16 -2.35
C ILE B 282 -42.00 -1.65 -2.56
N LEU B 283 -41.51 -2.53 -1.71
CA LEU B 283 -40.14 -3.04 -1.88
C LEU B 283 -40.09 -3.96 -3.09
N LEU B 284 -39.28 -3.58 -4.10
CA LEU B 284 -39.20 -4.37 -5.32
C LEU B 284 -38.18 -5.50 -5.16
N ASN B 285 -38.56 -6.55 -4.43
CA ASN B 285 -37.71 -7.71 -4.18
C ASN B 285 -38.04 -8.89 -5.11
N SER B 286 -37.19 -9.91 -5.12
CA SER B 286 -37.26 -11.12 -5.96
C SER B 286 -38.63 -11.80 -6.01
N SER B 287 -39.52 -11.54 -5.03
CA SER B 287 -40.90 -12.05 -5.03
C SER B 287 -41.63 -11.55 -6.27
N ILE B 288 -41.43 -10.26 -6.63
CA ILE B 288 -41.99 -9.68 -7.86
C ILE B 288 -41.09 -10.15 -9.01
N PRO B 289 -41.58 -10.97 -9.96
CA PRO B 289 -40.68 -11.41 -11.05
C PRO B 289 -40.36 -10.26 -12.02
N GLU B 290 -39.24 -10.37 -12.72
CA GLU B 290 -38.87 -9.38 -13.73
C GLU B 290 -39.67 -9.71 -14.99
N ASP B 291 -40.14 -8.68 -15.70
CA ASP B 291 -40.87 -8.86 -16.95
C ASP B 291 -39.95 -9.48 -17.99
N PRO B 292 -40.36 -10.64 -18.56
CA PRO B 292 -39.48 -11.33 -19.53
C PRO B 292 -39.10 -10.50 -20.76
N SER B 293 -40.07 -9.74 -21.33
CA SER B 293 -39.82 -8.86 -22.49
C SER B 293 -38.84 -7.72 -22.16
N ILE B 294 -39.04 -7.01 -21.02
CA ILE B 294 -38.13 -5.94 -20.58
C ILE B 294 -36.74 -6.54 -20.22
N LYS B 295 -36.71 -7.77 -19.66
CA LYS B 295 -35.44 -8.41 -19.32
C LYS B 295 -34.65 -8.76 -20.58
N ALA B 296 -35.35 -9.26 -21.60
CA ALA B 296 -34.72 -9.59 -22.88
C ALA B 296 -34.15 -8.33 -23.52
N ASP B 297 -34.86 -7.18 -23.33
CA ASP B 297 -34.46 -5.88 -23.85
C ASP B 297 -33.23 -5.34 -23.15
N ILE B 298 -33.24 -5.37 -21.80
CA ILE B 298 -32.12 -4.96 -20.95
C ILE B 298 -30.87 -5.78 -21.33
N ASN B 299 -31.04 -7.10 -21.52
CA ASN B 299 -29.97 -7.99 -21.94
C ASN B 299 -29.38 -7.63 -23.29
N LYS B 300 -30.23 -7.25 -24.27
CA LYS B 300 -29.79 -6.83 -25.61
C LYS B 300 -28.88 -5.60 -25.49
N TRP B 301 -29.31 -4.61 -24.68
CA TRP B 301 -28.61 -3.37 -24.37
C TRP B 301 -27.35 -3.58 -23.48
N ARG B 302 -27.31 -4.66 -22.67
CA ARG B 302 -26.19 -4.96 -21.75
C ARG B 302 -24.89 -5.38 -22.47
N ILE B 303 -24.98 -5.92 -23.71
CA ILE B 303 -23.80 -6.39 -24.48
C ILE B 303 -22.70 -5.30 -24.63
N LYS B 304 -23.08 -4.08 -25.07
CA LYS B 304 -22.20 -2.93 -25.25
C LYS B 304 -21.51 -2.48 -23.92
N LEU B 305 -22.01 -3.00 -22.78
CA LEU B 305 -21.49 -2.64 -21.46
C LEU B 305 -20.45 -3.60 -20.84
N ASP B 306 -20.41 -4.84 -21.33
CA ASP B 306 -19.59 -5.92 -20.83
C ASP B 306 -18.05 -5.69 -20.85
N ASN B 307 -17.55 -4.65 -21.57
CA ASN B 307 -16.12 -4.22 -21.65
C ASN B 307 -15.56 -3.80 -20.25
N TYR B 308 -16.44 -3.22 -19.36
CA TYR B 308 -16.05 -2.72 -18.01
C TYR B 308 -16.01 -3.76 -16.86
N SER B 309 -16.24 -5.05 -17.17
CA SER B 309 -16.38 -6.15 -16.19
C SER B 309 -15.42 -7.29 -16.42
N THR B 310 -14.53 -7.14 -17.46
CA THR B 310 -13.64 -8.14 -18.04
C THR B 310 -12.26 -8.19 -17.41
N GLN B 311 -12.05 -7.44 -16.33
CA GLN B 311 -10.75 -7.37 -15.65
C GLN B 311 -10.90 -6.88 -14.21
N GLU B 312 -10.22 -7.58 -13.30
CA GLU B 312 -10.13 -7.30 -11.87
C GLU B 312 -9.01 -6.27 -11.63
N LEU B 313 -9.33 -5.13 -11.00
CA LEU B 313 -8.34 -4.09 -10.70
C LEU B 313 -7.48 -4.49 -9.49
N GLY B 314 -8.14 -5.07 -8.52
CA GLY B 314 -7.58 -5.57 -7.28
C GLY B 314 -8.70 -6.17 -6.45
N LYS B 315 -8.41 -6.37 -5.17
CA LYS B 315 -9.37 -6.93 -4.22
C LYS B 315 -9.52 -6.06 -2.99
N THR B 316 -10.69 -6.16 -2.36
CA THR B 316 -11.06 -5.54 -1.09
C THR B 316 -11.48 -6.65 -0.13
N ILE B 317 -10.97 -6.63 1.12
CA ILE B 317 -11.36 -7.65 2.10
C ILE B 317 -12.45 -7.11 3.04
N VAL B 318 -12.71 -5.78 2.91
CA VAL B 318 -13.69 -5.04 3.67
C VAL B 318 -14.82 -4.53 2.74
N TYR B 319 -15.99 -4.26 3.31
CA TYR B 319 -17.06 -3.65 2.56
C TYR B 319 -16.68 -2.18 2.36
N LEU B 320 -16.76 -1.72 1.12
CA LEU B 320 -16.39 -0.34 0.81
C LEU B 320 -17.64 0.52 0.86
N ASP B 321 -17.83 1.19 2.01
CA ASP B 321 -19.02 1.96 2.29
C ASP B 321 -19.05 3.35 1.66
N GLY B 322 -19.64 3.38 0.47
CA GLY B 322 -19.89 4.56 -0.36
C GLY B 322 -21.37 4.88 -0.45
N SER B 323 -22.10 4.59 0.65
CA SER B 323 -23.54 4.87 0.74
C SER B 323 -23.70 6.32 1.25
N SER B 324 -24.70 7.05 0.74
CA SER B 324 -24.92 8.45 1.10
C SER B 324 -25.28 8.61 2.57
N GLN B 325 -25.96 7.60 3.16
CA GLN B 325 -26.34 7.59 4.57
C GLN B 325 -25.11 7.65 5.44
N SER B 326 -23.98 7.10 4.94
CA SER B 326 -22.75 7.20 5.71
C SER B 326 -21.90 8.39 5.25
N CYS B 327 -21.48 8.47 3.95
CA CYS B 327 -20.56 9.50 3.40
C CYS B 327 -21.06 10.95 3.47
N ARG B 328 -22.39 11.17 3.58
CA ARG B 328 -22.87 12.54 3.69
C ARG B 328 -23.12 12.90 5.15
N PHE B 329 -22.86 11.94 6.07
CA PHE B 329 -23.15 12.14 7.48
C PHE B 329 -21.94 12.05 8.39
N ARG B 330 -21.00 11.18 8.03
CA ARG B 330 -19.83 10.95 8.86
C ARG B 330 -18.70 10.37 8.03
N GLU B 331 -17.55 10.15 8.66
CA GLU B 331 -16.39 9.54 8.03
C GLU B 331 -16.79 8.15 7.46
N CYS B 332 -16.49 7.91 6.19
CA CYS B 332 -16.77 6.61 5.60
C CYS B 332 -15.48 6.06 5.01
N ASN B 333 -15.32 4.74 5.01
CA ASN B 333 -14.08 4.10 4.59
C ASN B 333 -13.83 4.20 3.07
N MET B 334 -14.87 4.43 2.26
CA MET B 334 -14.71 4.67 0.82
C MET B 334 -14.09 6.06 0.68
N GLY B 335 -14.58 7.03 1.48
CA GLY B 335 -14.07 8.40 1.46
C GLY B 335 -12.58 8.43 1.74
N ASN B 336 -12.16 7.63 2.74
CA ASN B 336 -10.79 7.46 3.14
C ASN B 336 -9.94 6.88 2.04
N LEU B 337 -10.42 5.83 1.35
CA LEU B 337 -9.71 5.17 0.25
C LEU B 337 -9.46 6.13 -0.87
N ILE B 338 -10.48 6.88 -1.30
CA ILE B 338 -10.35 7.84 -2.40
C ILE B 338 -9.33 8.92 -2.05
N CYS B 339 -9.38 9.45 -0.82
CA CYS B 339 -8.42 10.47 -0.40
C CYS B 339 -6.99 9.95 -0.33
N ASP B 340 -6.80 8.69 0.16
CA ASP B 340 -5.51 7.99 0.22
C ASP B 340 -4.99 7.74 -1.19
N ALA B 341 -5.90 7.44 -2.14
CA ALA B 341 -5.64 7.25 -3.58
C ALA B 341 -5.21 8.58 -4.16
N MET B 342 -5.89 9.68 -3.75
CA MET B 342 -5.65 11.05 -4.17
C MET B 342 -4.26 11.54 -3.80
N ILE B 343 -3.83 11.33 -2.55
CA ILE B 343 -2.50 11.77 -2.08
C ILE B 343 -1.35 10.90 -2.68
N ASN B 344 -1.58 9.61 -2.84
CA ASN B 344 -0.61 8.69 -3.41
C ASN B 344 -0.27 9.04 -4.86
N ASN B 345 -1.23 9.61 -5.60
CA ASN B 345 -1.06 10.02 -7.00
C ASN B 345 -0.13 11.22 -7.10
N ASN B 346 -0.17 12.10 -6.09
CA ASN B 346 0.61 13.34 -6.07
C ASN B 346 1.95 13.23 -5.33
N LEU B 347 2.61 12.06 -5.41
CA LEU B 347 3.91 11.90 -4.78
C LEU B 347 4.97 12.39 -5.74
N ARG B 348 5.49 13.59 -5.45
CA ARG B 348 6.52 14.26 -6.23
C ARG B 348 7.75 14.39 -5.35
N HIS B 349 8.81 13.71 -5.75
CA HIS B 349 10.10 13.70 -5.04
C HIS B 349 10.90 14.90 -5.55
N THR B 350 10.74 16.03 -4.83
CA THR B 350 11.41 17.30 -5.09
C THR B 350 11.80 17.89 -3.75
N ASP B 351 13.08 18.29 -3.59
CA ASP B 351 13.62 18.92 -2.39
C ASP B 351 13.60 18.06 -1.10
N GLU B 352 14.37 18.54 -0.12
CA GLU B 352 14.43 18.04 1.25
C GLU B 352 13.49 19.02 1.96
N MET B 353 13.47 19.07 3.31
CA MET B 353 12.58 19.96 4.09
C MET B 353 11.14 19.45 4.05
N PHE B 354 10.58 19.25 2.83
CA PHE B 354 9.24 18.68 2.60
C PHE B 354 9.37 17.20 2.27
N TRP B 355 8.59 16.34 2.95
CA TRP B 355 8.59 14.90 2.69
C TRP B 355 7.85 14.64 1.37
N ASN B 356 6.88 15.52 1.07
CA ASN B 356 6.04 15.58 -0.12
C ASN B 356 5.40 16.97 -0.17
N HIS B 357 5.23 17.53 -1.37
CA HIS B 357 4.67 18.88 -1.50
C HIS B 357 3.21 19.02 -0.99
N VAL B 358 2.42 17.92 -1.00
CA VAL B 358 1.03 17.95 -0.53
C VAL B 358 0.72 16.75 0.39
N SER B 359 0.05 17.00 1.54
CA SER B 359 -0.31 15.95 2.50
C SER B 359 -1.82 15.85 2.75
N MET B 360 -2.60 16.86 2.27
CA MET B 360 -4.02 16.96 2.56
C MET B 360 -4.92 16.79 1.37
N CYS B 361 -6.07 16.15 1.63
CA CYS B 361 -7.13 15.83 0.68
C CYS B 361 -8.52 16.15 1.27
N ILE B 362 -9.44 16.64 0.44
CA ILE B 362 -10.85 16.92 0.77
C ILE B 362 -11.73 16.47 -0.39
N LEU B 363 -12.78 15.73 -0.09
CA LEU B 363 -13.65 15.14 -1.08
C LEU B 363 -15.11 15.23 -0.63
N ASN B 364 -15.94 15.97 -1.38
CA ASN B 364 -17.35 16.11 -1.03
C ASN B 364 -18.04 14.73 -1.09
N GLY B 365 -18.89 14.44 -0.10
CA GLY B 365 -19.60 13.17 0.03
C GLY B 365 -20.49 12.90 -1.16
N GLY B 366 -21.12 13.96 -1.67
CA GLY B 366 -21.96 13.94 -2.85
C GLY B 366 -21.27 13.47 -4.13
N GLY B 367 -19.93 13.32 -4.06
CA GLY B 367 -19.10 12.87 -5.16
C GLY B 367 -18.95 11.35 -5.18
N ILE B 368 -19.20 10.74 -4.00
CA ILE B 368 -19.15 9.29 -3.76
C ILE B 368 -20.59 8.82 -4.00
N ARG B 369 -20.79 8.08 -5.11
CA ARG B 369 -22.08 7.66 -5.60
C ARG B 369 -22.42 6.16 -5.50
N SER B 370 -21.63 5.34 -4.79
CA SER B 370 -21.97 3.92 -4.61
C SER B 370 -21.02 3.15 -3.68
N PRO B 371 -21.50 2.13 -2.93
CA PRO B 371 -20.58 1.28 -2.17
C PRO B 371 -20.02 0.17 -3.08
N ILE B 372 -19.01 -0.56 -2.60
CA ILE B 372 -18.47 -1.75 -3.29
C ILE B 372 -18.54 -2.93 -2.34
N ASP B 373 -19.22 -3.99 -2.76
CA ASP B 373 -19.34 -5.22 -1.97
C ASP B 373 -18.09 -6.08 -2.14
N GLU B 374 -17.62 -6.63 -1.02
CA GLU B 374 -16.42 -7.48 -0.95
C GLU B 374 -16.71 -9.01 -1.09
N ARG B 375 -17.98 -9.40 -1.27
CA ARG B 375 -18.35 -10.81 -1.22
C ARG B 375 -18.27 -11.60 -2.52
N ASN B 376 -17.85 -10.99 -3.67
CA ASN B 376 -17.66 -11.81 -4.88
C ASN B 376 -16.15 -12.04 -5.08
N ASN B 377 -15.56 -12.75 -4.09
CA ASN B 377 -14.12 -13.04 -3.98
C ASN B 377 -13.30 -11.70 -3.93
N GLY B 378 -13.92 -10.65 -3.37
CA GLY B 378 -13.34 -9.31 -3.19
C GLY B 378 -12.97 -8.55 -4.44
N THR B 379 -13.43 -8.98 -5.61
CA THR B 379 -13.07 -8.38 -6.91
C THR B 379 -13.63 -7.00 -7.10
N ILE B 380 -12.82 -6.08 -7.62
CA ILE B 380 -13.27 -4.74 -7.97
C ILE B 380 -13.04 -4.59 -9.47
N THR B 381 -14.10 -4.25 -10.21
CA THR B 381 -14.01 -4.03 -11.63
C THR B 381 -14.14 -2.53 -11.95
N TRP B 382 -13.83 -2.14 -13.21
CA TRP B 382 -13.99 -0.78 -13.71
C TRP B 382 -15.44 -0.34 -13.55
N GLU B 383 -16.36 -1.30 -13.73
CA GLU B 383 -17.80 -1.07 -13.58
C GLU B 383 -18.15 -0.72 -12.15
N ASN B 384 -17.70 -1.55 -11.20
CA ASN B 384 -17.87 -1.38 -9.77
C ASN B 384 -17.43 0.03 -9.37
N LEU B 385 -16.29 0.45 -9.92
CA LEU B 385 -15.66 1.73 -9.65
C LEU B 385 -16.36 2.91 -10.31
N ALA B 386 -16.89 2.71 -11.55
CA ALA B 386 -17.62 3.70 -12.35
C ALA B 386 -18.95 4.12 -11.71
N ALA B 387 -19.48 3.30 -10.79
CA ALA B 387 -20.71 3.64 -10.07
C ALA B 387 -20.35 4.53 -8.87
N VAL B 388 -19.10 4.45 -8.37
CA VAL B 388 -18.62 5.25 -7.25
C VAL B 388 -18.24 6.66 -7.75
N LEU B 389 -17.46 6.70 -8.87
CA LEU B 389 -16.98 7.92 -9.49
C LEU B 389 -17.43 8.01 -10.95
N PRO B 390 -18.68 8.48 -11.21
CA PRO B 390 -19.20 8.46 -12.59
C PRO B 390 -19.02 9.73 -13.42
N PHE B 391 -18.72 10.85 -12.76
CA PHE B 391 -18.68 12.18 -13.36
C PHE B 391 -17.55 12.49 -14.32
N GLY B 392 -16.57 11.61 -14.46
CA GLY B 392 -15.43 11.85 -15.35
C GLY B 392 -14.68 13.14 -15.06
N GLY B 393 -14.48 13.44 -13.79
CA GLY B 393 -13.78 14.64 -13.33
C GLY B 393 -12.31 14.37 -13.08
N THR B 394 -11.63 15.39 -12.54
CA THR B 394 -10.20 15.33 -12.22
C THR B 394 -9.96 15.65 -10.75
N PHE B 395 -8.82 15.16 -10.21
CA PHE B 395 -8.36 15.42 -8.83
C PHE B 395 -7.23 16.43 -8.92
N ASP B 396 -7.56 17.68 -8.58
CA ASP B 396 -6.73 18.86 -8.73
C ASP B 396 -5.96 19.28 -7.49
N LEU B 397 -4.88 20.05 -7.73
CA LEU B 397 -4.04 20.59 -6.67
C LEU B 397 -4.30 22.10 -6.52
N VAL B 398 -4.69 22.49 -5.31
CA VAL B 398 -4.98 23.89 -4.95
C VAL B 398 -4.18 24.38 -3.76
N GLN B 399 -4.00 25.70 -3.70
CA GLN B 399 -3.35 26.39 -2.61
C GLN B 399 -4.37 27.24 -1.91
N LEU B 400 -4.81 26.79 -0.72
CA LEU B 400 -5.79 27.51 0.09
C LEU B 400 -5.17 27.99 1.42
N LYS B 401 -5.56 29.20 1.90
CA LYS B 401 -5.16 29.71 3.21
C LYS B 401 -5.93 28.88 4.24
N GLY B 402 -5.44 28.79 5.47
CA GLY B 402 -6.12 28.06 6.56
C GLY B 402 -7.56 28.52 6.79
N SER B 403 -7.81 29.83 6.67
CA SER B 403 -9.12 30.45 6.83
C SER B 403 -10.10 29.92 5.78
N THR B 404 -9.67 29.84 4.50
CA THR B 404 -10.48 29.36 3.37
C THR B 404 -10.93 27.92 3.64
N LEU B 405 -9.98 27.09 4.13
CA LEU B 405 -10.20 25.69 4.45
C LEU B 405 -11.08 25.53 5.72
N LYS B 406 -10.97 26.47 6.67
CA LYS B 406 -11.81 26.45 7.88
C LYS B 406 -13.26 26.76 7.46
N LYS B 407 -13.46 27.76 6.56
CA LYS B 407 -14.76 28.16 5.99
C LYS B 407 -15.35 26.97 5.23
N ALA B 408 -14.48 26.24 4.48
CA ALA B 408 -14.84 25.04 3.72
C ALA B 408 -15.41 23.97 4.66
N PHE B 409 -14.75 23.75 5.81
CA PHE B 409 -15.21 22.80 6.78
C PHE B 409 -16.50 23.23 7.49
N GLU B 410 -16.77 24.55 7.59
CA GLU B 410 -18.00 25.07 8.18
C GLU B 410 -19.16 24.88 7.21
N HIS B 411 -18.89 25.09 5.91
CA HIS B 411 -19.90 24.90 4.86
C HIS B 411 -20.31 23.41 4.82
N SER B 412 -19.32 22.49 4.93
CA SER B 412 -19.50 21.03 4.96
C SER B 412 -20.63 20.58 5.89
N VAL B 413 -20.81 21.31 7.03
CA VAL B 413 -21.78 20.98 8.07
C VAL B 413 -22.83 22.09 8.40
N HIS B 414 -22.87 23.22 7.65
CA HIS B 414 -23.76 24.39 7.91
C HIS B 414 -25.29 24.08 7.96
N ARG B 415 -25.71 22.97 7.35
CA ARG B 415 -27.12 22.54 7.36
C ARG B 415 -27.19 21.03 7.50
N TYR B 416 -26.29 20.48 8.32
CA TYR B 416 -26.15 19.05 8.58
C TYR B 416 -27.48 18.38 8.93
N GLY B 417 -27.72 17.20 8.35
CA GLY B 417 -28.92 16.40 8.63
C GLY B 417 -29.88 16.21 7.49
N GLN B 418 -29.69 16.99 6.38
CA GLN B 418 -30.56 16.94 5.22
C GLN B 418 -30.09 15.99 4.13
N SER B 419 -28.99 15.24 4.38
CA SER B 419 -28.38 14.32 3.41
C SER B 419 -27.84 15.07 2.15
N THR B 420 -27.36 16.31 2.36
CA THR B 420 -26.77 17.18 1.34
C THR B 420 -25.37 16.72 0.96
N GLY B 421 -24.97 17.02 -0.25
CA GLY B 421 -23.70 16.55 -0.77
C GLY B 421 -22.43 17.19 -0.26
N GLU B 422 -22.54 18.38 0.39
CA GLU B 422 -21.35 19.15 0.77
C GLU B 422 -20.54 18.59 1.98
N PHE B 423 -21.03 17.52 2.69
CA PHE B 423 -20.23 16.91 3.80
C PHE B 423 -18.87 16.38 3.24
N LEU B 424 -17.73 16.76 3.86
CA LEU B 424 -16.39 16.42 3.32
C LEU B 424 -15.73 15.17 3.87
N GLN B 425 -15.20 14.36 2.98
CA GLN B 425 -14.40 13.22 3.37
C GLN B 425 -12.96 13.71 3.28
N VAL B 426 -12.09 13.26 4.20
CA VAL B 426 -10.77 13.83 4.27
C VAL B 426 -9.66 12.83 4.27
N GLY B 427 -8.47 13.37 4.12
CA GLY B 427 -7.21 12.66 4.15
C GLY B 427 -6.16 13.66 4.59
N GLY B 428 -5.37 13.29 5.60
CA GLY B 428 -4.31 14.13 6.12
C GLY B 428 -4.86 15.33 6.87
N ILE B 429 -6.10 15.22 7.29
CA ILE B 429 -6.82 16.21 8.09
C ILE B 429 -7.59 15.47 9.18
N HIS B 430 -7.56 16.01 10.42
CA HIS B 430 -8.29 15.49 11.57
C HIS B 430 -9.20 16.62 12.08
N VAL B 431 -10.49 16.53 11.76
CA VAL B 431 -11.51 17.51 12.13
C VAL B 431 -12.45 16.99 13.24
N VAL B 432 -12.87 17.92 14.11
CA VAL B 432 -13.83 17.67 15.19
C VAL B 432 -14.93 18.73 15.12
N TYR B 433 -16.20 18.29 15.08
CA TYR B 433 -17.36 19.15 15.03
C TYR B 433 -18.19 19.05 16.28
N ASP B 434 -18.86 20.16 16.60
CA ASP B 434 -19.87 20.27 17.64
C ASP B 434 -21.07 20.82 16.91
N LEU B 435 -21.91 19.91 16.41
CA LEU B 435 -23.09 20.23 15.60
C LEU B 435 -24.20 20.94 16.40
N SER B 436 -24.12 20.92 17.73
CA SER B 436 -25.08 21.61 18.58
C SER B 436 -24.86 23.13 18.47
N ARG B 437 -23.70 23.54 17.92
CA ARG B 437 -23.31 24.94 17.75
C ARG B 437 -24.00 25.55 16.55
N LYS B 438 -23.97 26.90 16.48
CA LYS B 438 -24.58 27.67 15.40
C LYS B 438 -23.81 27.45 14.09
N PRO B 439 -24.54 27.35 12.94
CA PRO B 439 -23.85 27.19 11.64
C PRO B 439 -22.84 28.30 11.42
N GLY B 440 -21.68 27.92 10.90
CA GLY B 440 -20.55 28.82 10.66
C GLY B 440 -19.56 28.79 11.81
N ASP B 441 -19.96 28.13 12.93
CA ASP B 441 -19.14 27.99 14.13
C ASP B 441 -19.23 26.57 14.73
N ARG B 442 -19.37 25.56 13.85
CA ARG B 442 -19.49 24.17 14.24
C ARG B 442 -18.14 23.44 14.35
N VAL B 443 -17.09 23.90 13.64
CA VAL B 443 -15.75 23.28 13.71
C VAL B 443 -15.08 23.64 15.05
N VAL B 444 -14.68 22.65 15.88
CA VAL B 444 -14.08 22.92 17.18
C VAL B 444 -12.58 22.60 17.21
N LYS B 445 -12.14 21.68 16.33
CA LYS B 445 -10.74 21.27 16.20
C LYS B 445 -10.44 20.94 14.76
N LEU B 446 -9.31 21.45 14.27
CA LEU B 446 -8.87 21.25 12.89
C LEU B 446 -7.35 21.17 12.85
N ASP B 447 -6.84 19.92 12.87
CA ASP B 447 -5.40 19.61 12.79
C ASP B 447 -5.11 19.07 11.40
N VAL B 448 -3.96 19.47 10.86
CA VAL B 448 -3.51 19.09 9.53
C VAL B 448 -2.15 18.43 9.56
N LEU B 449 -1.91 17.52 8.61
CA LEU B 449 -0.66 16.79 8.45
C LEU B 449 0.42 17.70 7.86
N CYS B 450 1.61 17.73 8.46
CA CYS B 450 2.67 18.61 7.96
C CYS B 450 3.28 18.16 6.62
N THR B 451 3.88 19.11 5.86
CA THR B 451 4.63 18.84 4.63
C THR B 451 6.09 19.23 4.87
N LYS B 452 6.37 20.48 5.35
CA LYS B 452 7.71 20.99 5.69
C LYS B 452 8.18 20.33 7.01
N CYS B 453 8.42 19.02 6.94
CA CYS B 453 8.84 18.13 8.03
C CYS B 453 9.32 16.84 7.38
N ARG B 454 10.20 16.10 8.06
CA ARG B 454 10.72 14.82 7.55
C ARG B 454 9.89 13.65 8.08
N VAL B 455 9.30 13.82 9.28
CA VAL B 455 8.40 12.83 9.86
C VAL B 455 7.03 13.49 9.81
N PRO B 456 6.03 12.98 9.03
CA PRO B 456 4.71 13.64 9.01
C PRO B 456 3.97 13.43 10.33
N SER B 457 3.40 14.51 10.85
CA SER B 457 2.65 14.54 12.11
C SER B 457 1.65 15.68 12.07
N TYR B 458 0.59 15.57 12.89
CA TYR B 458 -0.50 16.53 12.88
C TYR B 458 -0.28 17.71 13.80
N ASP B 459 -0.49 18.91 13.27
CA ASP B 459 -0.37 20.17 13.97
C ASP B 459 -1.63 21.00 13.71
N PRO B 460 -2.03 21.94 14.61
CA PRO B 460 -3.28 22.70 14.35
C PRO B 460 -3.20 23.62 13.13
N LEU B 461 -4.33 23.75 12.42
CA LEU B 461 -4.41 24.63 11.26
C LEU B 461 -4.19 26.11 11.65
N LYS B 462 -3.30 26.80 10.91
CA LYS B 462 -3.01 28.23 11.06
C LYS B 462 -3.77 28.95 9.93
N MET B 463 -4.59 29.94 10.32
CA MET B 463 -5.47 30.74 9.45
C MET B 463 -4.76 31.47 8.31
N ASP B 464 -3.55 32.00 8.58
CA ASP B 464 -2.78 32.77 7.60
C ASP B 464 -1.77 31.93 6.81
N GLU B 465 -1.67 30.63 7.12
CA GLU B 465 -0.78 29.72 6.42
C GLU B 465 -1.44 29.19 5.16
N VAL B 466 -0.69 29.12 4.08
CA VAL B 466 -1.12 28.58 2.78
C VAL B 466 -0.79 27.08 2.75
N TYR B 467 -1.81 26.26 2.47
CA TYR B 467 -1.71 24.81 2.39
C TYR B 467 -2.05 24.31 0.99
N LYS B 468 -1.35 23.26 0.54
CA LYS B 468 -1.64 22.57 -0.72
C LYS B 468 -2.64 21.44 -0.40
N VAL B 469 -3.76 21.37 -1.15
CA VAL B 469 -4.83 20.38 -0.96
C VAL B 469 -5.09 19.67 -2.29
N ILE B 470 -5.38 18.36 -2.25
CA ILE B 470 -5.84 17.61 -3.42
C ILE B 470 -7.36 17.59 -3.25
N LEU B 471 -8.08 17.83 -4.34
CA LEU B 471 -9.51 18.08 -4.31
C LEU B 471 -10.13 17.87 -5.69
N PRO B 472 -11.38 17.39 -5.85
CA PRO B 472 -11.96 17.32 -7.21
C PRO B 472 -12.14 18.70 -7.86
N ASN B 473 -12.01 18.79 -9.20
CA ASN B 473 -12.21 20.03 -9.98
C ASN B 473 -13.61 20.64 -9.69
N PHE B 474 -14.60 19.78 -9.41
CA PHE B 474 -15.95 20.22 -9.08
C PHE B 474 -15.90 21.20 -7.90
N LEU B 475 -15.12 20.86 -6.83
CA LEU B 475 -15.03 21.74 -5.67
C LEU B 475 -14.19 22.98 -5.95
N ALA B 476 -13.09 22.80 -6.73
CA ALA B 476 -12.19 23.88 -7.16
C ALA B 476 -12.96 24.93 -7.95
N ASN B 477 -14.06 24.50 -8.63
CA ASN B 477 -14.91 25.36 -9.46
C ASN B 477 -16.08 26.00 -8.67
N GLY B 478 -16.15 25.76 -7.37
CA GLY B 478 -17.17 26.33 -6.50
C GLY B 478 -18.41 25.49 -6.32
N GLY B 479 -18.33 24.23 -6.77
CA GLY B 479 -19.42 23.25 -6.70
C GLY B 479 -19.91 22.96 -5.30
N ASP B 480 -21.14 22.43 -5.17
CA ASP B 480 -21.79 22.11 -3.91
C ASP B 480 -21.79 23.32 -2.94
N GLY B 481 -21.76 24.54 -3.49
CA GLY B 481 -21.76 25.78 -2.72
C GLY B 481 -20.45 26.20 -2.09
N PHE B 482 -19.31 25.55 -2.47
CA PHE B 482 -17.95 25.87 -1.98
C PHE B 482 -17.37 27.10 -2.71
N GLN B 483 -18.12 28.22 -2.64
CA GLN B 483 -17.76 29.48 -3.31
C GLN B 483 -16.46 30.06 -2.81
N MET B 484 -16.16 29.89 -1.50
CA MET B 484 -14.94 30.38 -0.86
C MET B 484 -13.70 29.72 -1.47
N ILE B 485 -13.82 28.48 -1.99
CA ILE B 485 -12.69 27.79 -2.63
C ILE B 485 -12.37 28.50 -3.96
N LYS B 486 -13.35 28.57 -4.90
CA LYS B 486 -13.21 29.24 -6.19
C LYS B 486 -12.65 30.65 -6.03
N ASP B 487 -13.27 31.45 -5.13
CA ASP B 487 -12.95 32.85 -4.86
C ASP B 487 -11.65 33.12 -4.15
N GLU B 488 -11.32 32.32 -3.13
CA GLU B 488 -10.12 32.55 -2.33
C GLU B 488 -8.89 31.69 -2.68
N LEU B 489 -9.00 30.63 -3.52
CA LEU B 489 -7.81 29.82 -3.86
C LEU B 489 -6.71 30.68 -4.50
N LEU B 490 -5.47 30.39 -4.14
CA LEU B 490 -4.28 31.12 -4.58
C LEU B 490 -3.63 30.56 -5.83
N ARG B 491 -3.88 29.26 -6.13
CA ARG B 491 -3.37 28.52 -7.29
C ARG B 491 -4.22 27.29 -7.56
N HIS B 492 -4.35 26.95 -8.84
CA HIS B 492 -5.13 25.81 -9.29
C HIS B 492 -4.51 25.14 -10.49
N ASP B 493 -4.09 23.89 -10.32
CA ASP B 493 -3.49 23.04 -11.35
C ASP B 493 -4.34 21.79 -11.52
N SER B 494 -4.79 21.53 -12.74
CA SER B 494 -5.62 20.35 -12.98
C SER B 494 -4.78 19.07 -12.92
N GLY B 495 -5.39 17.99 -12.44
CA GLY B 495 -4.71 16.71 -12.29
C GLY B 495 -5.30 15.60 -13.12
N ASP B 496 -5.04 14.36 -12.70
CA ASP B 496 -5.47 13.15 -13.39
C ASP B 496 -6.95 12.90 -13.21
N GLN B 497 -7.49 11.98 -14.05
CA GLN B 497 -8.90 11.62 -14.05
C GLN B 497 -9.21 10.81 -12.82
N ASP B 498 -10.28 11.23 -12.12
CA ASP B 498 -10.74 10.68 -10.84
C ASP B 498 -10.74 9.16 -10.75
N ILE B 499 -11.53 8.48 -11.59
CA ILE B 499 -11.60 7.02 -11.62
C ILE B 499 -10.19 6.35 -11.85
N ASN B 500 -9.34 6.93 -12.72
CA ASN B 500 -8.01 6.38 -13.01
C ASN B 500 -7.09 6.38 -11.79
N VAL B 501 -7.15 7.47 -11.01
CA VAL B 501 -6.41 7.68 -9.77
C VAL B 501 -6.72 6.51 -8.84
N VAL B 502 -8.02 6.26 -8.58
CA VAL B 502 -8.48 5.21 -7.66
C VAL B 502 -8.17 3.79 -8.22
N SER B 503 -8.35 3.47 -9.54
CA SER B 503 -7.99 2.12 -10.02
C SER B 503 -6.51 1.87 -9.91
N THR B 504 -5.69 2.86 -10.29
CA THR B 504 -4.23 2.76 -10.21
C THR B 504 -3.83 2.43 -8.77
N TYR B 505 -4.49 3.12 -7.81
CA TYR B 505 -4.24 2.92 -6.37
C TYR B 505 -4.62 1.51 -5.91
N ILE B 506 -5.77 1.00 -6.34
CA ILE B 506 -6.20 -0.37 -6.05
C ILE B 506 -5.18 -1.38 -6.64
N SER B 507 -4.81 -1.19 -7.92
CA SER B 507 -3.85 -2.06 -8.60
C SER B 507 -2.47 -2.08 -7.92
N LYS B 508 -1.96 -0.89 -7.46
CA LYS B 508 -0.68 -0.81 -6.72
C LYS B 508 -0.79 -1.61 -5.40
N MET B 509 -1.89 -1.40 -4.66
CA MET B 509 -2.16 -2.01 -3.37
C MET B 509 -2.47 -3.49 -3.40
N LYS B 510 -3.07 -3.98 -4.49
CA LYS B 510 -3.44 -5.40 -4.72
C LYS B 510 -4.61 -5.82 -3.83
N VAL B 511 -4.46 -5.67 -2.50
CA VAL B 511 -5.53 -5.97 -1.50
C VAL B 511 -5.71 -4.79 -0.56
N ILE B 512 -6.89 -4.17 -0.60
CA ILE B 512 -7.25 -3.01 0.24
C ILE B 512 -8.19 -3.36 1.38
N TYR B 513 -8.12 -2.60 2.47
CA TYR B 513 -8.91 -2.78 3.69
C TYR B 513 -9.02 -1.44 4.46
N PRO B 514 -9.53 -0.35 3.81
CA PRO B 514 -9.67 0.92 4.53
C PRO B 514 -10.60 0.84 5.74
N ALA B 515 -10.25 1.56 6.79
CA ALA B 515 -11.06 1.58 8.01
C ALA B 515 -11.61 3.02 8.26
N VAL B 516 -12.52 3.13 9.23
CA VAL B 516 -13.05 4.41 9.72
C VAL B 516 -12.18 4.54 10.98
N GLU B 517 -11.21 5.45 10.92
CA GLU B 517 -10.15 5.61 11.94
C GLU B 517 -10.15 6.89 12.76
N GLY B 518 -11.17 7.73 12.62
CA GLY B 518 -11.24 8.93 13.44
C GLY B 518 -10.74 10.21 12.82
N ARG B 519 -10.72 10.29 11.47
CA ARG B 519 -10.34 11.49 10.69
C ARG B 519 -11.34 12.60 10.98
N ILE B 520 -12.66 12.21 11.06
CA ILE B 520 -13.81 13.06 11.36
C ILE B 520 -14.43 12.52 12.66
N LYS B 521 -14.59 13.40 13.64
CA LYS B 521 -15.22 13.08 14.93
C LYS B 521 -16.26 14.17 15.26
N HIS B 522 -17.41 13.77 15.88
CA HIS B 522 -18.44 14.70 16.33
C HIS B 522 -18.38 14.85 17.88
N HIS B 523 -19.47 14.51 18.61
CA HIS B 523 -19.53 14.62 20.09
C HIS B 523 -20.47 13.61 20.75
N GLN C 1 -30.55 17.02 -41.76
CA GLN C 1 -31.38 18.06 -41.14
C GLN C 1 -32.78 17.54 -40.81
N ILE C 2 -32.94 16.21 -41.00
CA ILE C 2 -34.14 15.38 -40.90
C ILE C 2 -34.86 15.50 -42.21
N GLN C 3 -34.81 14.40 -42.94
CA GLN C 3 -35.42 14.25 -44.24
C GLN C 3 -36.18 12.94 -44.26
N LEU C 4 -37.36 12.95 -44.92
CA LEU C 4 -38.24 11.80 -45.11
C LEU C 4 -38.52 11.69 -46.59
N VAL C 5 -38.04 10.61 -47.23
CA VAL C 5 -38.14 10.39 -48.68
C VAL C 5 -39.01 9.15 -48.99
N GLN C 6 -40.17 9.40 -49.62
CA GLN C 6 -41.19 8.41 -49.98
C GLN C 6 -40.99 7.79 -51.40
N SER C 7 -41.62 6.59 -51.60
CA SER C 7 -41.54 5.63 -52.70
C SER C 7 -41.76 6.12 -54.16
N GLY C 8 -42.84 6.85 -54.42
CA GLY C 8 -43.19 7.28 -55.77
C GLY C 8 -44.61 6.85 -56.08
N ALA C 9 -45.34 7.63 -56.93
CA ALA C 9 -46.75 7.42 -57.26
C ALA C 9 -47.08 6.01 -57.74
N GLU C 10 -48.24 5.49 -57.28
CA GLU C 10 -48.74 4.15 -57.62
C GLU C 10 -50.16 4.24 -58.20
N VAL C 11 -50.51 3.29 -59.09
CA VAL C 11 -51.84 3.13 -59.69
C VAL C 11 -52.24 1.68 -59.48
N LYS C 12 -53.32 1.46 -58.74
CA LYS C 12 -53.72 0.09 -58.41
C LYS C 12 -55.20 -0.15 -58.67
N LYS C 13 -55.55 -1.38 -59.07
CA LYS C 13 -56.93 -1.76 -59.34
C LYS C 13 -57.68 -1.98 -58.03
N PRO C 14 -59.02 -1.77 -57.96
CA PRO C 14 -59.74 -2.05 -56.72
C PRO C 14 -59.60 -3.52 -56.35
N GLY C 15 -59.33 -3.80 -55.07
CA GLY C 15 -59.09 -5.14 -54.56
C GLY C 15 -57.64 -5.45 -54.31
N ALA C 16 -56.71 -4.70 -54.99
CA ALA C 16 -55.25 -4.84 -54.88
C ALA C 16 -54.73 -4.25 -53.56
N SER C 17 -53.41 -4.39 -53.33
CA SER C 17 -52.72 -3.83 -52.17
C SER C 17 -51.63 -2.90 -52.67
N VAL C 18 -51.18 -1.98 -51.81
CA VAL C 18 -50.13 -1.01 -52.11
C VAL C 18 -49.19 -0.90 -50.91
N LYS C 19 -47.87 -0.82 -51.16
CA LYS C 19 -46.88 -0.67 -50.09
C LYS C 19 -46.03 0.58 -50.37
N VAL C 20 -46.26 1.65 -49.58
CA VAL C 20 -45.54 2.93 -49.67
C VAL C 20 -44.37 2.89 -48.68
N SER C 21 -43.17 3.31 -49.14
CA SER C 21 -41.96 3.37 -48.31
C SER C 21 -41.65 4.80 -47.86
N CYS C 22 -40.89 4.95 -46.75
CA CYS C 22 -40.52 6.24 -46.17
C CYS C 22 -39.13 6.11 -45.57
N LYS C 23 -38.11 6.64 -46.24
CA LYS C 23 -36.72 6.55 -45.78
C LYS C 23 -36.32 7.79 -44.96
N ALA C 24 -35.97 7.57 -43.69
CA ALA C 24 -35.60 8.62 -42.77
C ALA C 24 -34.08 8.83 -42.66
N SER C 25 -33.64 10.10 -42.70
CA SER C 25 -32.23 10.49 -42.54
C SER C 25 -32.13 11.78 -41.71
N GLY C 26 -31.01 11.96 -41.01
CA GLY C 26 -30.74 13.15 -40.19
C GLY C 26 -30.90 12.96 -38.71
N TYR C 27 -31.49 11.80 -38.31
CA TYR C 27 -31.72 11.35 -36.92
C TYR C 27 -31.68 9.81 -36.81
N THR C 28 -31.68 9.28 -35.56
CA THR C 28 -31.70 7.85 -35.24
C THR C 28 -33.14 7.33 -35.47
N PHE C 29 -33.38 6.76 -36.65
CA PHE C 29 -34.67 6.24 -37.10
C PHE C 29 -35.43 5.38 -36.04
N ALA C 30 -34.72 4.43 -35.41
CA ALA C 30 -35.28 3.48 -34.43
C ALA C 30 -35.79 4.11 -33.10
N SER C 31 -35.40 5.37 -32.84
CA SER C 31 -35.70 6.06 -31.59
C SER C 31 -36.98 6.88 -31.57
N TYR C 32 -37.62 7.11 -32.75
CA TYR C 32 -38.84 7.93 -32.79
C TYR C 32 -39.93 7.21 -33.52
N ASN C 33 -41.19 7.42 -33.09
CA ASN C 33 -42.36 6.86 -33.77
C ASN C 33 -42.56 7.57 -35.09
N MET C 34 -43.05 6.83 -36.08
CA MET C 34 -43.33 7.33 -37.42
C MET C 34 -44.82 7.28 -37.62
N TYR C 35 -45.42 8.39 -38.02
CA TYR C 35 -46.85 8.46 -38.31
C TYR C 35 -47.13 8.37 -39.80
N TRP C 36 -48.34 7.97 -40.13
CA TRP C 36 -48.88 7.88 -41.47
C TRP C 36 -50.24 8.56 -41.47
N VAL C 37 -50.42 9.48 -42.42
CA VAL C 37 -51.68 10.23 -42.64
C VAL C 37 -52.00 10.25 -44.15
N ARG C 38 -53.27 10.43 -44.52
CA ARG C 38 -53.66 10.54 -45.92
C ARG C 38 -54.48 11.79 -46.18
N GLN C 39 -54.33 12.35 -47.38
CA GLN C 39 -55.11 13.50 -47.80
C GLN C 39 -55.83 13.21 -49.11
N ALA C 40 -57.13 12.85 -49.01
CA ALA C 40 -57.96 12.57 -50.18
C ALA C 40 -58.55 13.87 -50.71
N PRO C 41 -58.72 14.03 -52.05
CA PRO C 41 -59.28 15.30 -52.56
C PRO C 41 -60.58 15.74 -51.88
N GLY C 42 -60.52 16.92 -51.25
CA GLY C 42 -61.62 17.53 -50.50
C GLY C 42 -62.23 16.66 -49.41
N GLN C 43 -61.38 15.99 -48.60
CA GLN C 43 -61.88 15.11 -47.52
C GLN C 43 -61.13 15.26 -46.18
N ARG C 44 -60.15 16.22 -46.08
CA ARG C 44 -59.38 16.56 -44.86
C ARG C 44 -58.36 15.47 -44.45
N LEU C 45 -57.20 15.93 -43.92
CA LEU C 45 -56.08 15.08 -43.45
C LEU C 45 -56.58 14.04 -42.46
N GLU C 46 -56.35 12.77 -42.77
CA GLU C 46 -56.82 11.67 -41.93
C GLU C 46 -55.68 10.79 -41.44
N TRP C 47 -55.63 10.55 -40.12
CA TRP C 47 -54.64 9.69 -39.50
C TRP C 47 -54.85 8.24 -39.94
N ILE C 48 -53.75 7.52 -40.27
CA ILE C 48 -53.80 6.11 -40.64
C ILE C 48 -53.34 5.30 -39.41
N GLY C 49 -52.17 5.65 -38.89
CA GLY C 49 -51.56 5.00 -37.73
C GLY C 49 -50.15 5.49 -37.48
N TYR C 50 -49.49 4.93 -36.45
CA TYR C 50 -48.09 5.20 -36.11
C TYR C 50 -47.43 3.90 -35.72
N ILE C 51 -46.10 3.83 -35.86
CA ILE C 51 -45.31 2.65 -35.52
C ILE C 51 -44.09 3.01 -34.67
N ASP C 52 -43.73 2.16 -33.70
CA ASP C 52 -42.51 2.30 -32.93
C ASP C 52 -41.49 1.47 -33.74
N PRO C 53 -40.53 2.14 -34.42
CA PRO C 53 -39.58 1.39 -35.27
C PRO C 53 -38.68 0.43 -34.51
N TYR C 54 -38.55 0.61 -33.17
CA TYR C 54 -37.68 -0.23 -32.38
C TYR C 54 -38.17 -1.70 -32.34
N ASN C 55 -39.47 -1.91 -32.09
CA ASN C 55 -40.05 -3.26 -32.00
C ASN C 55 -41.12 -3.57 -33.03
N GLY C 56 -41.55 -2.58 -33.80
CA GLY C 56 -42.57 -2.75 -34.82
C GLY C 56 -44.00 -2.70 -34.33
N GLY C 57 -44.16 -2.28 -33.09
CA GLY C 57 -45.47 -2.13 -32.47
C GLY C 57 -46.15 -0.89 -32.99
N SER C 58 -47.39 -1.04 -33.45
CA SER C 58 -48.14 0.05 -34.04
C SER C 58 -49.55 0.24 -33.50
N SER C 59 -50.03 1.48 -33.50
CA SER C 59 -51.38 1.84 -33.12
C SER C 59 -52.05 2.37 -34.40
N TYR C 60 -53.20 1.80 -34.74
CA TYR C 60 -53.91 2.11 -35.98
C TYR C 60 -55.24 2.81 -35.76
N ASN C 61 -55.66 3.58 -36.77
CA ASN C 61 -56.97 4.21 -36.79
C ASN C 61 -57.98 3.10 -37.08
N GLN C 62 -58.98 2.97 -36.19
CA GLN C 62 -60.06 1.97 -36.22
C GLN C 62 -60.75 1.83 -37.57
N LYS C 63 -60.86 2.94 -38.34
CA LYS C 63 -61.48 3.04 -39.67
C LYS C 63 -60.93 1.98 -40.64
N PHE C 64 -59.62 1.77 -40.60
CA PHE C 64 -58.93 0.79 -41.41
C PHE C 64 -58.86 -0.48 -40.53
N LYS C 65 -60.05 -1.17 -40.38
CA LYS C 65 -60.20 -2.43 -39.62
C LYS C 65 -59.49 -3.46 -40.47
N GLY C 66 -58.34 -3.92 -39.99
CA GLY C 66 -57.49 -4.78 -40.79
C GLY C 66 -56.92 -3.89 -41.88
N ARG C 67 -56.86 -4.37 -43.14
CA ARG C 67 -56.39 -3.64 -44.33
C ARG C 67 -54.95 -3.09 -44.22
N VAL C 68 -54.76 -2.05 -43.36
CA VAL C 68 -53.50 -1.37 -43.08
C VAL C 68 -52.57 -2.22 -42.20
N THR C 69 -51.30 -2.32 -42.63
CA THR C 69 -50.23 -2.98 -41.91
C THR C 69 -49.00 -2.08 -41.96
N LEU C 70 -48.51 -1.67 -40.77
CA LEU C 70 -47.33 -0.81 -40.67
C LEU C 70 -46.10 -1.63 -40.27
N THR C 71 -45.03 -1.53 -41.05
CA THR C 71 -43.77 -2.23 -40.80
C THR C 71 -42.59 -1.28 -40.99
N ARG C 72 -41.35 -1.82 -40.89
CA ARG C 72 -40.11 -1.07 -41.06
C ARG C 72 -38.93 -2.00 -41.35
N ASP C 73 -37.86 -1.43 -41.93
CA ASP C 73 -36.57 -2.10 -42.15
C ASP C 73 -35.53 -1.23 -41.43
N LYS C 74 -35.22 -1.59 -40.15
CA LYS C 74 -34.29 -0.88 -39.28
C LYS C 74 -32.97 -0.58 -39.97
N SER C 75 -32.35 -1.61 -40.56
CA SER C 75 -31.08 -1.52 -41.29
C SER C 75 -31.11 -0.52 -42.46
N ALA C 76 -32.30 -0.26 -43.02
CA ALA C 76 -32.50 0.63 -44.15
C ALA C 76 -33.08 1.99 -43.73
N SER C 77 -33.36 2.18 -42.41
CA SER C 77 -33.99 3.37 -41.83
C SER C 77 -35.26 3.75 -42.61
N THR C 78 -35.97 2.70 -43.10
CA THR C 78 -37.18 2.86 -43.90
C THR C 78 -38.39 2.29 -43.17
N ALA C 79 -39.51 3.02 -43.24
CA ALA C 79 -40.79 2.58 -42.70
C ALA C 79 -41.72 2.32 -43.89
N TYR C 80 -42.51 1.24 -43.79
CA TYR C 80 -43.48 0.81 -44.80
C TYR C 80 -44.95 0.91 -44.28
N MET C 81 -45.86 1.21 -45.21
CA MET C 81 -47.30 1.39 -45.06
C MET C 81 -47.95 0.54 -46.17
N GLU C 82 -48.63 -0.55 -45.78
CA GLU C 82 -49.31 -1.41 -46.74
C GLU C 82 -50.80 -1.37 -46.52
N LEU C 83 -51.54 -0.89 -47.54
CA LEU C 83 -53.00 -0.79 -47.52
C LEU C 83 -53.57 -1.74 -48.55
N SER C 84 -54.37 -2.71 -48.06
CA SER C 84 -54.97 -3.77 -48.85
C SER C 84 -56.45 -3.54 -49.09
N SER C 85 -57.11 -4.40 -49.94
CA SER C 85 -58.52 -4.32 -50.31
C SER C 85 -58.85 -2.91 -50.77
N LEU C 86 -58.01 -2.40 -51.70
CA LEU C 86 -58.11 -1.04 -52.21
C LEU C 86 -59.45 -0.72 -52.85
N ARG C 87 -60.07 0.33 -52.33
CA ARG C 87 -61.34 0.95 -52.71
C ARG C 87 -60.98 2.25 -53.43
N SER C 88 -61.90 2.76 -54.27
CA SER C 88 -61.74 4.02 -55.00
C SER C 88 -61.57 5.21 -54.03
N GLU C 89 -62.08 5.05 -52.80
CA GLU C 89 -62.02 6.00 -51.69
C GLU C 89 -60.59 6.18 -51.16
N ASP C 90 -59.67 5.27 -51.52
CA ASP C 90 -58.27 5.32 -51.11
C ASP C 90 -57.42 6.15 -52.06
N THR C 91 -58.03 6.78 -53.08
CA THR C 91 -57.33 7.68 -54.01
C THR C 91 -56.98 8.94 -53.19
N ALA C 92 -55.74 8.98 -52.69
CA ALA C 92 -55.26 10.04 -51.82
C ALA C 92 -53.75 10.20 -51.90
N VAL C 93 -53.23 11.27 -51.25
CA VAL C 93 -51.80 11.49 -51.11
C VAL C 93 -51.42 10.96 -49.74
N TYR C 94 -50.54 9.96 -49.72
CA TYR C 94 -50.09 9.29 -48.49
C TYR C 94 -48.81 9.89 -47.99
N TYR C 95 -48.82 10.32 -46.72
CA TYR C 95 -47.69 10.96 -46.05
C TYR C 95 -47.21 10.20 -44.83
N CYS C 96 -45.88 10.19 -44.62
CA CYS C 96 -45.24 9.70 -43.42
C CYS C 96 -44.77 11.00 -42.73
N ALA C 97 -44.94 11.08 -41.40
CA ALA C 97 -44.56 12.27 -40.65
C ALA C 97 -44.01 11.92 -39.28
N ARG C 98 -43.18 12.79 -38.71
CA ARG C 98 -42.61 12.63 -37.37
C ARG C 98 -42.65 13.96 -36.62
N GLY C 99 -43.03 13.90 -35.36
CA GLY C 99 -43.20 15.06 -34.50
C GLY C 99 -41.89 15.72 -34.14
N TYR C 100 -41.95 16.99 -33.74
CA TYR C 100 -40.82 17.79 -33.28
C TYR C 100 -40.10 16.96 -32.19
N ASN C 101 -40.88 16.31 -31.30
CA ASN C 101 -40.39 15.39 -30.28
C ASN C 101 -41.22 14.09 -30.37
N ASN C 102 -40.92 13.08 -29.53
CA ASN C 102 -41.60 11.77 -29.53
C ASN C 102 -42.87 11.79 -28.67
N TYR C 103 -43.15 12.92 -27.96
CA TYR C 103 -44.33 13.05 -27.09
C TYR C 103 -45.62 13.28 -27.89
N LYS C 104 -45.75 14.48 -28.48
CA LYS C 104 -46.92 14.87 -29.25
C LYS C 104 -46.73 14.77 -30.79
N ALA C 105 -47.86 14.75 -31.53
CA ALA C 105 -47.87 14.60 -32.98
C ALA C 105 -47.87 15.96 -33.68
N TRP C 106 -46.98 16.84 -33.22
CA TRP C 106 -46.81 18.15 -33.83
C TRP C 106 -45.83 17.88 -34.96
N PHE C 107 -46.37 17.57 -36.15
CA PHE C 107 -45.59 17.16 -37.32
C PHE C 107 -44.70 18.26 -37.89
N ALA C 108 -43.45 18.33 -37.39
CA ALA C 108 -42.48 19.30 -37.86
C ALA C 108 -41.84 18.79 -39.16
N TYR C 109 -41.83 17.44 -39.35
CA TYR C 109 -41.20 16.76 -40.46
C TYR C 109 -42.17 15.86 -41.20
N TRP C 110 -42.23 16.05 -42.52
CA TRP C 110 -43.12 15.37 -43.44
C TRP C 110 -42.37 14.83 -44.64
N GLY C 111 -42.89 13.76 -45.22
CA GLY C 111 -42.38 13.23 -46.47
C GLY C 111 -43.04 14.03 -47.58
N GLN C 112 -42.54 13.91 -48.82
CA GLN C 112 -43.08 14.66 -49.97
C GLN C 112 -44.52 14.26 -50.37
N GLY C 113 -44.95 13.08 -49.93
CA GLY C 113 -46.25 12.50 -50.23
C GLY C 113 -46.14 11.48 -51.34
N THR C 114 -47.08 10.52 -51.38
CA THR C 114 -47.15 9.47 -52.39
C THR C 114 -48.56 9.38 -52.86
N LEU C 115 -48.80 9.72 -54.14
CA LEU C 115 -50.15 9.62 -54.69
C LEU C 115 -50.48 8.18 -55.10
N VAL C 116 -51.54 7.63 -54.51
CA VAL C 116 -52.07 6.31 -54.84
C VAL C 116 -53.42 6.53 -55.51
N THR C 117 -53.56 6.04 -56.74
CA THR C 117 -54.75 6.17 -57.59
C THR C 117 -55.40 4.81 -57.74
N VAL C 118 -56.63 4.67 -57.23
CA VAL C 118 -57.38 3.43 -57.27
C VAL C 118 -58.38 3.51 -58.43
N SER C 119 -58.12 2.68 -59.47
CA SER C 119 -58.98 2.66 -60.66
C SER C 119 -59.04 1.31 -61.32
N SER C 120 -60.22 1.01 -61.89
CA SER C 120 -60.49 -0.23 -62.62
C SER C 120 -60.33 0.02 -64.11
N ALA C 121 -60.18 1.29 -64.50
CA ALA C 121 -59.98 1.76 -65.87
C ALA C 121 -58.58 1.41 -66.41
N SER C 122 -58.24 1.95 -67.60
CA SER C 122 -56.98 1.71 -68.30
C SER C 122 -56.04 2.92 -68.39
N THR C 123 -54.72 2.67 -68.27
CA THR C 123 -53.63 3.65 -68.34
C THR C 123 -53.42 4.12 -69.79
N LYS C 124 -53.46 5.45 -70.02
CA LYS C 124 -53.28 6.06 -71.34
C LYS C 124 -52.31 7.26 -71.31
N GLY C 125 -51.39 7.30 -72.27
CA GLY C 125 -50.40 8.35 -72.42
C GLY C 125 -50.95 9.61 -73.05
N PRO C 126 -50.52 10.81 -72.61
CA PRO C 126 -51.06 12.04 -73.19
C PRO C 126 -50.56 12.34 -74.61
N SER C 127 -51.32 13.17 -75.33
CA SER C 127 -50.98 13.65 -76.67
C SER C 127 -50.78 15.15 -76.53
N VAL C 128 -49.52 15.61 -76.63
CA VAL C 128 -49.14 17.01 -76.44
C VAL C 128 -49.22 17.80 -77.76
N PHE C 129 -50.06 18.86 -77.75
CA PHE C 129 -50.30 19.75 -78.89
C PHE C 129 -49.88 21.18 -78.57
N PRO C 130 -49.27 21.93 -79.52
CA PRO C 130 -48.86 23.30 -79.19
C PRO C 130 -49.98 24.33 -79.32
N LEU C 131 -49.91 25.39 -78.51
CA LEU C 131 -50.85 26.50 -78.54
C LEU C 131 -50.06 27.70 -79.09
N ALA C 132 -50.10 27.85 -80.43
CA ALA C 132 -49.37 28.88 -81.17
C ALA C 132 -49.93 30.29 -81.02
N PRO C 133 -49.06 31.29 -80.75
CA PRO C 133 -49.55 32.68 -80.62
C PRO C 133 -50.04 33.30 -81.94
N SER C 134 -51.16 34.05 -81.87
CA SER C 134 -51.77 34.71 -83.02
C SER C 134 -51.46 36.21 -83.03
N SER C 135 -50.69 36.67 -84.04
CA SER C 135 -50.28 38.07 -84.20
C SER C 135 -51.45 38.99 -84.56
N THR C 142 -47.05 40.37 -73.08
CA THR C 142 -47.30 40.90 -74.41
C THR C 142 -47.83 39.81 -75.35
N ALA C 143 -47.18 38.62 -75.32
CA ALA C 143 -47.56 37.47 -76.14
C ALA C 143 -47.68 36.20 -75.30
N ALA C 144 -48.67 35.34 -75.64
CA ALA C 144 -48.88 34.09 -74.91
C ALA C 144 -48.82 32.89 -75.84
N LEU C 145 -48.31 31.78 -75.31
CA LEU C 145 -48.18 30.50 -75.99
C LEU C 145 -48.20 29.41 -74.93
N GLY C 146 -48.60 28.20 -75.33
CA GLY C 146 -48.67 27.10 -74.40
C GLY C 146 -48.62 25.71 -74.99
N CYS C 147 -49.17 24.74 -74.23
CA CYS C 147 -49.24 23.32 -74.57
C CYS C 147 -50.51 22.69 -74.05
N LEU C 148 -51.17 21.89 -74.90
CA LEU C 148 -52.39 21.17 -74.56
C LEU C 148 -52.03 19.69 -74.35
N VAL C 149 -52.13 19.24 -73.11
CA VAL C 149 -51.85 17.89 -72.63
C VAL C 149 -53.23 17.16 -72.59
N LYS C 150 -53.64 16.60 -73.75
CA LYS C 150 -54.95 15.96 -73.90
C LYS C 150 -54.95 14.42 -73.90
N ASP C 151 -56.08 13.87 -73.40
CA ASP C 151 -56.45 12.46 -73.29
C ASP C 151 -55.38 11.60 -72.60
N TYR C 152 -55.40 11.65 -71.26
CA TYR C 152 -54.55 10.87 -70.37
C TYR C 152 -55.37 10.49 -69.13
N PHE C 153 -55.54 9.18 -68.90
CA PHE C 153 -56.33 8.71 -67.77
C PHE C 153 -55.58 8.80 -66.42
N PRO C 154 -54.33 8.29 -66.26
CA PRO C 154 -53.70 8.37 -64.92
C PRO C 154 -53.30 9.80 -64.57
N GLU C 155 -53.77 10.28 -63.40
CA GLU C 155 -53.60 11.64 -62.88
C GLU C 155 -52.15 12.20 -62.80
N PRO C 156 -51.11 11.51 -62.24
CA PRO C 156 -49.79 12.16 -62.12
C PRO C 156 -49.12 12.60 -63.43
N VAL C 157 -49.14 13.93 -63.68
CA VAL C 157 -48.55 14.58 -64.84
C VAL C 157 -47.73 15.80 -64.39
N THR C 158 -46.72 16.22 -65.19
CA THR C 158 -45.87 17.37 -64.85
C THR C 158 -45.39 18.08 -66.11
N VAL C 159 -45.60 19.42 -66.17
CA VAL C 159 -45.19 20.26 -67.30
C VAL C 159 -44.12 21.28 -66.88
N SER C 160 -43.02 21.27 -67.64
CA SER C 160 -41.88 22.16 -67.47
C SER C 160 -41.72 22.99 -68.75
N TRP C 161 -41.15 24.19 -68.63
CA TRP C 161 -40.89 25.04 -69.79
C TRP C 161 -39.39 25.19 -69.86
N ASN C 162 -38.81 24.55 -70.90
CA ASN C 162 -37.38 24.47 -71.20
C ASN C 162 -36.72 23.81 -69.97
N SER C 163 -36.74 22.47 -69.89
CA SER C 163 -36.19 21.60 -68.84
C SER C 163 -36.44 22.01 -67.34
N GLY C 164 -37.29 23.01 -67.11
CA GLY C 164 -37.67 23.46 -65.76
C GLY C 164 -37.19 24.80 -65.26
N ALA C 165 -36.34 25.53 -66.02
CA ALA C 165 -35.84 26.80 -65.51
C ALA C 165 -36.59 28.05 -66.00
N LEU C 166 -37.52 27.95 -66.98
CA LEU C 166 -38.38 29.06 -67.38
C LEU C 166 -39.59 28.98 -66.44
N THR C 167 -39.68 29.88 -65.45
CA THR C 167 -40.74 29.88 -64.44
C THR C 167 -41.70 31.06 -64.52
N SER C 168 -41.19 32.24 -64.90
CA SER C 168 -41.96 33.49 -64.99
C SER C 168 -43.01 33.50 -66.10
N GLY C 169 -44.25 33.81 -65.71
CA GLY C 169 -45.40 33.88 -66.60
C GLY C 169 -46.06 32.54 -66.87
N VAL C 170 -45.48 31.45 -66.33
CA VAL C 170 -45.99 30.08 -66.50
C VAL C 170 -47.25 29.84 -65.67
N HIS C 171 -48.30 29.33 -66.33
CA HIS C 171 -49.57 28.96 -65.72
C HIS C 171 -49.95 27.57 -66.22
N THR C 172 -49.68 26.55 -65.38
CA THR C 172 -50.04 25.17 -65.68
C THR C 172 -51.37 24.95 -64.96
N PHE C 173 -52.46 24.98 -65.74
CA PHE C 173 -53.84 24.86 -65.26
C PHE C 173 -54.18 23.50 -64.68
N PRO C 174 -55.05 23.45 -63.64
CA PRO C 174 -55.43 22.15 -63.07
C PRO C 174 -56.11 21.27 -64.11
N ALA C 175 -55.85 19.95 -64.06
CA ALA C 175 -56.42 19.00 -65.01
C ALA C 175 -57.92 18.88 -64.82
N VAL C 176 -58.66 18.76 -65.92
CA VAL C 176 -60.12 18.62 -65.88
C VAL C 176 -60.54 17.27 -66.45
N LEU C 177 -61.45 16.60 -65.75
CA LEU C 177 -61.98 15.32 -66.19
C LEU C 177 -63.00 15.59 -67.30
N GLN C 178 -62.78 15.03 -68.49
CA GLN C 178 -63.66 15.16 -69.64
C GLN C 178 -64.90 14.23 -69.45
N SER C 179 -65.56 13.82 -70.56
CA SER C 179 -66.70 12.92 -70.52
C SER C 179 -66.30 11.47 -70.87
N SER C 180 -65.05 11.30 -71.33
CA SER C 180 -64.40 10.04 -71.72
C SER C 180 -63.68 9.37 -70.54
N GLY C 181 -63.54 10.10 -69.45
CA GLY C 181 -62.83 9.62 -68.27
C GLY C 181 -61.34 9.93 -68.34
N LEU C 182 -60.95 10.76 -69.33
CA LEU C 182 -59.57 11.16 -69.58
C LEU C 182 -59.40 12.61 -69.17
N TYR C 183 -58.24 12.95 -68.58
CA TYR C 183 -57.93 14.31 -68.16
C TYR C 183 -57.34 15.11 -69.30
N SER C 184 -57.61 16.43 -69.31
CA SER C 184 -57.11 17.40 -70.27
C SER C 184 -56.51 18.57 -69.49
N LEU C 185 -55.23 18.84 -69.74
CA LEU C 185 -54.46 19.88 -69.05
C LEU C 185 -53.87 20.89 -70.04
N SER C 186 -53.73 22.16 -69.59
CA SER C 186 -53.14 23.24 -70.38
C SER C 186 -52.06 23.95 -69.57
N SER C 187 -50.87 24.08 -70.16
CA SER C 187 -49.76 24.80 -69.54
C SER C 187 -49.43 25.96 -70.48
N VAL C 188 -49.61 27.18 -69.98
CA VAL C 188 -49.42 28.40 -70.77
C VAL C 188 -48.30 29.30 -70.20
N VAL C 189 -47.75 30.21 -71.02
CA VAL C 189 -46.69 31.13 -70.59
C VAL C 189 -46.81 32.47 -71.33
N THR C 190 -46.70 33.58 -70.57
CA THR C 190 -46.71 34.94 -71.12
C THR C 190 -45.26 35.39 -71.24
N VAL C 191 -44.85 35.75 -72.46
CA VAL C 191 -43.49 36.20 -72.81
C VAL C 191 -43.54 37.50 -73.65
N PRO C 192 -42.46 38.32 -73.74
CA PRO C 192 -42.54 39.51 -74.61
C PRO C 192 -42.72 39.15 -76.08
N SER C 193 -43.51 39.97 -76.82
CA SER C 193 -43.78 39.76 -78.25
C SER C 193 -42.49 39.84 -79.07
N SER C 194 -41.58 40.75 -78.66
CA SER C 194 -40.27 41.01 -79.26
C SER C 194 -39.34 39.78 -79.30
N SER C 195 -39.56 38.81 -78.39
CA SER C 195 -38.78 37.58 -78.25
C SER C 195 -39.33 36.37 -79.02
N LEU C 196 -40.38 36.56 -79.85
CA LEU C 196 -40.98 35.45 -80.60
C LEU C 196 -40.10 34.94 -81.76
N GLY C 197 -39.26 35.82 -82.32
CA GLY C 197 -38.35 35.49 -83.42
C GLY C 197 -36.88 35.48 -83.04
N THR C 198 -36.60 35.35 -81.72
CA THR C 198 -35.24 35.34 -81.14
C THR C 198 -35.17 34.56 -79.78
N GLN C 199 -36.22 33.75 -79.45
CA GLN C 199 -36.28 32.91 -78.24
C GLN C 199 -37.13 31.64 -78.48
N THR C 200 -36.69 30.49 -77.93
CA THR C 200 -37.39 29.20 -78.11
C THR C 200 -38.18 28.78 -76.89
N TYR C 201 -39.27 28.06 -77.14
CA TYR C 201 -40.16 27.60 -76.08
C TYR C 201 -40.48 26.12 -76.26
N ILE C 202 -40.01 25.30 -75.31
CA ILE C 202 -40.24 23.85 -75.33
C ILE C 202 -40.96 23.43 -74.05
N CYS C 203 -42.12 22.78 -74.20
CA CYS C 203 -42.87 22.27 -73.05
C CYS C 203 -42.52 20.79 -72.85
N ASN C 204 -42.03 20.45 -71.65
CA ASN C 204 -41.61 19.11 -71.27
C ASN C 204 -42.68 18.41 -70.43
N VAL C 205 -43.46 17.54 -71.07
CA VAL C 205 -44.54 16.80 -70.42
C VAL C 205 -44.09 15.39 -70.03
N ASN C 206 -44.17 15.08 -68.74
CA ASN C 206 -43.82 13.77 -68.19
C ASN C 206 -45.07 13.14 -67.58
N HIS C 207 -45.23 11.81 -67.76
CA HIS C 207 -46.35 11.04 -67.26
C HIS C 207 -45.83 9.64 -66.89
N LYS C 208 -45.35 9.52 -65.62
CA LYS C 208 -44.75 8.31 -65.03
C LYS C 208 -45.58 7.01 -65.20
N PRO C 209 -46.91 6.96 -64.90
CA PRO C 209 -47.67 5.70 -65.04
C PRO C 209 -47.70 5.04 -66.42
N SER C 210 -47.53 5.83 -67.51
CA SER C 210 -47.52 5.31 -68.88
C SER C 210 -46.13 5.45 -69.52
N ASN C 211 -45.16 6.00 -68.76
CA ASN C 211 -43.76 6.26 -69.16
C ASN C 211 -43.68 7.14 -70.42
N THR C 212 -44.47 8.23 -70.43
CA THR C 212 -44.53 9.21 -71.51
C THR C 212 -43.66 10.43 -71.13
N LYS C 213 -42.76 10.82 -72.04
CA LYS C 213 -41.84 11.94 -71.90
C LYS C 213 -41.78 12.68 -73.24
N VAL C 214 -42.72 13.62 -73.45
CA VAL C 214 -42.84 14.39 -74.70
C VAL C 214 -42.31 15.82 -74.51
N ASP C 215 -41.43 16.26 -75.43
CA ASP C 215 -40.87 17.60 -75.49
C ASP C 215 -41.43 18.23 -76.77
N LYS C 216 -42.37 19.18 -76.62
CA LYS C 216 -43.01 19.83 -77.77
C LYS C 216 -42.50 21.25 -78.01
N ARG C 217 -42.19 21.56 -79.28
CA ARG C 217 -41.72 22.86 -79.77
C ARG C 217 -42.91 23.76 -80.13
N VAL C 218 -43.05 24.89 -79.43
CA VAL C 218 -44.15 25.84 -79.64
C VAL C 218 -43.66 26.99 -80.52
N GLU C 219 -44.25 27.12 -81.73
CA GLU C 219 -43.88 28.11 -82.74
C GLU C 219 -45.07 28.76 -83.47
N PRO C 220 -44.94 30.01 -83.97
CA PRO C 220 -46.04 30.63 -84.73
C PRO C 220 -46.12 30.08 -86.18
N LYS C 221 -47.22 30.32 -86.96
CA LYS C 221 -48.42 31.09 -86.63
C LYS C 221 -49.44 30.30 -85.83
N ILE D 1 -63.11 12.90 -31.29
CA ILE D 1 -63.05 14.36 -31.20
C ILE D 1 -63.02 15.00 -32.58
N GLN D 2 -64.01 15.84 -32.89
CA GLN D 2 -64.10 16.54 -34.17
C GLN D 2 -63.55 17.99 -34.06
N MET D 3 -62.72 18.40 -35.06
CA MET D 3 -62.13 19.74 -35.16
C MET D 3 -62.81 20.49 -36.30
N THR D 4 -63.63 21.49 -35.97
CA THR D 4 -64.38 22.28 -36.95
C THR D 4 -63.82 23.70 -37.15
N GLN D 5 -63.41 23.99 -38.39
CA GLN D 5 -62.87 25.29 -38.78
C GLN D 5 -63.86 26.25 -39.45
N SER D 6 -64.20 27.34 -38.79
CA SER D 6 -64.98 28.44 -39.36
C SER D 6 -63.85 29.51 -39.33
N PRO D 7 -63.48 30.37 -40.28
CA PRO D 7 -64.13 30.84 -41.54
C PRO D 7 -64.39 29.93 -42.72
N SER D 8 -63.72 28.75 -42.90
CA SER D 8 -63.86 27.80 -44.05
C SER D 8 -63.22 28.27 -45.39
N SER D 9 -63.30 29.58 -45.69
CA SER D 9 -62.72 30.24 -46.87
C SER D 9 -62.72 31.73 -46.59
N LEU D 10 -61.68 32.43 -47.09
CA LEU D 10 -61.47 33.86 -46.84
C LEU D 10 -60.68 34.57 -47.94
N SER D 11 -60.88 35.91 -48.02
CA SER D 11 -60.19 36.87 -48.87
C SER D 11 -59.94 38.14 -48.01
N ALA D 12 -58.67 38.60 -47.90
CA ALA D 12 -58.27 39.80 -47.12
C ALA D 12 -57.11 40.55 -47.79
N SER D 13 -56.96 41.87 -47.53
CA SER D 13 -55.96 42.71 -48.17
C SER D 13 -54.56 42.55 -47.59
N VAL D 14 -53.51 42.86 -48.36
CA VAL D 14 -52.14 42.88 -47.84
C VAL D 14 -52.09 44.29 -47.15
N GLY D 15 -51.81 44.40 -45.85
CA GLY D 15 -51.51 43.32 -44.92
C GLY D 15 -52.44 43.44 -43.73
N ASP D 16 -53.66 42.88 -43.89
CA ASP D 16 -54.74 42.89 -42.89
C ASP D 16 -54.57 41.80 -41.84
N ARG D 17 -55.09 42.04 -40.61
CA ARG D 17 -55.09 41.03 -39.55
C ARG D 17 -56.13 39.98 -39.94
N VAL D 18 -55.71 38.72 -40.09
CA VAL D 18 -56.59 37.62 -40.46
C VAL D 18 -56.78 36.71 -39.26
N THR D 19 -58.03 36.45 -38.85
CA THR D 19 -58.27 35.54 -37.74
C THR D 19 -59.15 34.38 -38.21
N ILE D 20 -58.69 33.16 -37.94
CA ILE D 20 -59.39 31.93 -38.31
C ILE D 20 -59.59 31.08 -37.03
N THR D 21 -60.72 30.39 -36.93
CA THR D 21 -61.06 29.65 -35.72
C THR D 21 -61.15 28.14 -35.91
N CYS D 22 -60.91 27.42 -34.83
CA CYS D 22 -61.02 25.98 -34.77
C CYS D 22 -61.76 25.64 -33.49
N LYS D 23 -62.84 24.87 -33.63
CA LYS D 23 -63.69 24.44 -32.52
C LYS D 23 -63.54 22.94 -32.32
N ALA D 24 -63.29 22.53 -31.10
CA ALA D 24 -63.13 21.10 -30.80
C ALA D 24 -64.44 20.62 -30.22
N SER D 25 -64.88 19.41 -30.59
CA SER D 25 -66.11 18.83 -30.05
C SER D 25 -66.12 18.64 -28.49
N GLN D 26 -64.94 18.41 -27.87
CA GLN D 26 -64.72 18.23 -26.42
C GLN D 26 -63.51 19.08 -26.05
N SER D 27 -63.18 19.19 -24.76
CA SER D 27 -61.98 19.87 -24.31
C SER D 27 -60.76 19.05 -24.79
N VAL D 28 -59.75 19.74 -25.33
CA VAL D 28 -58.49 19.11 -25.79
C VAL D 28 -57.31 19.76 -25.07
N THR D 29 -57.63 20.58 -24.03
CA THR D 29 -56.72 21.43 -23.23
C THR D 29 -56.00 22.36 -24.23
N ASN D 30 -54.70 22.20 -24.39
CA ASN D 30 -53.95 23.02 -25.32
C ASN D 30 -53.27 22.12 -26.36
N ASP D 31 -53.73 20.84 -26.45
CA ASP D 31 -53.13 19.89 -27.38
C ASP D 31 -53.67 20.09 -28.78
N VAL D 32 -53.33 21.27 -29.37
CA VAL D 32 -53.71 21.78 -30.69
C VAL D 32 -52.49 22.35 -31.43
N ALA D 33 -52.44 22.13 -32.77
CA ALA D 33 -51.40 22.61 -33.69
C ALA D 33 -52.02 23.20 -34.94
N TRP D 34 -51.29 24.09 -35.60
CA TRP D 34 -51.72 24.73 -36.85
C TRP D 34 -50.68 24.52 -37.93
N TYR D 35 -51.14 24.22 -39.15
CA TYR D 35 -50.28 23.98 -40.32
C TYR D 35 -50.71 24.81 -41.50
N GLN D 36 -49.75 25.12 -42.39
CA GLN D 36 -49.99 25.86 -43.64
C GLN D 36 -49.71 24.90 -44.79
N GLN D 37 -50.69 24.76 -45.70
CA GLN D 37 -50.50 23.89 -46.86
C GLN D 37 -50.71 24.59 -48.19
N LYS D 38 -49.71 24.49 -49.06
CA LYS D 38 -49.73 25.02 -50.42
C LYS D 38 -49.94 23.85 -51.41
N PRO D 39 -50.67 24.10 -52.54
CA PRO D 39 -51.05 23.04 -53.49
C PRO D 39 -50.21 21.74 -53.57
N GLY D 40 -49.14 21.71 -54.35
CA GLY D 40 -48.37 20.48 -54.54
C GLY D 40 -47.49 20.04 -53.39
N LYS D 41 -47.62 20.68 -52.21
CA LYS D 41 -46.74 20.42 -51.07
C LYS D 41 -47.40 19.81 -49.83
N ALA D 42 -46.57 19.33 -48.92
CA ALA D 42 -46.92 18.75 -47.62
C ALA D 42 -47.19 19.90 -46.66
N PRO D 43 -47.99 19.72 -45.60
CA PRO D 43 -48.23 20.84 -44.66
C PRO D 43 -46.98 21.20 -43.87
N LYS D 44 -46.85 22.50 -43.49
CA LYS D 44 -45.74 23.01 -42.69
C LYS D 44 -46.28 23.32 -41.29
N LEU D 45 -45.63 22.80 -40.22
CA LEU D 45 -46.00 23.09 -38.84
C LEU D 45 -45.75 24.58 -38.56
N LEU D 46 -46.77 25.29 -38.05
CA LEU D 46 -46.63 26.71 -37.69
C LEU D 46 -46.68 26.92 -36.17
N ILE D 47 -47.73 26.40 -35.52
CA ILE D 47 -47.96 26.55 -34.09
C ILE D 47 -48.31 25.20 -33.45
N TYR D 48 -47.86 24.97 -32.20
CA TYR D 48 -48.15 23.76 -31.41
C TYR D 48 -48.42 24.17 -29.95
N TYR D 49 -49.10 23.30 -29.16
CA TYR D 49 -49.54 23.62 -27.80
C TYR D 49 -50.38 24.89 -27.78
N ALA D 50 -51.20 25.04 -28.86
CA ALA D 50 -52.16 26.09 -29.14
C ALA D 50 -51.56 27.48 -29.42
N SER D 51 -50.52 27.89 -28.64
CA SER D 51 -49.89 29.21 -28.68
C SER D 51 -48.37 29.24 -28.97
N ASN D 52 -47.71 28.09 -28.97
CA ASN D 52 -46.27 28.03 -29.18
C ASN D 52 -45.91 28.03 -30.66
N ARG D 53 -45.08 28.99 -31.10
CA ARG D 53 -44.64 29.13 -32.49
C ARG D 53 -43.46 28.19 -32.80
N TYR D 54 -43.54 27.41 -33.90
CA TYR D 54 -42.45 26.51 -34.27
C TYR D 54 -41.21 27.34 -34.75
N THR D 55 -40.01 26.73 -34.77
CA THR D 55 -38.76 27.36 -35.12
C THR D 55 -38.84 28.00 -36.52
N GLY D 56 -38.29 29.18 -36.65
CA GLY D 56 -38.29 29.86 -37.94
C GLY D 56 -39.62 30.38 -38.49
N VAL D 57 -40.77 30.11 -37.84
CA VAL D 57 -42.04 30.67 -38.33
C VAL D 57 -42.09 32.18 -37.90
N PRO D 58 -42.41 33.11 -38.84
CA PRO D 58 -42.39 34.55 -38.50
C PRO D 58 -43.37 34.99 -37.42
N SER D 59 -42.94 35.94 -36.58
CA SER D 59 -43.65 36.51 -35.45
C SER D 59 -45.05 37.09 -35.77
N ARG D 60 -45.37 37.30 -37.06
CA ARG D 60 -46.69 37.78 -37.47
C ARG D 60 -47.77 36.68 -37.43
N PHE D 61 -47.34 35.42 -37.25
CA PHE D 61 -48.21 34.26 -37.10
C PHE D 61 -48.36 34.01 -35.62
N SER D 62 -49.58 33.78 -35.14
CA SER D 62 -49.80 33.48 -33.72
C SER D 62 -51.00 32.58 -33.51
N GLY D 63 -51.07 31.94 -32.36
CA GLY D 63 -52.15 31.06 -31.98
C GLY D 63 -52.61 31.33 -30.56
N SER D 64 -53.87 30.99 -30.26
CA SER D 64 -54.44 31.22 -28.93
C SER D 64 -55.54 30.20 -28.62
N GLY D 65 -55.83 30.03 -27.33
CA GLY D 65 -56.92 29.17 -26.89
C GLY D 65 -56.60 28.09 -25.90
N TYR D 66 -57.65 27.56 -25.25
CA TYR D 66 -57.59 26.47 -24.29
C TYR D 66 -58.94 25.76 -24.23
N GLY D 67 -58.90 24.44 -24.47
CA GLY D 67 -60.00 23.48 -24.50
C GLY D 67 -61.26 23.97 -25.17
N THR D 68 -61.52 23.50 -26.41
CA THR D 68 -62.72 23.84 -27.21
C THR D 68 -62.49 25.04 -28.18
N ASP D 69 -62.20 26.26 -27.67
CA ASP D 69 -62.10 27.44 -28.54
C ASP D 69 -60.70 27.84 -28.93
N PHE D 70 -60.37 27.67 -30.21
CA PHE D 70 -59.01 27.98 -30.70
C PHE D 70 -58.99 29.01 -31.81
N THR D 71 -57.92 29.83 -31.84
CA THR D 71 -57.73 30.95 -32.75
C THR D 71 -56.31 31.02 -33.35
N PHE D 72 -56.21 31.28 -34.66
CA PHE D 72 -54.96 31.44 -35.41
C PHE D 72 -54.97 32.82 -36.09
N THR D 73 -53.93 33.66 -35.84
CA THR D 73 -53.86 35.01 -36.39
C THR D 73 -52.60 35.30 -37.22
N ILE D 74 -52.79 36.02 -38.35
CA ILE D 74 -51.74 36.55 -39.20
C ILE D 74 -51.92 38.07 -39.04
N SER D 75 -51.07 38.72 -38.24
CA SER D 75 -51.17 40.15 -37.92
C SER D 75 -50.81 41.11 -39.07
N SER D 76 -50.15 40.61 -40.13
CA SER D 76 -49.82 41.42 -41.29
C SER D 76 -49.74 40.51 -42.49
N LEU D 77 -50.90 40.30 -43.12
CA LEU D 77 -51.05 39.44 -44.28
C LEU D 77 -50.09 39.79 -45.42
N GLN D 78 -49.32 38.79 -45.82
CA GLN D 78 -48.31 38.86 -46.87
C GLN D 78 -48.72 37.99 -48.05
N PRO D 79 -48.35 38.32 -49.31
CA PRO D 79 -48.74 37.45 -50.45
C PRO D 79 -48.30 35.98 -50.33
N GLU D 80 -47.21 35.68 -49.58
CA GLU D 80 -46.70 34.31 -49.36
C GLU D 80 -47.64 33.47 -48.46
N ASP D 81 -48.63 34.11 -47.82
CA ASP D 81 -49.54 33.44 -46.90
C ASP D 81 -50.70 32.76 -47.60
N ILE D 82 -50.74 32.88 -48.92
CA ILE D 82 -51.73 32.29 -49.80
C ILE D 82 -51.69 30.74 -49.68
N ALA D 83 -52.53 30.18 -48.77
CA ALA D 83 -52.60 28.74 -48.50
C ALA D 83 -53.88 28.29 -47.80
N THR D 84 -53.96 26.97 -47.52
CA THR D 84 -55.04 26.37 -46.73
C THR D 84 -54.44 26.08 -45.35
N TYR D 85 -55.10 26.53 -44.30
CA TYR D 85 -54.60 26.37 -42.94
C TYR D 85 -55.40 25.30 -42.22
N TYR D 86 -54.71 24.38 -41.55
CA TYR D 86 -55.36 23.30 -40.81
C TYR D 86 -55.05 23.34 -39.34
N CYS D 87 -56.05 23.06 -38.49
CA CYS D 87 -55.88 22.90 -37.05
C CYS D 87 -55.84 21.40 -36.80
N GLN D 88 -55.28 21.01 -35.66
CA GLN D 88 -55.11 19.61 -35.30
C GLN D 88 -55.14 19.45 -33.80
N GLN D 89 -55.68 18.32 -33.32
CA GLN D 89 -55.63 17.99 -31.89
C GLN D 89 -54.93 16.65 -31.72
N ASP D 90 -54.12 16.52 -30.65
CA ASP D 90 -53.42 15.28 -30.27
C ASP D 90 -53.66 15.07 -28.75
N TYR D 91 -54.93 15.16 -28.35
CA TYR D 91 -55.39 14.99 -26.97
C TYR D 91 -55.92 13.56 -26.77
N SER D 92 -56.96 13.16 -27.51
CA SER D 92 -57.44 11.77 -27.48
C SER D 92 -56.71 11.09 -28.66
N SER D 93 -57.37 10.86 -29.82
CA SER D 93 -56.63 10.30 -30.93
C SER D 93 -56.10 11.49 -31.73
N LEU D 94 -55.99 11.36 -33.04
CA LEU D 94 -55.46 12.43 -33.85
C LEU D 94 -56.44 12.82 -34.95
N THR D 95 -56.97 14.05 -34.84
CA THR D 95 -57.90 14.59 -35.83
C THR D 95 -57.48 15.94 -36.30
N PHE D 96 -57.87 16.25 -37.53
CA PHE D 96 -57.59 17.49 -38.22
C PHE D 96 -58.85 18.25 -38.55
N GLY D 97 -58.69 19.54 -38.79
CA GLY D 97 -59.76 20.41 -39.23
C GLY D 97 -59.92 20.21 -40.73
N GLN D 98 -61.03 20.67 -41.28
CA GLN D 98 -61.31 20.52 -42.71
C GLN D 98 -60.66 21.64 -43.57
N GLY D 99 -60.00 22.60 -42.90
CA GLY D 99 -59.25 23.68 -43.53
C GLY D 99 -59.91 25.02 -43.69
N THR D 100 -59.08 26.02 -43.96
CA THR D 100 -59.50 27.39 -44.25
C THR D 100 -58.63 27.89 -45.39
N LYS D 101 -59.21 28.06 -46.59
CA LYS D 101 -58.47 28.54 -47.75
C LYS D 101 -58.36 30.06 -47.68
N LEU D 102 -57.15 30.56 -47.61
CA LEU D 102 -56.90 31.99 -47.54
C LEU D 102 -56.53 32.53 -48.93
N GLU D 103 -57.27 33.56 -49.37
CA GLU D 103 -57.08 34.27 -50.64
C GLU D 103 -56.90 35.76 -50.36
N ILE D 104 -56.14 36.48 -51.19
CA ILE D 104 -55.90 37.89 -50.86
C ILE D 104 -56.66 38.85 -51.77
N LYS D 105 -57.18 39.95 -51.17
CA LYS D 105 -57.86 41.02 -51.88
C LYS D 105 -56.78 41.95 -52.44
N ARG D 106 -56.93 42.31 -53.71
CA ARG D 106 -55.99 43.13 -54.48
C ARG D 106 -56.81 44.17 -55.28
N THR D 107 -56.14 45.17 -55.90
CA THR D 107 -56.81 46.16 -56.75
C THR D 107 -57.25 45.46 -58.03
N VAL D 108 -58.32 45.98 -58.68
CA VAL D 108 -58.85 45.39 -59.91
C VAL D 108 -57.78 45.39 -61.01
N ALA D 109 -57.55 44.23 -61.63
CA ALA D 109 -56.61 44.04 -62.72
C ALA D 109 -57.34 43.37 -63.88
N ALA D 110 -57.25 44.00 -65.07
CA ALA D 110 -57.90 43.51 -66.29
C ALA D 110 -57.14 42.31 -66.87
N PRO D 111 -57.85 41.31 -67.45
CA PRO D 111 -57.13 40.18 -68.05
C PRO D 111 -56.61 40.51 -69.44
N SER D 112 -55.43 40.01 -69.78
CA SER D 112 -54.87 40.15 -71.12
C SER D 112 -55.33 38.88 -71.86
N VAL D 113 -56.30 39.05 -72.78
CA VAL D 113 -56.96 37.98 -73.54
C VAL D 113 -56.15 37.54 -74.78
N PHE D 114 -56.11 36.21 -75.03
CA PHE D 114 -55.41 35.58 -76.15
C PHE D 114 -56.24 34.46 -76.75
N ILE D 115 -56.18 34.29 -78.09
CA ILE D 115 -56.88 33.22 -78.80
C ILE D 115 -55.87 32.30 -79.49
N PHE D 116 -56.05 30.98 -79.28
CA PHE D 116 -55.17 29.98 -79.85
C PHE D 116 -55.92 29.05 -80.78
N PRO D 117 -55.53 29.00 -82.08
CA PRO D 117 -56.22 28.10 -83.01
C PRO D 117 -55.78 26.64 -82.85
N PRO D 118 -56.61 25.64 -83.22
CA PRO D 118 -56.18 24.23 -83.11
C PRO D 118 -55.02 23.92 -84.05
N SER D 119 -54.00 23.19 -83.54
CA SER D 119 -52.81 22.82 -84.32
C SER D 119 -53.13 21.78 -85.40
N ASP D 120 -52.35 21.75 -86.49
CA ASP D 120 -52.52 20.80 -87.60
C ASP D 120 -52.32 19.34 -87.13
N GLU D 121 -51.47 19.15 -86.10
CA GLU D 121 -51.17 17.85 -85.47
C GLU D 121 -52.42 17.30 -84.78
N GLN D 122 -53.27 18.20 -84.22
CA GLN D 122 -54.52 17.84 -83.54
C GLN D 122 -55.60 17.38 -84.53
N LEU D 123 -55.53 17.85 -85.79
CA LEU D 123 -56.47 17.48 -86.86
C LEU D 123 -56.25 16.05 -87.42
N LYS D 124 -55.41 15.26 -86.73
CA LYS D 124 -55.11 13.85 -87.03
C LYS D 124 -56.11 12.96 -86.26
N SER D 125 -56.40 13.33 -84.99
CA SER D 125 -57.32 12.62 -84.10
C SER D 125 -58.79 12.75 -84.52
N GLY D 126 -59.10 13.79 -85.30
CA GLY D 126 -60.44 14.05 -85.80
C GLY D 126 -61.27 15.01 -84.98
N THR D 127 -60.63 15.67 -83.98
CA THR D 127 -61.25 16.66 -83.11
C THR D 127 -60.39 17.93 -83.04
N ALA D 128 -61.02 19.07 -82.75
CA ALA D 128 -60.34 20.36 -82.66
C ALA D 128 -60.59 21.05 -81.32
N SER D 129 -59.51 21.51 -80.68
CA SER D 129 -59.55 22.23 -79.42
C SER D 129 -59.04 23.65 -79.61
N VAL D 130 -59.94 24.63 -79.42
CA VAL D 130 -59.63 26.06 -79.50
C VAL D 130 -59.71 26.65 -78.08
N VAL D 131 -58.54 27.02 -77.54
CA VAL D 131 -58.40 27.55 -76.18
C VAL D 131 -58.34 29.10 -76.17
N CYS D 132 -58.85 29.69 -75.07
CA CYS D 132 -58.90 31.12 -74.78
C CYS D 132 -58.17 31.34 -73.46
N LEU D 133 -57.13 32.19 -73.46
CA LEU D 133 -56.37 32.49 -72.26
C LEU D 133 -56.69 33.88 -71.72
N LEU D 134 -57.03 33.95 -70.43
CA LEU D 134 -57.30 35.16 -69.67
C LEU D 134 -56.14 35.23 -68.68
N ASN D 135 -55.12 36.05 -69.00
CA ASN D 135 -53.89 36.14 -68.21
C ASN D 135 -53.90 37.24 -67.16
N ASN D 136 -53.43 36.89 -65.94
CA ASN D 136 -53.24 37.69 -64.72
C ASN D 136 -54.30 38.79 -64.51
N PHE D 137 -55.39 38.42 -63.81
CA PHE D 137 -56.50 39.29 -63.50
C PHE D 137 -57.02 39.11 -62.08
N TYR D 138 -57.65 40.16 -61.52
CA TYR D 138 -58.30 40.15 -60.22
C TYR D 138 -59.59 40.99 -60.27
N PRO D 139 -60.75 40.52 -59.74
CA PRO D 139 -61.00 39.23 -59.05
C PRO D 139 -61.11 38.02 -59.99
N ARG D 140 -61.36 36.81 -59.45
CA ARG D 140 -61.50 35.63 -60.28
C ARG D 140 -62.85 35.58 -61.03
N GLU D 141 -63.85 36.35 -60.53
CA GLU D 141 -65.21 36.46 -61.10
C GLU D 141 -65.12 37.00 -62.55
N ALA D 142 -65.06 36.06 -63.52
CA ALA D 142 -64.92 36.37 -64.95
C ALA D 142 -65.81 35.49 -65.80
N LYS D 143 -66.44 36.09 -66.83
CA LYS D 143 -67.36 35.41 -67.75
C LYS D 143 -66.76 35.17 -69.12
N VAL D 144 -66.59 33.89 -69.49
CA VAL D 144 -66.07 33.49 -70.80
C VAL D 144 -67.23 32.94 -71.63
N GLN D 145 -67.45 33.53 -72.82
CA GLN D 145 -68.51 33.09 -73.72
C GLN D 145 -68.00 32.89 -75.14
N TRP D 146 -68.25 31.69 -75.69
CA TRP D 146 -67.82 31.30 -77.02
C TRP D 146 -68.86 31.58 -78.10
N LYS D 147 -68.38 32.08 -79.25
CA LYS D 147 -69.21 32.38 -80.43
C LYS D 147 -68.60 31.62 -81.61
N VAL D 148 -69.35 30.65 -82.16
CA VAL D 148 -68.90 29.80 -83.27
C VAL D 148 -68.76 30.59 -84.59
N ASP D 149 -69.78 31.43 -84.96
CA ASP D 149 -69.86 32.31 -86.15
C ASP D 149 -71.34 32.70 -86.50
N ASN D 150 -72.03 33.54 -85.70
CA ASN D 150 -71.64 34.15 -84.42
C ASN D 150 -72.51 33.62 -83.27
N ALA D 151 -73.16 32.45 -83.51
CA ALA D 151 -74.01 31.69 -82.59
C ALA D 151 -73.31 31.41 -81.27
N LEU D 152 -73.99 31.70 -80.15
CA LEU D 152 -73.46 31.50 -78.81
C LEU D 152 -73.49 30.04 -78.42
N GLN D 153 -72.32 29.50 -78.03
CA GLN D 153 -72.16 28.10 -77.62
C GLN D 153 -72.49 27.97 -76.13
N SER D 154 -73.24 26.91 -75.76
CA SER D 154 -73.64 26.66 -74.37
C SER D 154 -73.68 25.16 -73.99
N GLY D 155 -72.85 24.36 -74.64
CA GLY D 155 -72.75 22.92 -74.37
C GLY D 155 -71.32 22.48 -74.14
N ASN D 156 -70.46 22.72 -75.14
CA ASN D 156 -69.03 22.43 -75.15
C ASN D 156 -68.28 23.41 -74.24
N SER D 157 -66.92 23.39 -74.28
CA SER D 157 -65.98 24.23 -73.51
C SER D 157 -65.92 23.90 -72.01
N GLN D 158 -64.70 23.80 -71.48
CA GLN D 158 -64.42 23.53 -70.08
C GLN D 158 -63.43 24.54 -69.53
N GLU D 159 -63.83 25.24 -68.44
CA GLU D 159 -63.02 26.26 -67.77
C GLU D 159 -62.02 25.67 -66.76
N SER D 160 -60.91 26.38 -66.53
CA SER D 160 -59.86 25.99 -65.58
C SER D 160 -59.15 27.25 -65.07
N VAL D 161 -59.12 27.44 -63.74
CA VAL D 161 -58.49 28.61 -63.11
C VAL D 161 -57.32 28.19 -62.23
N THR D 162 -56.17 28.86 -62.41
CA THR D 162 -54.95 28.65 -61.63
C THR D 162 -55.13 29.16 -60.20
N GLU D 163 -54.26 28.69 -59.28
CA GLU D 163 -54.22 29.19 -57.90
C GLU D 163 -53.66 30.60 -57.95
N GLN D 164 -54.09 31.50 -57.04
CA GLN D 164 -53.69 32.90 -56.95
C GLN D 164 -52.18 33.11 -57.25
N ASP D 165 -51.25 33.36 -56.32
CA ASP D 165 -49.87 33.55 -56.77
C ASP D 165 -48.84 33.35 -55.66
N SER D 166 -48.08 34.42 -55.36
CA SER D 166 -47.02 34.57 -54.38
C SER D 166 -46.47 36.00 -54.49
N LYS D 167 -46.63 36.62 -55.69
CA LYS D 167 -46.13 37.98 -55.93
C LYS D 167 -47.23 38.89 -56.46
N ASP D 168 -47.78 38.55 -57.64
CA ASP D 168 -48.80 39.27 -58.41
C ASP D 168 -50.18 39.30 -57.76
N SER D 169 -50.56 38.20 -57.07
CA SER D 169 -51.86 37.96 -56.41
C SER D 169 -53.05 37.98 -57.39
N THR D 170 -52.79 37.55 -58.65
CA THR D 170 -53.78 37.50 -59.73
C THR D 170 -54.15 36.05 -60.05
N TYR D 171 -55.16 35.87 -60.92
CA TYR D 171 -55.63 34.57 -61.36
C TYR D 171 -55.46 34.47 -62.86
N SER D 172 -55.40 33.25 -63.38
CA SER D 172 -55.36 33.02 -64.81
C SER D 172 -56.42 32.00 -65.17
N LEU D 173 -57.17 32.27 -66.23
CA LEU D 173 -58.26 31.39 -66.67
C LEU D 173 -58.04 30.89 -68.08
N SER D 174 -58.34 29.59 -68.28
CA SER D 174 -58.26 28.86 -69.54
C SER D 174 -59.62 28.22 -69.82
N SER D 175 -60.19 28.51 -71.00
CA SER D 175 -61.46 27.95 -71.46
C SER D 175 -61.17 27.25 -72.78
N THR D 176 -61.54 25.96 -72.90
CA THR D 176 -61.24 25.19 -74.10
C THR D 176 -62.49 24.70 -74.84
N LEU D 177 -62.83 25.35 -75.97
CA LEU D 177 -63.96 24.98 -76.83
C LEU D 177 -63.56 23.77 -77.68
N THR D 178 -64.32 22.67 -77.56
CA THR D 178 -64.03 21.44 -78.30
C THR D 178 -65.14 21.09 -79.31
N LEU D 179 -64.73 20.92 -80.57
CA LEU D 179 -65.59 20.55 -81.71
C LEU D 179 -64.91 19.39 -82.44
N SER D 180 -65.64 18.68 -83.32
CA SER D 180 -65.04 17.63 -84.14
C SER D 180 -64.38 18.32 -85.34
N LYS D 181 -63.45 17.63 -86.05
CA LYS D 181 -62.74 18.19 -87.21
C LYS D 181 -63.72 18.77 -88.25
N ALA D 182 -64.77 17.99 -88.58
CA ALA D 182 -65.82 18.36 -89.56
C ALA D 182 -66.64 19.58 -89.12
N ASP D 183 -67.08 19.62 -87.85
CA ASP D 183 -67.87 20.72 -87.28
C ASP D 183 -67.05 22.01 -87.26
N TYR D 184 -65.74 21.90 -86.97
CA TYR D 184 -64.78 23.01 -86.94
C TYR D 184 -64.54 23.53 -88.36
N GLU D 185 -64.22 22.63 -89.32
CA GLU D 185 -63.97 22.97 -90.73
C GLU D 185 -65.25 23.40 -91.50
N LYS D 186 -66.35 23.69 -90.78
CA LYS D 186 -67.63 24.16 -91.32
C LYS D 186 -67.77 25.69 -91.15
N HIS D 187 -67.46 26.21 -89.94
CA HIS D 187 -67.55 27.64 -89.60
C HIS D 187 -66.23 28.39 -89.88
N LYS D 188 -66.30 29.74 -90.00
CA LYS D 188 -65.15 30.57 -90.32
C LYS D 188 -64.55 31.34 -89.12
N VAL D 189 -65.26 32.34 -88.57
CA VAL D 189 -64.74 33.19 -87.48
C VAL D 189 -65.19 32.70 -86.09
N TYR D 190 -64.23 32.18 -85.28
CA TYR D 190 -64.43 31.68 -83.91
C TYR D 190 -63.99 32.78 -82.95
N ALA D 191 -64.86 33.17 -82.01
CA ALA D 191 -64.60 34.24 -81.05
C ALA D 191 -64.78 33.84 -79.57
N CYS D 192 -64.04 34.52 -78.68
CA CYS D 192 -64.07 34.34 -77.23
C CYS D 192 -64.27 35.72 -76.56
N GLU D 193 -65.51 35.99 -76.11
CA GLU D 193 -65.89 37.24 -75.45
C GLU D 193 -65.63 37.14 -73.94
N VAL D 194 -64.95 38.15 -73.37
CA VAL D 194 -64.57 38.20 -71.96
C VAL D 194 -65.19 39.41 -71.24
N THR D 195 -65.94 39.14 -70.15
CA THR D 195 -66.58 40.15 -69.30
C THR D 195 -65.92 40.09 -67.92
N HIS D 196 -65.38 41.25 -67.47
CA HIS D 196 -64.67 41.40 -66.19
C HIS D 196 -64.78 42.84 -65.65
N GLN D 197 -64.59 43.02 -64.32
CA GLN D 197 -64.64 44.32 -63.64
C GLN D 197 -63.58 45.32 -64.12
N GLY D 198 -62.43 44.81 -64.60
CA GLY D 198 -61.33 45.62 -65.11
C GLY D 198 -61.52 46.10 -66.52
N LEU D 199 -62.45 45.46 -67.26
CA LEU D 199 -62.77 45.80 -68.65
C LEU D 199 -64.00 46.70 -68.73
N SER D 200 -63.86 47.86 -69.40
CA SER D 200 -64.93 48.84 -69.60
C SER D 200 -66.09 48.24 -70.40
N SER D 201 -65.77 47.54 -71.51
CA SER D 201 -66.71 46.84 -72.38
C SER D 201 -66.21 45.39 -72.62
N PRO D 202 -67.11 44.38 -72.83
CA PRO D 202 -66.61 43.00 -73.04
C PRO D 202 -65.68 42.86 -74.24
N VAL D 203 -64.39 42.52 -73.95
CA VAL D 203 -63.34 42.37 -74.95
C VAL D 203 -63.46 41.03 -75.67
N THR D 204 -63.50 41.08 -77.01
CA THR D 204 -63.62 39.91 -77.88
C THR D 204 -62.33 39.70 -78.68
N LYS D 205 -61.84 38.45 -78.71
CA LYS D 205 -60.64 38.06 -79.45
C LYS D 205 -61.02 36.96 -80.44
N SER D 206 -60.80 37.21 -81.75
CA SER D 206 -61.20 36.29 -82.83
C SER D 206 -60.05 35.82 -83.75
N PHE D 207 -60.35 34.80 -84.58
CA PHE D 207 -59.49 34.19 -85.60
C PHE D 207 -60.36 33.51 -86.67
N ASN D 208 -59.78 33.23 -87.85
CA ASN D 208 -60.46 32.55 -88.95
C ASN D 208 -59.58 31.50 -89.66
N ARG D 209 -60.09 30.27 -89.77
CA ARG D 209 -59.41 29.12 -90.40
C ARG D 209 -59.15 29.38 -91.88
N GLN E 1 41.68 -30.15 20.58
CA GLN E 1 41.44 -30.05 22.01
C GLN E 1 42.46 -29.08 22.56
N ILE E 2 42.79 -28.06 21.78
CA ILE E 2 43.79 -27.06 22.10
C ILE E 2 45.09 -27.80 22.38
N GLN E 3 45.90 -28.00 21.35
CA GLN E 3 47.18 -28.69 21.42
C GLN E 3 48.17 -27.78 20.82
N LEU E 4 49.35 -27.71 21.42
CA LEU E 4 50.49 -26.94 20.92
C LEU E 4 51.60 -27.95 20.70
N VAL E 5 52.05 -28.11 19.44
CA VAL E 5 53.09 -29.08 19.04
C VAL E 5 54.32 -28.38 18.53
N GLN E 6 55.42 -28.55 19.27
CA GLN E 6 56.72 -27.94 18.98
C GLN E 6 57.68 -28.79 18.14
N SER E 7 58.58 -28.10 17.42
CA SER E 7 59.64 -28.71 16.61
C SER E 7 60.56 -29.43 17.61
N GLY E 8 61.22 -30.49 17.16
CA GLY E 8 62.07 -31.30 18.02
C GLY E 8 63.37 -30.69 18.48
N ALA E 9 64.10 -31.44 19.33
CA ALA E 9 65.39 -31.04 19.94
C ALA E 9 66.41 -30.58 18.93
N GLU E 10 67.15 -29.51 19.29
CA GLU E 10 68.21 -28.93 18.46
C GLU E 10 69.54 -28.89 19.23
N VAL E 11 70.65 -28.97 18.50
CA VAL E 11 72.00 -28.85 19.02
C VAL E 11 72.71 -27.79 18.17
N LYS E 12 73.11 -26.69 18.80
CA LYS E 12 73.69 -25.60 18.06
C LYS E 12 74.99 -25.13 18.68
N LYS E 13 75.94 -24.70 17.84
CA LYS E 13 77.24 -24.22 18.31
C LYS E 13 77.11 -22.82 18.92
N PRO E 14 77.98 -22.43 19.88
CA PRO E 14 77.86 -21.07 20.45
C PRO E 14 78.09 -20.07 19.33
N GLY E 15 77.23 -19.08 19.22
CA GLY E 15 77.29 -18.06 18.17
C GLY E 15 76.19 -18.21 17.15
N ALA E 16 75.68 -19.43 16.98
CA ALA E 16 74.61 -19.78 16.04
C ALA E 16 73.25 -19.24 16.49
N SER E 17 72.23 -19.45 15.65
CA SER E 17 70.84 -19.10 15.94
C SER E 17 70.01 -20.38 15.87
N VAL E 18 68.85 -20.35 16.53
CA VAL E 18 67.90 -21.46 16.57
C VAL E 18 66.49 -20.93 16.35
N LYS E 19 65.69 -21.64 15.57
CA LYS E 19 64.29 -21.26 15.35
C LYS E 19 63.39 -22.45 15.74
N VAL E 20 62.68 -22.31 16.88
CA VAL E 20 61.75 -23.31 17.41
C VAL E 20 60.34 -22.97 16.89
N SER E 21 59.61 -23.98 16.38
CA SER E 21 58.25 -23.83 15.88
C SER E 21 57.19 -24.32 16.94
N CYS E 22 55.94 -23.83 16.81
CA CYS E 22 54.83 -24.16 17.71
C CYS E 22 53.56 -24.15 16.92
N LYS E 23 53.01 -25.35 16.59
CA LYS E 23 51.78 -25.46 15.80
C LYS E 23 50.57 -25.60 16.69
N ALA E 24 49.64 -24.65 16.57
CA ALA E 24 48.41 -24.63 17.36
C ALA E 24 47.22 -25.23 16.64
N SER E 25 46.48 -26.10 17.32
CA SER E 25 45.22 -26.70 16.80
C SER E 25 44.15 -26.77 17.93
N GLY E 26 42.88 -26.70 17.57
CA GLY E 26 41.77 -26.78 18.52
C GLY E 26 41.03 -25.48 18.76
N TYR E 27 41.61 -24.35 18.29
CA TYR E 27 41.06 -22.99 18.42
C TYR E 27 41.58 -22.05 17.29
N THR E 28 40.95 -20.84 17.15
CA THR E 28 41.35 -19.84 16.14
C THR E 28 42.69 -19.24 16.50
N PHE E 29 43.77 -19.77 15.87
CA PHE E 29 45.15 -19.39 16.12
C PHE E 29 45.40 -17.90 16.20
N ALA E 30 44.92 -17.15 15.21
CA ALA E 30 45.14 -15.71 15.08
C ALA E 30 44.52 -14.84 16.19
N SER E 31 43.61 -15.41 16.99
CA SER E 31 42.82 -14.67 17.96
C SER E 31 43.43 -14.60 19.37
N TYR E 32 44.48 -15.39 19.67
CA TYR E 32 45.07 -15.39 21.00
C TYR E 32 46.54 -15.18 20.95
N ASN E 33 47.11 -14.46 21.94
CA ASN E 33 48.56 -14.25 22.02
C ASN E 33 49.23 -15.54 22.39
N MET E 34 50.44 -15.74 21.88
CA MET E 34 51.25 -16.94 22.14
C MET E 34 52.44 -16.51 22.94
N TYR E 35 52.65 -17.18 24.07
CA TYR E 35 53.81 -16.95 24.95
C TYR E 35 54.92 -17.94 24.68
N TRP E 36 56.12 -17.50 24.97
CA TRP E 36 57.35 -18.28 24.89
C TRP E 36 58.04 -18.16 26.23
N VAL E 37 58.27 -19.30 26.87
CA VAL E 37 59.02 -19.36 28.12
C VAL E 37 60.09 -20.46 28.00
N ARG E 38 61.09 -20.43 28.88
CA ARG E 38 62.12 -21.48 28.91
C ARG E 38 62.45 -21.90 30.34
N GLN E 39 63.07 -23.08 30.43
CA GLN E 39 63.48 -23.67 31.68
C GLN E 39 64.89 -24.25 31.58
N ALA E 40 65.86 -23.49 32.08
CA ALA E 40 67.28 -23.90 32.10
C ALA E 40 67.54 -24.76 33.34
N PRO E 41 68.43 -25.78 33.27
CA PRO E 41 68.68 -26.64 34.45
C PRO E 41 68.94 -25.88 35.76
N GLY E 42 68.05 -26.10 36.73
CA GLY E 42 68.07 -25.46 38.05
C GLY E 42 68.13 -23.95 38.01
N GLN E 43 67.30 -23.35 37.15
CA GLN E 43 67.36 -21.91 36.96
C GLN E 43 66.05 -21.17 37.15
N ARG E 44 64.91 -21.90 37.15
CA ARG E 44 63.54 -21.38 37.27
C ARG E 44 62.99 -20.90 35.92
N LEU E 45 61.68 -21.16 35.67
CA LEU E 45 60.97 -20.79 34.45
C LEU E 45 61.11 -19.30 34.17
N GLU E 46 61.60 -18.99 32.97
CA GLU E 46 61.90 -17.64 32.53
C GLU E 46 61.11 -17.26 31.28
N TRP E 47 60.44 -16.11 31.35
CA TRP E 47 59.67 -15.60 30.23
C TRP E 47 60.61 -15.12 29.12
N ILE E 48 60.25 -15.40 27.86
CA ILE E 48 61.02 -14.94 26.72
C ILE E 48 60.29 -13.73 26.11
N GLY E 49 59.03 -13.93 25.76
CA GLY E 49 58.17 -12.93 25.14
C GLY E 49 56.84 -13.50 24.73
N TYR E 50 55.96 -12.65 24.16
CA TYR E 50 54.66 -13.04 23.60
C TYR E 50 54.45 -12.32 22.29
N ILE E 51 53.61 -12.89 21.42
CA ILE E 51 53.29 -12.31 20.12
C ILE E 51 51.78 -12.32 19.87
N ASP E 52 51.25 -11.26 19.21
CA ASP E 52 49.87 -11.20 18.78
C ASP E 52 49.93 -11.80 17.34
N PRO E 53 49.45 -13.05 17.11
CA PRO E 53 49.56 -13.63 15.76
C PRO E 53 48.67 -12.98 14.70
N TYR E 54 47.81 -12.02 15.11
CA TYR E 54 46.99 -11.29 14.13
C TYR E 54 47.85 -10.32 13.29
N ASN E 55 48.73 -9.54 13.93
CA ASN E 55 49.57 -8.57 13.24
C ASN E 55 51.09 -8.81 13.37
N GLY E 56 51.48 -9.74 14.24
CA GLY E 56 52.88 -10.08 14.44
C GLY E 56 53.60 -9.19 15.43
N GLY E 57 52.84 -8.38 16.16
CA GLY E 57 53.38 -7.47 17.16
C GLY E 57 53.71 -8.26 18.40
N SER E 58 54.89 -8.04 18.94
CA SER E 58 55.29 -8.77 20.14
C SER E 58 55.90 -7.89 21.22
N SER E 59 55.91 -8.41 22.47
CA SER E 59 56.52 -7.81 23.66
C SER E 59 57.54 -8.81 24.20
N TYR E 60 58.77 -8.37 24.41
CA TYR E 60 59.89 -9.23 24.81
C TYR E 60 60.42 -8.94 26.18
N ASN E 61 60.99 -9.96 26.82
CA ASN E 61 61.69 -9.82 28.10
C ASN E 61 63.02 -9.10 27.78
N GLN E 62 63.26 -7.95 28.46
CA GLN E 62 64.46 -7.11 28.32
C GLN E 62 65.82 -7.89 28.26
N LYS E 63 65.94 -9.08 28.96
CA LYS E 63 67.14 -9.94 28.99
C LYS E 63 67.59 -10.43 27.60
N PHE E 64 66.67 -10.47 26.63
CA PHE E 64 66.94 -10.91 25.27
C PHE E 64 66.61 -9.79 24.23
N LYS E 65 66.92 -8.53 24.59
CA LYS E 65 66.70 -7.39 23.70
C LYS E 65 67.72 -7.56 22.58
N GLY E 66 67.21 -7.69 21.37
CA GLY E 66 68.01 -7.83 20.16
C GLY E 66 68.60 -9.20 19.95
N ARG E 67 68.05 -10.21 20.62
CA ARG E 67 68.56 -11.58 20.51
C ARG E 67 67.47 -12.53 20.11
N VAL E 68 66.27 -12.21 20.54
CA VAL E 68 65.11 -13.02 20.22
C VAL E 68 64.22 -12.27 19.27
N THR E 69 63.67 -13.01 18.31
CA THR E 69 62.73 -12.51 17.33
C THR E 69 61.53 -13.47 17.25
N LEU E 70 60.32 -12.95 17.54
CA LEU E 70 59.10 -13.75 17.51
C LEU E 70 58.31 -13.47 16.24
N THR E 71 58.00 -14.54 15.50
CA THR E 71 57.22 -14.46 14.26
C THR E 71 56.11 -15.52 14.23
N ARG E 72 55.34 -15.58 13.11
CA ARG E 72 54.26 -16.56 12.88
C ARG E 72 53.84 -16.67 11.41
N ASP E 73 53.32 -17.87 11.03
CA ASP E 73 52.72 -18.17 9.73
C ASP E 73 51.26 -18.43 10.03
N LYS E 74 50.38 -17.45 9.72
CA LYS E 74 48.94 -17.54 10.00
C LYS E 74 48.30 -18.72 9.33
N SER E 75 48.55 -18.89 8.04
CA SER E 75 48.01 -19.98 7.24
C SER E 75 48.39 -21.39 7.75
N ALA E 76 49.49 -21.48 8.53
CA ALA E 76 50.00 -22.73 9.07
C ALA E 76 49.71 -22.87 10.56
N SER E 77 49.08 -21.83 11.17
CA SER E 77 48.72 -21.75 12.62
C SER E 77 49.92 -22.06 13.48
N THR E 78 51.08 -21.49 13.11
CA THR E 78 52.38 -21.75 13.71
C THR E 78 53.10 -20.47 14.14
N ALA E 79 53.64 -20.50 15.37
CA ALA E 79 54.42 -19.41 15.97
C ALA E 79 55.90 -19.80 16.07
N TYR E 80 56.78 -18.87 15.69
CA TYR E 80 58.22 -19.10 15.69
C TYR E 80 58.93 -18.26 16.72
N MET E 81 59.98 -18.85 17.30
CA MET E 81 60.84 -18.30 18.33
C MET E 81 62.28 -18.47 17.81
N GLU E 82 62.94 -17.34 17.44
CA GLU E 82 64.31 -17.41 16.98
C GLU E 82 65.22 -16.70 17.95
N LEU E 83 66.19 -17.46 18.51
CA LEU E 83 67.17 -16.97 19.48
C LEU E 83 68.54 -17.06 18.87
N SER E 84 69.19 -15.89 18.73
CA SER E 84 70.47 -15.72 18.07
C SER E 84 71.61 -15.49 19.09
N SER E 85 72.89 -15.47 18.61
CA SER E 85 74.11 -15.28 19.42
C SER E 85 74.07 -16.24 20.59
N LEU E 86 73.84 -17.53 20.27
CA LEU E 86 73.69 -18.58 21.25
C LEU E 86 74.91 -18.78 22.15
N ARG E 87 74.66 -18.66 23.45
CA ARG E 87 75.57 -18.79 24.58
C ARG E 87 75.24 -20.16 25.21
N SER E 88 76.19 -20.73 25.95
CA SER E 88 76.03 -22.00 26.66
C SER E 88 74.89 -21.92 27.68
N GLU E 89 74.60 -20.70 28.16
CA GLU E 89 73.54 -20.37 29.12
C GLU E 89 72.13 -20.55 28.53
N ASP E 90 72.02 -20.69 27.19
CA ASP E 90 70.76 -20.90 26.49
C ASP E 90 70.42 -22.37 26.38
N THR E 91 71.28 -23.23 26.97
CA THR E 91 70.96 -24.64 27.02
C THR E 91 69.77 -24.69 27.99
N ALA E 92 68.55 -24.94 27.45
CA ALA E 92 67.29 -24.97 28.19
C ALA E 92 66.20 -25.68 27.41
N VAL E 93 65.05 -25.91 28.07
CA VAL E 93 63.85 -26.47 27.43
C VAL E 93 62.96 -25.27 27.09
N TYR E 94 62.71 -25.08 25.80
CA TYR E 94 61.91 -23.97 25.27
C TYR E 94 60.47 -24.37 25.10
N TYR E 95 59.57 -23.59 25.70
CA TYR E 95 58.13 -23.81 25.67
C TYR E 95 57.35 -22.66 25.05
N CYS E 96 56.30 -23.00 24.30
CA CYS E 96 55.29 -22.04 23.81
C CYS E 96 54.08 -22.35 24.68
N ALA E 97 53.38 -21.30 25.14
CA ALA E 97 52.23 -21.49 26.01
C ALA E 97 51.15 -20.47 25.72
N ARG E 98 49.89 -20.85 26.01
CA ARG E 98 48.72 -20.02 25.79
C ARG E 98 47.89 -20.03 27.05
N GLY E 99 47.23 -18.90 27.29
CA GLY E 99 46.43 -18.69 28.49
C GLY E 99 45.09 -19.36 28.44
N TYR E 100 44.47 -19.53 29.62
CA TYR E 100 43.11 -20.03 29.70
C TYR E 100 42.23 -19.04 28.89
N ASN E 101 42.52 -17.73 29.03
CA ASN E 101 41.90 -16.65 28.26
C ASN E 101 43.03 -15.76 27.72
N ASN E 102 42.70 -14.71 26.95
CA ASN E 102 43.68 -13.80 26.34
C ASN E 102 44.11 -12.68 27.29
N TYR E 103 43.49 -12.59 28.50
CA TYR E 103 43.79 -11.55 29.49
C TYR E 103 45.07 -11.82 30.24
N LYS E 104 45.07 -12.82 31.12
CA LYS E 104 46.22 -13.17 31.93
C LYS E 104 47.04 -14.38 31.39
N ALA E 105 48.29 -14.52 31.89
CA ALA E 105 49.22 -15.55 31.50
C ALA E 105 49.09 -16.79 32.37
N TRP E 106 47.84 -17.21 32.62
CA TRP E 106 47.58 -18.43 33.38
C TRP E 106 47.65 -19.52 32.34
N PHE E 107 48.85 -20.07 32.15
CA PHE E 107 49.13 -21.05 31.11
C PHE E 107 48.41 -22.39 31.28
N ALA E 108 47.20 -22.50 30.73
CA ALA E 108 46.44 -23.74 30.80
C ALA E 108 46.93 -24.72 29.72
N TYR E 109 47.58 -24.20 28.65
CA TYR E 109 48.03 -24.94 27.48
C TYR E 109 49.49 -24.67 27.21
N TRP E 110 50.25 -25.76 27.08
CA TRP E 110 51.69 -25.76 26.89
C TRP E 110 52.07 -26.71 25.76
N GLY E 111 53.19 -26.41 25.12
CA GLY E 111 53.78 -27.28 24.14
C GLY E 111 54.61 -28.29 24.92
N GLN E 112 55.03 -29.40 24.27
CA GLN E 112 55.80 -30.47 24.93
C GLN E 112 57.20 -30.03 25.41
N GLY E 113 57.68 -28.94 24.85
CA GLY E 113 59.01 -28.40 25.12
C GLY E 113 59.99 -28.78 24.02
N THR E 114 61.02 -27.96 23.84
CA THR E 114 62.06 -28.20 22.84
C THR E 114 63.38 -27.98 23.50
N LEU E 115 64.15 -29.07 23.64
CA LEU E 115 65.49 -28.93 24.23
C LEU E 115 66.49 -28.38 23.20
N VAL E 116 67.10 -27.22 23.52
CA VAL E 116 68.17 -26.62 22.72
C VAL E 116 69.45 -26.75 23.56
N THR E 117 70.45 -27.42 22.98
CA THR E 117 71.75 -27.70 23.59
C THR E 117 72.77 -26.86 22.86
N VAL E 118 73.38 -25.87 23.56
CA VAL E 118 74.40 -24.97 22.97
C VAL E 118 75.78 -25.49 23.37
N SER E 119 76.47 -26.12 22.42
CA SER E 119 77.77 -26.74 22.66
C SER E 119 78.66 -26.67 21.42
N SER E 120 79.97 -26.67 21.63
CA SER E 120 80.92 -26.70 20.51
C SER E 120 81.38 -28.16 20.27
N ALA E 121 81.02 -29.07 21.21
CA ALA E 121 81.30 -30.51 21.18
C ALA E 121 80.56 -31.19 20.07
N SER E 122 81.18 -32.23 19.52
CA SER E 122 80.60 -32.95 18.41
C SER E 122 79.57 -33.97 18.83
N THR E 123 78.45 -33.93 18.09
CA THR E 123 77.26 -34.78 18.12
C THR E 123 77.68 -36.24 17.81
N LYS E 124 77.27 -37.16 18.68
CA LYS E 124 77.54 -38.60 18.57
C LYS E 124 76.28 -39.43 18.84
N GLY E 125 76.10 -40.43 18.00
CA GLY E 125 74.97 -41.36 18.10
C GLY E 125 75.22 -42.44 19.14
N PRO E 126 74.18 -42.84 19.90
CA PRO E 126 74.38 -43.88 20.93
C PRO E 126 74.61 -45.28 20.37
N SER E 127 75.22 -46.14 21.20
CA SER E 127 75.44 -47.55 20.91
C SER E 127 74.60 -48.32 21.93
N VAL E 128 73.51 -48.94 21.46
CA VAL E 128 72.56 -49.65 22.33
C VAL E 128 72.96 -51.12 22.53
N PHE E 129 73.16 -51.50 23.81
CA PHE E 129 73.56 -52.84 24.25
C PHE E 129 72.49 -53.47 25.14
N PRO E 130 72.22 -54.79 25.01
CA PRO E 130 71.18 -55.37 25.86
C PRO E 130 71.67 -55.77 27.25
N LEU E 131 70.75 -55.74 28.23
CA LEU E 131 71.02 -56.14 29.61
C LEU E 131 70.22 -57.43 29.81
N ALA E 132 70.86 -58.58 29.51
CA ALA E 132 70.25 -59.91 29.56
C ALA E 132 70.02 -60.44 30.98
N PRO E 133 68.80 -60.97 31.25
CA PRO E 133 68.53 -61.51 32.60
C PRO E 133 69.30 -62.79 32.92
N SER E 134 69.80 -62.90 34.18
CA SER E 134 70.56 -64.05 34.67
C SER E 134 69.69 -64.95 35.57
N SER E 135 69.40 -66.20 35.11
CA SER E 135 68.57 -67.16 35.82
C SER E 135 69.19 -67.66 37.12
N THR E 142 59.68 -60.33 39.05
CA THR E 142 60.32 -61.64 39.16
C THR E 142 61.64 -61.64 38.38
N ALA E 143 61.63 -61.12 37.14
CA ALA E 143 62.81 -61.04 36.28
C ALA E 143 63.00 -59.63 35.71
N ALA E 144 64.27 -59.19 35.60
CA ALA E 144 64.59 -57.87 35.05
C ALA E 144 65.52 -57.96 33.86
N LEU E 145 65.30 -57.05 32.91
CA LEU E 145 66.07 -56.93 31.68
C LEU E 145 66.00 -55.48 31.24
N GLY E 146 67.00 -55.04 30.48
CA GLY E 146 67.03 -53.67 30.01
C GLY E 146 67.86 -53.40 28.79
N CYS E 147 68.29 -52.13 28.66
CA CYS E 147 69.09 -51.60 27.57
C CYS E 147 70.06 -50.53 28.05
N LEU E 148 71.32 -50.63 27.61
CA LEU E 148 72.36 -49.66 27.92
C LEU E 148 72.59 -48.77 26.69
N VAL E 149 72.21 -47.50 26.83
CA VAL E 149 72.31 -46.44 25.82
C VAL E 149 73.63 -45.68 26.13
N LYS E 150 74.76 -46.20 25.61
CA LYS E 150 76.09 -45.66 25.89
C LYS E 150 76.73 -44.82 24.76
N ASP E 151 77.55 -43.84 25.20
CA ASP E 151 78.36 -42.89 24.43
C ASP E 151 77.55 -42.12 23.39
N TYR E 152 76.82 -41.10 23.87
CA TYR E 152 76.00 -40.25 23.02
C TYR E 152 76.11 -38.76 23.38
N PHE E 153 75.88 -37.89 22.38
CA PHE E 153 75.88 -36.45 22.53
C PHE E 153 75.04 -35.75 21.46
N PRO E 154 74.19 -34.77 21.84
CA PRO E 154 73.89 -34.32 23.19
C PRO E 154 72.67 -35.09 23.73
N GLU E 155 71.97 -34.46 24.66
CA GLU E 155 70.73 -34.97 25.19
C GLU E 155 69.63 -34.30 24.32
N PRO E 156 68.38 -34.81 24.34
CA PRO E 156 67.91 -35.98 25.08
C PRO E 156 68.00 -37.25 24.24
N VAL E 157 67.56 -38.35 24.84
CA VAL E 157 67.45 -39.67 24.26
C VAL E 157 66.10 -40.20 24.77
N THR E 158 65.31 -40.83 23.90
CA THR E 158 64.02 -41.36 24.31
C THR E 158 63.99 -42.90 24.14
N VAL E 159 63.60 -43.63 25.22
CA VAL E 159 63.54 -45.09 25.21
C VAL E 159 62.10 -45.57 25.42
N SER E 160 61.65 -46.45 24.50
CA SER E 160 60.33 -47.08 24.50
C SER E 160 60.55 -48.60 24.60
N TRP E 161 59.57 -49.31 25.15
CA TRP E 161 59.63 -50.77 25.25
C TRP E 161 58.48 -51.32 24.44
N ASN E 162 58.80 -52.01 23.31
CA ASN E 162 57.83 -52.55 22.34
C ASN E 162 56.97 -51.42 21.74
N SER E 163 57.60 -50.57 20.87
CA SER E 163 57.01 -49.41 20.18
C SER E 163 56.24 -48.37 21.08
N GLY E 164 56.33 -48.53 22.41
CA GLY E 164 55.70 -47.63 23.38
C GLY E 164 54.51 -48.14 24.19
N ALA E 165 54.05 -49.39 23.97
CA ALA E 165 52.89 -49.97 24.67
C ALA E 165 53.20 -50.68 26.01
N LEU E 166 54.48 -51.12 26.21
CA LEU E 166 54.90 -51.77 27.45
C LEU E 166 55.34 -50.63 28.38
N THR E 167 54.53 -50.32 29.40
CA THR E 167 54.80 -49.21 30.32
C THR E 167 55.12 -49.65 31.76
N SER E 168 54.45 -50.73 32.22
CA SER E 168 54.56 -51.25 33.59
C SER E 168 55.91 -51.89 33.88
N GLY E 169 56.52 -51.44 34.98
CA GLY E 169 57.82 -51.91 35.46
C GLY E 169 59.00 -51.25 34.79
N VAL E 170 58.74 -50.35 33.82
CA VAL E 170 59.77 -49.63 33.07
C VAL E 170 60.41 -48.51 33.92
N HIS E 171 61.75 -48.52 33.99
CA HIS E 171 62.55 -47.53 34.68
C HIS E 171 63.66 -47.08 33.75
N THR E 172 63.46 -45.91 33.11
CA THR E 172 64.45 -45.31 32.23
C THR E 172 65.18 -44.29 33.12
N PHE E 173 66.39 -44.68 33.55
CA PHE E 173 67.25 -43.92 34.45
C PHE E 173 67.76 -42.61 33.85
N PRO E 174 67.94 -41.56 34.69
CA PRO E 174 68.48 -40.29 34.18
C PRO E 174 69.88 -40.49 33.61
N ALA E 175 70.18 -39.79 32.50
CA ALA E 175 71.48 -39.87 31.84
C ALA E 175 72.56 -39.30 32.72
N VAL E 176 73.73 -39.92 32.71
CA VAL E 176 74.87 -39.45 33.49
C VAL E 176 76.00 -39.04 32.55
N LEU E 177 76.59 -37.87 32.79
CA LEU E 177 77.72 -37.40 31.99
C LEU E 177 78.95 -38.15 32.48
N GLN E 178 79.63 -38.83 31.56
CA GLN E 178 80.82 -39.63 31.87
C GLN E 178 82.08 -38.72 32.05
N SER E 179 83.27 -39.23 31.74
CA SER E 179 84.51 -38.44 31.83
C SER E 179 84.99 -38.09 30.42
N SER E 180 84.33 -38.69 29.41
CA SER E 180 84.61 -38.49 27.98
C SER E 180 83.81 -37.31 27.38
N GLY E 181 82.84 -36.80 28.17
CA GLY E 181 81.95 -35.72 27.76
C GLY E 181 80.74 -36.27 27.05
N LEU E 182 80.55 -37.58 27.16
CA LEU E 182 79.44 -38.35 26.59
C LEU E 182 78.52 -38.83 27.69
N TYR E 183 77.25 -38.99 27.33
CA TYR E 183 76.19 -39.44 28.24
C TYR E 183 75.97 -40.96 28.14
N SER E 184 75.60 -41.60 29.27
CA SER E 184 75.31 -43.03 29.39
C SER E 184 73.98 -43.19 30.15
N LEU E 185 73.02 -43.85 29.48
CA LEU E 185 71.67 -44.05 30.00
C LEU E 185 71.30 -45.54 30.06
N SER E 186 70.45 -45.92 31.04
CA SER E 186 69.96 -47.28 31.21
C SER E 186 68.45 -47.29 31.33
N SER E 187 67.78 -48.10 30.51
CA SER E 187 66.33 -48.27 30.56
C SER E 187 66.09 -49.73 30.91
N VAL E 188 65.46 -49.96 32.06
CA VAL E 188 65.22 -51.30 32.58
C VAL E 188 63.73 -51.60 32.75
N VAL E 189 63.35 -52.89 32.82
CA VAL E 189 61.96 -53.31 32.98
C VAL E 189 61.86 -54.61 33.78
N THR E 190 60.93 -54.64 34.76
CA THR E 190 60.66 -55.83 35.57
C THR E 190 59.44 -56.50 34.97
N VAL E 191 59.60 -57.79 34.58
CA VAL E 191 58.56 -58.62 33.95
C VAL E 191 58.49 -60.00 34.65
N PRO E 192 57.38 -60.77 34.57
CA PRO E 192 57.37 -62.10 35.20
C PRO E 192 58.41 -63.04 34.56
N SER E 193 59.03 -63.90 35.39
CA SER E 193 60.04 -64.87 34.95
C SER E 193 59.44 -65.87 33.95
N SER E 194 58.17 -66.26 34.19
CA SER E 194 57.35 -67.18 33.39
C SER E 194 57.18 -66.76 31.92
N SER E 195 57.29 -65.43 31.64
CA SER E 195 57.13 -64.82 30.33
C SER E 195 58.43 -64.65 29.52
N LEU E 196 59.57 -65.18 30.03
CA LEU E 196 60.86 -65.04 29.34
C LEU E 196 60.97 -65.90 28.06
N GLY E 197 60.25 -67.02 28.02
CA GLY E 197 60.25 -67.95 26.88
C GLY E 197 58.98 -67.96 26.05
N THR E 198 58.46 -66.76 25.73
CA THR E 198 57.25 -66.50 24.92
C THR E 198 57.24 -65.03 24.48
N GLN E 199 57.11 -64.10 25.45
CA GLN E 199 57.09 -62.66 25.26
C GLN E 199 58.43 -62.11 24.82
N THR E 200 58.36 -61.16 23.92
CA THR E 200 59.55 -60.48 23.38
C THR E 200 59.69 -59.10 23.96
N TYR E 201 60.93 -58.64 24.06
CA TYR E 201 61.24 -57.34 24.61
C TYR E 201 62.18 -56.58 23.69
N ILE E 202 61.68 -55.49 23.11
CA ILE E 202 62.47 -54.65 22.20
C ILE E 202 62.53 -53.23 22.77
N CYS E 203 63.76 -52.71 22.96
CA CYS E 203 63.93 -51.34 23.41
C CYS E 203 64.18 -50.44 22.18
N ASN E 204 63.31 -49.42 22.03
CA ASN E 204 63.35 -48.47 20.92
C ASN E 204 64.01 -47.16 21.34
N VAL E 205 65.29 -46.99 20.98
CA VAL E 205 66.08 -45.82 21.31
C VAL E 205 66.12 -44.84 20.14
N ASN E 206 65.65 -43.61 20.38
CA ASN E 206 65.66 -42.52 19.40
C ASN E 206 66.55 -41.38 19.91
N HIS E 207 67.29 -40.76 18.99
CA HIS E 207 68.22 -39.67 19.28
C HIS E 207 68.21 -38.73 18.06
N LYS E 208 67.26 -37.76 18.09
CA LYS E 208 66.99 -36.76 17.05
C LYS E 208 68.24 -35.99 16.53
N PRO E 209 69.11 -35.40 17.41
CA PRO E 209 70.27 -34.64 16.90
C PRO E 209 71.27 -35.38 16.00
N SER E 210 71.38 -36.73 16.13
CA SER E 210 72.28 -37.53 15.31
C SER E 210 71.49 -38.46 14.35
N ASN E 211 70.14 -38.38 14.40
CA ASN E 211 69.19 -39.16 13.61
C ASN E 211 69.40 -40.69 13.79
N THR E 212 69.56 -41.10 15.06
CA THR E 212 69.74 -42.50 15.47
C THR E 212 68.40 -43.06 15.94
N LYS E 213 68.01 -44.21 15.38
CA LYS E 213 66.78 -44.93 15.68
C LYS E 213 67.12 -46.43 15.73
N VAL E 214 67.56 -46.90 16.92
CA VAL E 214 67.97 -48.30 17.16
C VAL E 214 66.90 -49.06 17.92
N ASP E 215 66.53 -50.24 17.41
CA ASP E 215 65.58 -51.18 18.02
C ASP E 215 66.40 -52.40 18.41
N LYS E 216 66.66 -52.58 19.72
CA LYS E 216 67.46 -53.71 20.21
C LYS E 216 66.61 -54.81 20.85
N ARG E 217 66.90 -56.08 20.47
CA ARG E 217 66.26 -57.29 20.98
C ARG E 217 66.97 -57.77 22.24
N VAL E 218 66.25 -57.80 23.38
CA VAL E 218 66.80 -58.23 24.67
C VAL E 218 66.39 -59.69 24.93
N GLU E 219 67.40 -60.58 25.00
CA GLU E 219 67.23 -62.03 25.14
C GLU E 219 68.22 -62.69 26.12
N PRO E 220 67.85 -63.82 26.76
CA PRO E 220 68.81 -64.51 27.65
C PRO E 220 69.84 -65.36 26.84
N LYS E 221 70.96 -65.85 27.44
CA LYS E 221 71.37 -65.75 28.84
C LYS E 221 72.07 -64.43 29.16
N ILE F 1 59.93 -7.86 39.60
CA ILE F 1 59.25 -8.51 40.73
C ILE F 1 59.77 -9.92 40.92
N GLN F 2 60.36 -10.24 42.09
CA GLN F 2 60.87 -11.58 42.38
C GLN F 2 59.86 -12.41 43.21
N MET F 3 59.66 -13.68 42.80
CA MET F 3 58.78 -14.66 43.47
C MET F 3 59.63 -15.68 44.21
N THR F 4 59.67 -15.61 45.55
CA THR F 4 60.46 -16.51 46.38
C THR F 4 59.64 -17.57 47.09
N GLN F 5 59.93 -18.83 46.77
CA GLN F 5 59.25 -19.96 47.40
C GLN F 5 60.08 -20.54 48.55
N SER F 6 59.46 -20.65 49.70
CA SER F 6 59.97 -21.32 50.89
C SER F 6 58.76 -22.25 51.08
N PRO F 7 58.84 -23.57 51.26
CA PRO F 7 59.90 -24.39 51.85
C PRO F 7 61.04 -24.84 51.00
N SER F 8 60.98 -24.75 49.65
CA SER F 8 62.10 -25.15 48.76
C SER F 8 62.19 -26.67 48.48
N SER F 9 61.91 -27.52 49.47
CA SER F 9 61.84 -28.97 49.40
C SER F 9 61.07 -29.46 50.62
N LEU F 10 60.30 -30.54 50.49
CA LEU F 10 59.60 -31.08 51.65
C LEU F 10 59.09 -32.47 51.43
N SER F 11 59.04 -33.22 52.53
CA SER F 11 58.58 -34.59 52.57
C SER F 11 57.40 -34.70 53.50
N ALA F 12 56.35 -35.42 53.07
CA ALA F 12 55.18 -35.67 53.90
C ALA F 12 54.53 -37.02 53.55
N SER F 13 53.88 -37.62 54.55
CA SER F 13 53.18 -38.90 54.42
C SER F 13 51.88 -38.73 53.64
N VAL F 14 51.35 -39.86 53.11
CA VAL F 14 50.09 -39.87 52.39
C VAL F 14 48.96 -39.53 53.36
N GLY F 15 48.10 -38.62 52.93
CA GLY F 15 46.96 -38.13 53.68
C GLY F 15 47.21 -36.83 54.41
N ASP F 16 48.47 -36.38 54.48
CA ASP F 16 48.85 -35.15 55.19
C ASP F 16 48.41 -33.90 54.51
N ARG F 17 48.26 -32.79 55.27
CA ARG F 17 48.02 -31.44 54.76
C ARG F 17 49.40 -30.82 54.50
N VAL F 18 49.68 -30.44 53.24
CA VAL F 18 50.96 -29.83 52.86
C VAL F 18 50.73 -28.36 52.53
N THR F 19 51.47 -27.45 53.15
CA THR F 19 51.37 -26.03 52.82
C THR F 19 52.74 -25.49 52.35
N ILE F 20 52.75 -24.84 51.19
CA ILE F 20 53.94 -24.25 50.59
C ILE F 20 53.69 -22.75 50.32
N THR F 21 54.72 -21.91 50.47
CA THR F 21 54.58 -20.46 50.39
C THR F 21 55.32 -19.84 49.21
N CYS F 22 54.80 -18.72 48.75
CA CYS F 22 55.39 -17.92 47.70
C CYS F 22 55.29 -16.47 48.16
N LYS F 23 56.42 -15.79 48.20
CA LYS F 23 56.54 -14.39 48.58
C LYS F 23 56.91 -13.52 47.40
N ALA F 24 56.18 -12.44 47.18
CA ALA F 24 56.46 -11.54 46.07
C ALA F 24 57.26 -10.36 46.61
N SER F 25 58.26 -9.90 45.88
CA SER F 25 59.08 -8.73 46.27
C SER F 25 58.24 -7.44 46.45
N GLN F 26 57.09 -7.34 45.76
CA GLN F 26 56.11 -6.25 45.94
C GLN F 26 54.70 -6.76 45.75
N SER F 27 53.69 -5.89 45.96
CA SER F 27 52.29 -6.29 45.82
C SER F 27 52.02 -6.69 44.38
N VAL F 28 51.35 -7.87 44.23
CA VAL F 28 50.94 -8.43 42.93
C VAL F 28 49.41 -8.65 42.91
N THR F 29 48.69 -8.02 43.89
CA THR F 29 47.23 -8.08 43.94
C THR F 29 46.86 -9.59 44.17
N ASN F 30 46.05 -10.21 43.30
CA ASN F 30 45.77 -11.63 43.40
C ASN F 30 46.31 -12.28 42.13
N ASP F 31 47.23 -11.58 41.41
CA ASP F 31 47.75 -12.04 40.13
C ASP F 31 48.87 -13.07 40.31
N VAL F 32 48.46 -14.20 40.88
CA VAL F 32 49.33 -15.33 41.16
C VAL F 32 48.68 -16.61 40.65
N ALA F 33 49.53 -17.51 40.11
CA ALA F 33 49.14 -18.82 39.64
C ALA F 33 50.10 -19.88 40.20
N TRP F 34 49.61 -21.11 40.29
CA TRP F 34 50.40 -22.24 40.76
C TRP F 34 50.36 -23.35 39.74
N TYR F 35 51.51 -24.00 39.52
CA TYR F 35 51.67 -25.10 38.55
C TYR F 35 52.33 -26.29 39.18
N GLN F 36 52.05 -27.48 38.64
CA GLN F 36 52.63 -28.73 39.06
C GLN F 36 53.47 -29.25 37.91
N GLN F 37 54.75 -29.54 38.18
CA GLN F 37 55.62 -30.07 37.14
C GLN F 37 56.24 -31.38 37.50
N LYS F 38 56.04 -32.37 36.61
CA LYS F 38 56.62 -33.71 36.70
C LYS F 38 57.82 -33.81 35.73
N PRO F 39 58.90 -34.52 36.13
CA PRO F 39 60.14 -34.59 35.34
C PRO F 39 60.14 -34.28 33.82
N GLY F 40 59.85 -35.27 32.97
CA GLY F 40 59.95 -35.03 31.52
C GLY F 40 58.82 -34.25 30.89
N LYS F 41 57.95 -33.63 31.72
CA LYS F 41 56.75 -32.94 31.25
C LYS F 41 56.75 -31.43 31.49
N ALA F 42 55.78 -30.76 30.83
CA ALA F 42 55.53 -29.33 30.86
C ALA F 42 54.74 -29.07 32.13
N PRO F 43 54.77 -27.86 32.71
CA PRO F 43 53.95 -27.61 33.92
C PRO F 43 52.45 -27.63 33.63
N LYS F 44 51.64 -28.04 34.61
CA LYS F 44 50.18 -28.08 34.54
C LYS F 44 49.63 -26.97 35.42
N LEU F 45 48.75 -26.12 34.86
CA LEU F 45 48.10 -25.04 35.64
C LEU F 45 47.18 -25.65 36.70
N LEU F 46 47.35 -25.24 37.98
CA LEU F 46 46.50 -25.72 39.07
C LEU F 46 45.55 -24.62 39.59
N ILE F 47 46.12 -23.47 39.94
CA ILE F 47 45.38 -22.36 40.52
C ILE F 47 45.78 -21.05 39.84
N TYR F 48 44.83 -20.15 39.63
CA TYR F 48 45.02 -18.82 39.06
C TYR F 48 44.19 -17.80 39.85
N TYR F 49 44.54 -16.50 39.76
CA TYR F 49 43.92 -15.42 40.56
C TYR F 49 44.03 -15.73 42.05
N ALA F 50 45.23 -16.28 42.44
CA ALA F 50 45.68 -16.66 43.78
C ALA F 50 44.88 -17.79 44.44
N SER F 51 43.60 -17.97 44.10
CA SER F 51 42.73 -18.95 44.78
C SER F 51 41.75 -19.74 43.89
N ASN F 52 41.64 -19.38 42.60
CA ASN F 52 40.68 -19.98 41.69
C ASN F 52 41.28 -21.22 41.07
N ARG F 53 40.63 -22.34 41.29
CA ARG F 53 41.09 -23.63 40.82
C ARG F 53 40.82 -23.84 39.33
N TYR F 54 41.82 -24.29 38.56
CA TYR F 54 41.60 -24.57 37.12
C TYR F 54 40.69 -25.81 36.92
N THR F 55 40.13 -25.99 35.73
CA THR F 55 39.09 -26.96 35.40
C THR F 55 39.29 -28.33 36.11
N GLY F 56 39.86 -29.41 35.57
CA GLY F 56 39.75 -30.66 36.34
C GLY F 56 40.62 -30.85 37.57
N VAL F 57 41.09 -29.76 38.20
CA VAL F 57 42.02 -29.94 39.30
C VAL F 57 41.19 -30.32 40.58
N PRO F 58 41.59 -31.41 41.28
CA PRO F 58 40.81 -31.88 42.44
C PRO F 58 40.70 -30.89 43.58
N SER F 59 39.53 -30.89 44.23
CA SER F 59 39.14 -29.98 45.32
C SER F 59 40.09 -29.99 46.53
N ARG F 60 40.99 -30.99 46.65
CA ARG F 60 41.98 -31.08 47.72
C ARG F 60 43.16 -30.10 47.52
N PHE F 61 43.25 -29.50 46.32
CA PHE F 61 44.25 -28.49 45.98
C PHE F 61 43.59 -27.14 46.18
N SER F 62 44.27 -26.21 46.83
CA SER F 62 43.74 -24.86 47.04
C SER F 62 44.87 -23.83 47.15
N GLY F 63 44.52 -22.58 46.93
CA GLY F 63 45.43 -21.45 46.98
C GLY F 63 44.84 -20.30 47.76
N SER F 64 45.71 -19.45 48.31
CA SER F 64 45.26 -18.33 49.13
C SER F 64 46.26 -17.17 49.06
N GLY F 65 45.80 -15.97 49.41
CA GLY F 65 46.66 -14.80 49.49
C GLY F 65 46.25 -13.58 48.69
N TYR F 66 46.81 -12.45 49.11
CA TYR F 66 46.64 -11.16 48.45
C TYR F 66 47.85 -10.27 48.71
N GLY F 67 48.46 -9.83 47.61
CA GLY F 67 49.63 -8.95 47.49
C GLY F 67 50.74 -9.27 48.44
N THR F 68 51.80 -9.90 47.93
CA THR F 68 53.01 -10.26 48.71
C THR F 68 52.96 -11.71 49.26
N ASP F 69 52.02 -12.06 50.17
CA ASP F 69 52.05 -13.38 50.79
C ASP F 69 51.08 -14.38 50.21
N PHE F 70 51.63 -15.42 49.59
CA PHE F 70 50.82 -16.45 48.94
C PHE F 70 51.05 -17.85 49.48
N THR F 71 49.98 -18.66 49.43
CA THR F 71 49.90 -20.00 49.99
C THR F 71 49.28 -21.00 49.02
N PHE F 72 49.81 -22.22 48.97
CA PHE F 72 49.28 -23.32 48.19
C PHE F 72 49.14 -24.54 49.08
N THR F 73 48.00 -25.21 49.02
CA THR F 73 47.76 -26.37 49.89
C THR F 73 47.26 -27.63 49.24
N ILE F 74 47.74 -28.78 49.69
CA ILE F 74 47.22 -30.08 49.34
C ILE F 74 46.66 -30.61 50.67
N SER F 75 45.33 -30.62 50.83
CA SER F 75 44.67 -31.02 52.06
C SER F 75 44.61 -32.54 52.33
N SER F 76 44.97 -33.36 51.34
CA SER F 76 45.08 -34.80 51.52
C SER F 76 46.09 -35.32 50.53
N LEU F 77 47.38 -35.31 50.93
CA LEU F 77 48.48 -35.72 50.08
C LEU F 77 48.31 -37.13 49.51
N GLN F 78 48.38 -37.22 48.18
CA GLN F 78 48.22 -38.43 47.40
C GLN F 78 49.53 -38.76 46.68
N PRO F 79 49.84 -40.06 46.41
CA PRO F 79 51.10 -40.36 45.70
C PRO F 79 51.27 -39.67 44.35
N GLU F 80 50.17 -39.32 43.64
CA GLU F 80 50.20 -38.62 42.33
C GLU F 80 50.67 -37.17 42.44
N ASP F 81 50.78 -36.65 43.65
CA ASP F 81 51.17 -35.25 43.89
C ASP F 81 52.67 -35.05 43.89
N ILE F 82 53.40 -36.14 43.70
CA ILE F 82 54.85 -36.17 43.60
C ILE F 82 55.34 -35.29 42.44
N ALA F 83 55.66 -34.02 42.73
CA ALA F 83 56.14 -33.05 41.73
C ALA F 83 56.86 -31.83 42.32
N THR F 84 57.28 -30.92 41.43
CA THR F 84 57.83 -29.62 41.80
C THR F 84 56.72 -28.62 41.53
N TYR F 85 56.41 -27.78 42.52
CA TYR F 85 55.34 -26.80 42.39
C TYR F 85 55.93 -25.42 42.20
N TYR F 86 55.40 -24.68 41.22
CA TYR F 86 55.86 -23.32 40.94
C TYR F 86 54.77 -22.30 41.11
N CYS F 87 55.11 -21.15 41.69
CA CYS F 87 54.22 -20.01 41.77
C CYS F 87 54.61 -19.06 40.63
N GLN F 88 53.69 -18.18 40.25
CA GLN F 88 53.91 -17.24 39.17
C GLN F 88 53.12 -15.98 39.41
N GLN F 89 53.65 -14.82 38.98
CA GLN F 89 52.90 -13.57 39.02
C GLN F 89 52.80 -13.03 37.60
N ASP F 90 51.65 -12.41 37.24
CA ASP F 90 51.41 -11.74 35.95
C ASP F 90 50.80 -10.36 36.25
N TYR F 91 51.45 -9.62 37.15
CA TYR F 91 51.05 -8.29 37.56
C TYR F 91 51.86 -7.24 36.82
N SER F 92 53.21 -7.23 36.98
CA SER F 92 54.09 -6.36 36.21
C SER F 92 54.50 -7.15 35.01
N SER F 93 55.71 -7.68 34.88
CA SER F 93 55.86 -8.49 33.70
C SER F 93 55.45 -9.92 34.06
N LEU F 94 56.33 -10.92 33.88
CA LEU F 94 56.01 -12.31 34.20
C LEU F 94 57.21 -12.99 34.83
N THR F 95 57.06 -13.36 36.10
CA THR F 95 58.11 -14.08 36.83
C THR F 95 57.57 -15.30 37.51
N PHE F 96 58.47 -16.27 37.70
CA PHE F 96 58.19 -17.55 38.33
C PHE F 96 59.02 -17.75 39.61
N GLY F 97 58.54 -18.65 40.45
CA GLY F 97 59.23 -19.04 41.66
C GLY F 97 60.28 -20.05 41.28
N GLN F 98 61.20 -20.32 42.21
CA GLN F 98 62.28 -21.26 41.93
C GLN F 98 61.87 -22.75 42.24
N GLY F 99 60.64 -22.93 42.73
CA GLY F 99 60.07 -24.24 42.98
C GLY F 99 60.10 -24.81 44.38
N THR F 100 59.26 -25.83 44.59
CA THR F 100 59.20 -26.61 45.82
C THR F 100 59.03 -28.07 45.42
N LYS F 101 60.07 -28.89 45.65
CA LYS F 101 60.02 -30.30 45.32
C LYS F 101 59.30 -31.06 46.43
N LEU F 102 58.20 -31.69 46.09
CA LEU F 102 57.42 -32.46 47.04
C LEU F 102 57.74 -33.95 46.89
N GLU F 103 58.17 -34.59 48.00
CA GLU F 103 58.48 -36.01 48.06
C GLU F 103 57.61 -36.66 49.14
N ILE F 104 57.25 -37.94 48.97
CA ILE F 104 56.36 -38.52 49.97
C ILE F 104 57.08 -39.53 50.89
N LYS F 105 56.73 -39.51 52.18
CA LYS F 105 57.25 -40.45 53.17
C LYS F 105 56.37 -41.70 53.08
N ARG F 106 57.03 -42.85 53.01
CA ARG F 106 56.41 -44.16 52.83
C ARG F 106 57.05 -45.15 53.83
N THR F 107 56.48 -46.37 53.97
CA THR F 107 57.05 -47.41 54.84
C THR F 107 58.32 -47.93 54.16
N VAL F 108 59.26 -48.45 54.96
CA VAL F 108 60.53 -48.98 54.44
C VAL F 108 60.26 -50.13 53.46
N ALA F 109 60.87 -50.04 52.26
CA ALA F 109 60.77 -51.04 51.21
C ALA F 109 62.17 -51.43 50.77
N ALA F 110 62.46 -52.73 50.81
CA ALA F 110 63.76 -53.28 50.43
C ALA F 110 63.93 -53.28 48.91
N PRO F 111 65.17 -53.04 48.40
CA PRO F 111 65.35 -53.08 46.94
C PRO F 111 65.51 -54.51 46.44
N SER F 112 64.95 -54.80 45.27
CA SER F 112 65.15 -56.09 44.60
C SER F 112 66.37 -55.89 43.69
N VAL F 113 67.51 -56.48 44.09
CA VAL F 113 68.81 -56.34 43.43
C VAL F 113 68.98 -57.30 42.22
N PHE F 114 69.59 -56.80 41.13
CA PHE F 114 69.87 -57.55 39.90
C PHE F 114 71.26 -57.22 39.37
N ILE F 115 71.95 -58.23 38.78
CA ILE F 115 73.27 -58.05 38.17
C ILE F 115 73.20 -58.36 36.67
N PHE F 116 73.75 -57.44 35.87
CA PHE F 116 73.76 -57.58 34.43
C PHE F 116 75.18 -57.64 33.89
N PRO F 117 75.54 -58.76 33.22
CA PRO F 117 76.91 -58.86 32.66
C PRO F 117 77.07 -58.04 31.36
N PRO F 118 78.30 -57.60 31.01
CA PRO F 118 78.47 -56.86 29.74
C PRO F 118 78.16 -57.75 28.53
N SER F 119 77.43 -57.21 27.54
CA SER F 119 77.05 -57.94 26.33
C SER F 119 78.26 -58.18 25.42
N ASP F 120 78.22 -59.26 24.59
CA ASP F 120 79.31 -59.59 23.64
C ASP F 120 79.49 -58.49 22.59
N GLU F 121 78.40 -57.77 22.25
CA GLU F 121 78.36 -56.65 21.30
C GLU F 121 79.20 -55.48 21.84
N GLN F 122 79.20 -55.28 23.18
CA GLN F 122 79.96 -54.23 23.87
C GLN F 122 81.47 -54.50 23.85
N LEU F 123 81.86 -55.79 23.77
CA LEU F 123 83.27 -56.23 23.73
C LEU F 123 83.95 -55.97 22.36
N LYS F 124 83.28 -55.20 21.47
CA LYS F 124 83.76 -54.77 20.16
C LYS F 124 84.49 -53.42 20.34
N SER F 125 83.91 -52.52 21.17
CA SER F 125 84.45 -51.19 21.47
C SER F 125 85.75 -51.23 22.31
N GLY F 126 85.96 -52.34 23.02
CA GLY F 126 87.14 -52.54 23.85
C GLY F 126 86.97 -52.18 25.30
N THR F 127 85.73 -51.89 25.72
CA THR F 127 85.37 -51.55 27.10
C THR F 127 84.18 -52.39 27.55
N ALA F 128 84.05 -52.61 28.87
CA ALA F 128 82.98 -53.40 29.47
C ALA F 128 82.22 -52.62 30.54
N SER F 129 80.89 -52.63 30.44
CA SER F 129 80.01 -51.98 31.39
C SER F 129 79.13 -53.03 32.10
N VAL F 130 79.35 -53.18 33.42
CA VAL F 130 78.58 -54.09 34.27
C VAL F 130 77.69 -53.24 35.20
N VAL F 131 76.36 -53.28 34.96
CA VAL F 131 75.35 -52.52 35.69
C VAL F 131 74.69 -53.35 36.81
N CYS F 132 74.32 -52.66 37.89
CA CYS F 132 73.64 -53.19 39.07
C CYS F 132 72.33 -52.41 39.23
N LEU F 133 71.19 -53.12 39.23
CA LEU F 133 69.89 -52.50 39.41
C LEU F 133 69.32 -52.75 40.80
N LEU F 134 68.91 -51.66 41.48
CA LEU F 134 68.26 -51.63 42.79
C LEU F 134 66.85 -51.16 42.47
N ASN F 135 65.91 -52.11 42.37
CA ASN F 135 64.54 -51.82 41.97
C ASN F 135 63.57 -51.58 43.15
N ASN F 136 62.76 -50.52 43.00
CA ASN F 136 61.68 -50.03 43.88
C ASN F 136 61.95 -50.19 45.38
N PHE F 137 62.58 -49.16 45.96
CA PHE F 137 62.94 -49.11 47.38
C PHE F 137 62.70 -47.73 48.01
N TYR F 138 62.46 -47.70 49.34
CA TYR F 138 62.30 -46.49 50.14
C TYR F 138 62.99 -46.67 51.50
N PRO F 139 63.78 -45.68 52.00
CA PRO F 139 64.12 -44.37 51.41
C PRO F 139 65.16 -44.44 50.28
N ARG F 140 65.57 -43.28 49.72
CA ARG F 140 66.58 -43.27 48.65
C ARG F 140 68.00 -43.51 49.17
N GLU F 141 68.22 -43.30 50.48
CA GLU F 141 69.53 -43.51 51.11
C GLU F 141 69.93 -44.96 50.97
N ALA F 142 70.82 -45.23 50.00
CA ALA F 142 71.28 -46.58 49.68
C ALA F 142 72.76 -46.60 49.27
N LYS F 143 73.53 -47.58 49.77
CA LYS F 143 74.94 -47.74 49.50
C LYS F 143 75.25 -48.87 48.51
N VAL F 144 75.81 -48.51 47.35
CA VAL F 144 76.22 -49.48 46.34
C VAL F 144 77.76 -49.58 46.35
N GLN F 145 78.29 -50.80 46.53
CA GLN F 145 79.73 -51.04 46.55
C GLN F 145 80.11 -52.19 45.62
N TRP F 146 81.03 -51.92 44.66
CA TRP F 146 81.48 -52.90 43.69
C TRP F 146 82.73 -53.65 44.18
N LYS F 147 82.77 -54.99 43.98
CA LYS F 147 83.87 -55.90 44.32
C LYS F 147 84.31 -56.61 43.03
N VAL F 148 85.53 -56.33 42.53
CA VAL F 148 86.03 -56.92 41.27
C VAL F 148 86.23 -58.46 41.41
N ASP F 149 86.69 -58.90 42.60
CA ASP F 149 86.84 -60.28 43.06
C ASP F 149 86.51 -60.16 44.53
N ASN F 150 87.50 -59.80 45.35
CA ASN F 150 87.25 -59.48 46.75
C ASN F 150 87.76 -58.05 46.97
N ALA F 151 88.41 -57.48 45.93
CA ALA F 151 88.94 -56.12 45.95
C ALA F 151 87.84 -55.09 45.75
N LEU F 152 87.70 -54.17 46.72
CA LEU F 152 86.70 -53.11 46.68
C LEU F 152 87.12 -52.01 45.73
N GLN F 153 86.25 -51.70 44.77
CA GLN F 153 86.48 -50.65 43.77
C GLN F 153 86.06 -49.30 44.34
N SER F 154 86.88 -48.25 44.11
CA SER F 154 86.59 -46.90 44.61
C SER F 154 86.99 -45.75 43.66
N GLY F 155 87.00 -46.04 42.35
CA GLY F 155 87.33 -45.07 41.32
C GLY F 155 86.30 -45.00 40.22
N ASN F 156 86.05 -46.14 39.57
CA ASN F 156 85.08 -46.33 38.50
C ASN F 156 83.66 -46.33 39.08
N SER F 157 82.64 -46.67 38.24
CA SER F 157 81.19 -46.72 38.56
C SER F 157 80.53 -45.36 38.78
N GLN F 158 79.36 -45.17 38.16
CA GLN F 158 78.56 -43.95 38.24
C GLN F 158 77.12 -44.30 38.57
N GLU F 159 76.59 -43.71 39.66
CA GLU F 159 75.22 -43.91 40.14
C GLU F 159 74.19 -43.03 39.43
N SER F 160 72.93 -43.47 39.40
CA SER F 160 71.80 -42.76 38.81
C SER F 160 70.50 -43.20 39.48
N VAL F 161 69.73 -42.25 40.04
CA VAL F 161 68.48 -42.52 40.75
C VAL F 161 67.30 -41.87 40.04
N THR F 162 66.24 -42.67 39.81
CA THR F 162 64.99 -42.21 39.19
C THR F 162 64.20 -41.32 40.17
N GLU F 163 63.25 -40.53 39.61
CA GLU F 163 62.36 -39.71 40.41
C GLU F 163 61.35 -40.66 41.09
N GLN F 164 60.89 -40.32 42.31
CA GLN F 164 59.98 -41.14 43.10
C GLN F 164 58.78 -41.68 42.29
N ASP F 165 58.37 -42.95 42.46
CA ASP F 165 57.21 -43.46 41.70
C ASP F 165 55.87 -42.77 42.10
N SER F 166 55.06 -42.45 41.09
CA SER F 166 53.77 -41.80 41.23
C SER F 166 52.72 -42.66 41.90
N LYS F 167 52.85 -43.99 41.81
CA LYS F 167 51.93 -44.99 42.38
C LYS F 167 52.54 -45.60 43.65
N ASP F 168 53.68 -46.28 43.46
CA ASP F 168 54.48 -47.04 44.43
C ASP F 168 55.18 -46.18 45.49
N SER F 169 55.57 -44.93 45.12
CA SER F 169 56.31 -43.94 45.92
C SER F 169 57.71 -44.43 46.32
N THR F 170 58.32 -45.24 45.45
CA THR F 170 59.65 -45.81 45.63
C THR F 170 60.66 -45.18 44.68
N TYR F 171 61.94 -45.51 44.88
CA TYR F 171 63.04 -45.03 44.06
C TYR F 171 63.71 -46.23 43.40
N SER F 172 64.39 -46.00 42.28
CA SER F 172 65.17 -47.05 41.64
C SER F 172 66.56 -46.51 41.39
N LEU F 173 67.59 -47.33 41.67
CA LEU F 173 68.98 -46.94 41.52
C LEU F 173 69.70 -47.87 40.55
N SER F 174 70.55 -47.25 39.70
CA SER F 174 71.40 -47.88 38.70
C SER F 174 72.86 -47.44 38.94
N SER F 175 73.76 -48.41 39.11
CA SER F 175 75.19 -48.16 39.30
C SER F 175 75.91 -48.93 38.19
N THR F 176 76.78 -48.23 37.42
CA THR F 176 77.46 -48.87 36.29
C THR F 176 78.97 -48.90 36.43
N LEU F 177 79.54 -50.08 36.75
CA LEU F 177 80.99 -50.30 36.88
C LEU F 177 81.60 -50.42 35.46
N THR F 178 82.56 -49.54 35.14
CA THR F 178 83.20 -49.55 33.82
C THR F 178 84.69 -49.90 33.90
N LEU F 179 85.09 -50.94 33.13
CA LEU F 179 86.46 -51.44 32.99
C LEU F 179 86.77 -51.57 31.49
N SER F 180 88.05 -51.72 31.13
CA SER F 180 88.43 -51.96 29.72
C SER F 180 88.25 -53.48 29.47
N LYS F 181 88.16 -53.90 28.19
CA LYS F 181 87.97 -55.31 27.84
C LYS F 181 89.01 -56.21 28.50
N ALA F 182 90.30 -55.80 28.44
CA ALA F 182 91.45 -56.52 29.03
C ALA F 182 91.38 -56.63 30.56
N ASP F 183 91.07 -55.52 31.25
CA ASP F 183 90.94 -55.46 32.71
C ASP F 183 89.80 -56.35 33.20
N TYR F 184 88.68 -56.37 32.43
CA TYR F 184 87.49 -57.18 32.69
C TYR F 184 87.81 -58.66 32.50
N GLU F 185 88.41 -59.03 31.33
CA GLU F 185 88.79 -60.41 30.99
C GLU F 185 89.98 -60.94 31.81
N LYS F 186 90.36 -60.26 32.91
CA LYS F 186 91.43 -60.64 33.83
C LYS F 186 90.83 -61.29 35.12
N HIS F 187 89.79 -60.66 35.71
CA HIS F 187 89.12 -61.13 36.92
C HIS F 187 87.94 -62.08 36.62
N LYS F 188 87.51 -62.88 37.63
CA LYS F 188 86.46 -63.88 37.46
C LYS F 188 85.09 -63.46 38.05
N VAL F 189 84.95 -63.40 39.39
CA VAL F 189 83.67 -63.10 40.05
C VAL F 189 83.51 -61.61 40.39
N TYR F 190 82.58 -60.91 39.69
CA TYR F 190 82.24 -59.50 39.87
C TYR F 190 80.98 -59.42 40.72
N ALA F 191 81.03 -58.66 41.83
CA ALA F 191 79.91 -58.52 42.77
C ALA F 191 79.48 -57.08 43.03
N CYS F 192 78.19 -56.90 43.39
CA CYS F 192 77.56 -55.63 43.73
C CYS F 192 76.83 -55.78 45.09
N GLU F 193 77.46 -55.27 46.17
CA GLU F 193 76.93 -55.32 47.52
C GLU F 193 76.02 -54.10 47.78
N VAL F 194 74.81 -54.36 48.31
CA VAL F 194 73.80 -53.35 48.58
C VAL F 194 73.45 -53.26 50.06
N THR F 195 73.59 -52.05 50.65
CA THR F 195 73.25 -51.75 52.06
C THR F 195 72.07 -50.76 52.06
N HIS F 196 70.98 -51.14 52.76
CA HIS F 196 69.74 -50.36 52.86
C HIS F 196 68.99 -50.68 54.17
N GLN F 197 68.12 -49.75 54.63
CA GLN F 197 67.31 -49.91 55.85
C GLN F 197 66.33 -51.09 55.81
N GLY F 198 65.88 -51.49 54.61
CA GLY F 198 64.97 -52.60 54.40
C GLY F 198 65.64 -53.96 54.42
N LEU F 199 66.96 -53.97 54.25
CA LEU F 199 67.78 -55.19 54.23
C LEU F 199 68.41 -55.45 55.61
N SER F 200 68.17 -56.65 56.17
CA SER F 200 68.70 -57.08 57.47
C SER F 200 70.23 -57.12 57.44
N SER F 201 70.81 -57.71 56.36
CA SER F 201 72.25 -57.82 56.12
C SER F 201 72.55 -57.35 54.68
N PRO F 202 73.74 -56.75 54.39
CA PRO F 202 74.01 -56.30 53.00
C PRO F 202 73.93 -57.42 51.96
N VAL F 203 72.95 -57.31 51.04
CA VAL F 203 72.68 -58.29 49.99
C VAL F 203 73.67 -58.12 48.84
N THR F 204 74.34 -59.22 48.47
CA THR F 204 75.33 -59.27 47.39
C THR F 204 74.82 -60.10 46.22
N LYS F 205 74.95 -59.57 45.00
CA LYS F 205 74.55 -60.25 43.77
C LYS F 205 75.78 -60.37 42.86
N SER F 206 76.16 -61.62 42.50
CA SER F 206 77.37 -61.91 41.71
C SER F 206 77.14 -62.67 40.40
N PHE F 207 78.20 -62.72 39.56
CA PHE F 207 78.30 -63.43 38.29
C PHE F 207 79.76 -63.71 37.96
N ASN F 208 80.03 -64.65 37.03
CA ASN F 208 81.39 -65.00 36.58
C ASN F 208 81.48 -65.23 35.07
N ARG F 209 82.42 -64.53 34.41
CA ARG F 209 82.66 -64.58 32.97
C ARG F 209 83.09 -65.98 32.53
C1 NAG G . 33.04 19.27 16.41
C2 NAG G . 32.85 20.42 15.43
C3 NAG G . 33.52 21.67 16.01
C4 NAG G . 32.96 21.99 17.39
C5 NAG G . 33.02 20.78 18.30
C6 NAG G . 32.26 20.96 19.60
C7 NAG G . 32.68 19.78 13.05
C8 NAG G . 33.45 19.38 11.82
N2 NAG G . 33.41 20.09 14.14
O3 NAG G . 33.30 22.76 15.13
O4 NAG G . 33.66 23.09 17.97
O5 NAG G . 32.43 19.63 17.65
O6 NAG G . 30.90 21.29 19.37
O7 NAG G . 31.45 19.82 13.06
ZN ZN H . 20.94 -2.06 28.17
ZN ZN I . 21.42 -0.56 25.34
C1 NAG J . -40.30 -9.22 -0.12
C2 NAG J . -40.03 -10.52 0.63
C3 NAG J . -41.30 -10.95 1.35
C4 NAG J . -41.78 -9.85 2.30
C5 NAG J . -41.90 -8.53 1.55
C6 NAG J . -42.16 -7.35 2.46
C7 NAG J . -38.27 -11.98 -0.34
C8 NAG J . -37.97 -13.00 -1.40
N2 NAG J . -39.56 -11.57 -0.28
O3 NAG J . -41.04 -12.13 2.10
O4 NAG J . -43.02 -10.21 2.88
O5 NAG J . -40.69 -8.23 0.83
O6 NAG J . -42.50 -6.18 1.72
O7 NAG J . -37.41 -11.56 0.43
ZN ZN K . -30.40 15.39 -6.78
ZN ZN L . -30.01 12.19 -6.70
#